data_9EGC
#
_entry.id   9EGC
#
_cell.length_a   204.374
_cell.length_b   84.360
_cell.length_c   164.527
_cell.angle_alpha   90.000
_cell.angle_beta   105.610
_cell.angle_gamma   90.000
#
_symmetry.space_group_name_H-M   'C 1 2 1'
#
loop_
_entity.id
_entity.type
_entity.pdbx_description
1 polymer 'THIF-type NAD/FAD binding fold domain-containing protein'
2 non-polymer N-[(3R)-2-oxoazepan-3-yl]octanamide
3 non-polymer 'MALEIC ACID'
4 non-polymer DI(HYDROXYETHYL)ETHER
5 water water
#
_entity_poly.entity_id   1
_entity_poly.type   'polypeptide(L)'
_entity_poly.pdbx_seq_one_letter_code
;MGSSHHHHHHSQDPMKHRYSRNRLYLNPKEQELIKDYPILLGGAGIGSIIAECALRFGFENITIVDGDHVENSNLNRQNY
TEGDVSVNKVEAIKARLKSINSKANIKIHNCFLTSDNVEEYIKGHKVAINALDFSSEVPLLFDEICQKMDIPVLHPYNLG
WGGLVTIISPKGLSLNSIAKKGEKFNELNVVEYVSSYMRFWGKPQEWLEDIIYKFKNEREKLSPPQLSVGSWVVAGMCTH
ILFNIATQREIKSFPEFYLSSLEG
;
_entity_poly.pdbx_strand_id   A,B,C,D,E,F,G
#
# COMPACT_ATOMS: atom_id res chain seq x y z
N LYS A 16 6.36 27.40 32.47
CA LYS A 16 5.93 26.05 32.81
C LYS A 16 7.15 25.12 32.66
N HIS A 17 7.06 23.91 33.22
CA HIS A 17 8.15 22.94 33.15
C HIS A 17 8.57 22.65 31.71
N ARG A 18 7.68 22.89 30.75
CA ARG A 18 8.01 22.74 29.33
C ARG A 18 9.13 23.68 28.91
N TYR A 19 9.20 24.87 29.50
CA TYR A 19 10.26 25.83 29.20
C TYR A 19 11.33 25.88 30.29
N SER A 20 11.45 24.82 31.10
CA SER A 20 12.39 24.80 32.22
C SER A 20 13.83 25.02 31.76
N ARG A 21 14.26 24.30 30.74
CA ARG A 21 15.64 24.41 30.30
C ARG A 21 15.89 25.67 29.46
N ASN A 22 14.90 26.55 29.31
CA ASN A 22 15.09 27.85 28.67
C ASN A 22 15.69 28.88 29.60
N ARG A 23 15.89 28.55 30.87
CA ARG A 23 16.30 29.52 31.87
C ARG A 23 17.71 30.04 31.57
N LEU A 24 18.06 31.16 32.23
CA LEU A 24 19.30 31.89 32.00
C LEU A 24 19.32 32.53 30.61
N TYR A 25 19.07 31.76 29.55
CA TYR A 25 18.95 32.35 28.22
C TYR A 25 17.77 33.32 28.13
N LEU A 26 16.62 32.94 28.68
CA LEU A 26 15.45 33.79 28.71
C LEU A 26 14.98 33.93 30.15
N ASN A 27 14.59 35.14 30.52
CA ASN A 27 13.96 35.35 31.82
C ASN A 27 12.46 35.11 31.70
N PRO A 28 11.75 34.97 32.82
CA PRO A 28 10.31 34.71 32.74
C PRO A 28 9.55 35.75 31.93
N LYS A 29 9.94 37.03 32.02
CA LYS A 29 9.20 38.05 31.29
C LYS A 29 9.41 37.93 29.78
N GLU A 30 10.60 37.51 29.34
CA GLU A 30 10.76 37.28 27.91
C GLU A 30 9.96 36.06 27.45
N GLN A 31 9.99 34.99 28.25
CA GLN A 31 9.18 33.81 27.93
C GLN A 31 7.72 34.19 27.84
N GLU A 32 7.26 35.06 28.76
CA GLU A 32 5.88 35.55 28.72
C GLU A 32 5.61 36.35 27.45
N LEU A 33 6.57 37.19 27.05
CA LEU A 33 6.40 38.08 25.91
C LEU A 33 6.22 37.31 24.60
N ILE A 34 7.10 36.35 24.33
CA ILE A 34 7.04 35.62 23.07
C ILE A 34 5.87 34.65 22.99
N LYS A 35 5.28 34.28 24.14
CA LYS A 35 4.14 33.35 24.12
C LYS A 35 3.04 33.86 23.20
N ASP A 36 2.74 35.15 23.27
CA ASP A 36 1.63 35.74 22.52
C ASP A 36 2.08 36.58 21.33
N TYR A 37 3.38 36.71 21.08
CA TYR A 37 3.88 37.51 19.96
C TYR A 37 3.36 36.96 18.64
N PRO A 38 2.45 37.67 17.97
CA PRO A 38 1.78 37.11 16.77
C PRO A 38 2.72 37.06 15.59
N ILE A 39 2.98 35.84 15.11
CA ILE A 39 3.84 35.60 13.95
C ILE A 39 2.95 35.22 12.79
N LEU A 40 3.19 35.82 11.62
CA LEU A 40 2.56 35.38 10.40
C LEU A 40 3.58 34.61 9.56
N LEU A 41 3.22 33.39 9.18
CA LEU A 41 4.10 32.53 8.39
C LEU A 41 3.41 32.29 7.06
N GLY A 42 3.99 32.84 5.99
CA GLY A 42 3.50 32.59 4.64
C GLY A 42 4.30 31.51 3.97
N GLY A 43 3.73 30.31 3.84
CA GLY A 43 4.43 29.17 3.31
C GLY A 43 4.79 28.13 4.35
N ALA A 44 4.21 26.93 4.25
CA ALA A 44 4.39 25.85 5.21
C ALA A 44 5.32 24.76 4.69
N GLY A 45 6.26 25.11 3.83
CA GLY A 45 7.26 24.16 3.39
C GLY A 45 8.46 24.26 4.31
N ILE A 46 9.47 25.03 3.89
CA ILE A 46 10.54 25.39 4.80
C ILE A 46 9.98 26.03 6.07
N GLY A 47 8.81 26.68 5.99
CA GLY A 47 8.21 27.27 7.18
C GLY A 47 7.72 26.26 8.20
N SER A 48 7.47 25.01 7.78
CA SER A 48 7.03 24.00 8.74
C SER A 48 8.15 23.56 9.67
N ILE A 49 9.40 23.56 9.19
CA ILE A 49 10.52 23.36 10.09
C ILE A 49 10.68 24.54 11.03
N ILE A 50 10.58 25.76 10.49
CA ILE A 50 10.70 26.96 11.32
C ILE A 50 9.65 26.96 12.42
N ALA A 51 8.41 26.58 12.08
CA ALA A 51 7.33 26.67 13.05
C ALA A 51 7.59 25.79 14.27
N GLU A 52 8.09 24.56 14.06
CA GLU A 52 8.29 23.68 15.21
C GLU A 52 9.36 24.23 16.13
N CYS A 53 10.50 24.63 15.56
CA CYS A 53 11.59 25.18 16.37
C CYS A 53 11.14 26.42 17.14
N ALA A 54 10.34 27.27 16.49
CA ALA A 54 9.88 28.47 17.17
C ALA A 54 8.86 28.15 18.26
N LEU A 55 7.97 27.18 18.01
CA LEU A 55 6.99 26.80 19.02
C LEU A 55 7.67 26.19 20.25
N ARG A 56 8.58 25.24 20.04
CA ARG A 56 9.27 24.63 21.16
C ARG A 56 10.05 25.68 21.94
N PHE A 57 10.60 26.68 21.25
CA PHE A 57 11.27 27.80 21.92
C PHE A 57 10.30 28.56 22.82
N GLY A 58 9.04 28.67 22.42
CA GLY A 58 8.07 29.34 23.27
C GLY A 58 7.12 30.29 22.58
N PHE A 59 7.25 30.46 21.26
CA PHE A 59 6.34 31.24 20.44
C PHE A 59 5.08 30.43 20.20
N GLU A 60 3.99 30.80 20.87
CA GLU A 60 2.77 30.02 20.86
C GLU A 60 1.64 30.65 20.04
N ASN A 61 1.90 31.76 19.36
CA ASN A 61 0.87 32.46 18.59
C ASN A 61 1.35 32.53 17.14
N ILE A 62 0.96 31.54 16.34
CA ILE A 62 1.47 31.40 14.99
C ILE A 62 0.30 31.24 14.03
N THR A 63 0.28 32.09 13.00
CA THR A 63 -0.64 31.98 11.89
C THR A 63 0.11 31.42 10.69
N ILE A 64 -0.44 30.38 10.07
CA ILE A 64 0.21 29.74 8.93
C ILE A 64 -0.76 29.75 7.76
N VAL A 65 -0.31 30.30 6.63
CA VAL A 65 -1.11 30.40 5.42
C VAL A 65 -0.37 29.69 4.30
N ASP A 66 -1.03 28.72 3.68
CA ASP A 66 -0.45 27.96 2.59
C ASP A 66 -1.58 27.23 1.88
N GLY A 67 -1.49 27.16 0.56
CA GLY A 67 -2.50 26.49 -0.25
C GLY A 67 -2.07 25.18 -0.86
N ASP A 68 -0.82 24.76 -0.65
CA ASP A 68 -0.32 23.52 -1.25
C ASP A 68 -0.73 22.31 -0.43
N HIS A 69 -0.60 21.14 -1.06
CA HIS A 69 -0.75 19.86 -0.38
C HIS A 69 0.63 19.24 -0.12
N VAL A 70 0.68 18.30 0.82
CA VAL A 70 1.93 17.61 1.13
C VAL A 70 2.22 16.62 0.01
N GLU A 71 3.42 16.72 -0.54
CA GLU A 71 3.94 15.90 -1.62
C GLU A 71 5.10 15.05 -1.14
N ASN A 72 5.37 13.97 -1.88
CA ASN A 72 6.47 13.07 -1.51
C ASN A 72 7.80 13.80 -1.42
N SER A 73 8.10 14.65 -2.41
CA SER A 73 9.39 15.32 -2.46
C SER A 73 9.60 16.28 -1.29
N ASN A 74 8.54 16.57 -0.53
CA ASN A 74 8.71 17.42 0.64
C ASN A 74 9.45 16.70 1.76
N LEU A 75 9.44 15.37 1.75
CA LEU A 75 9.87 14.62 2.93
C LEU A 75 11.35 14.72 3.20
N ASN A 76 12.16 15.17 2.25
CA ASN A 76 13.58 15.25 2.51
C ASN A 76 13.96 16.47 3.33
N ARG A 77 13.02 17.39 3.61
CA ARG A 77 13.42 18.63 4.27
C ARG A 77 12.28 19.38 4.96
N GLN A 78 11.07 18.87 4.90
CA GLN A 78 9.92 19.56 5.47
C GLN A 78 9.25 18.71 6.54
N ASN A 79 8.43 19.38 7.35
CA ASN A 79 7.94 18.83 8.62
C ASN A 79 6.66 18.01 8.38
N TYR A 80 6.77 16.96 7.56
CA TYR A 80 5.64 16.09 7.23
C TYR A 80 6.05 14.63 7.23
N THR A 81 5.04 13.76 7.30
CA THR A 81 5.16 12.31 7.38
C THR A 81 4.53 11.63 6.17
N GLU A 82 4.77 10.33 6.03
CA GLU A 82 4.16 9.58 4.94
C GLU A 82 2.64 9.68 4.97
N GLY A 83 2.06 9.73 6.17
CA GLY A 83 0.61 9.86 6.30
C GLY A 83 0.07 11.20 5.88
N ASP A 84 0.92 12.24 5.87
CA ASP A 84 0.51 13.59 5.49
C ASP A 84 0.38 13.76 3.98
N VAL A 85 0.95 12.85 3.19
CA VAL A 85 1.02 13.07 1.75
C VAL A 85 -0.39 13.13 1.19
N SER A 86 -0.66 14.14 0.36
CA SER A 86 -1.93 14.51 -0.29
C SER A 86 -2.81 15.36 0.61
N VAL A 87 -2.42 15.69 1.81
CA VAL A 87 -3.21 16.51 2.71
C VAL A 87 -2.72 17.95 2.63
N ASN A 88 -3.61 18.89 2.91
CA ASN A 88 -3.24 20.30 3.05
C ASN A 88 -2.11 20.46 4.04
N LYS A 89 -1.04 21.14 3.64
CA LYS A 89 0.08 21.36 4.54
C LYS A 89 -0.36 21.99 5.85
N VAL A 90 -1.28 22.95 5.81
CA VAL A 90 -1.64 23.68 7.02
C VAL A 90 -2.37 22.77 8.02
N GLU A 91 -3.23 21.86 7.53
CA GLU A 91 -3.84 20.90 8.46
C GLU A 91 -2.79 19.96 9.04
N ALA A 92 -1.86 19.49 8.21
CA ALA A 92 -0.85 18.56 8.71
C ALA A 92 0.08 19.24 9.70
N ILE A 93 0.57 20.44 9.37
CA ILE A 93 1.50 21.11 10.26
C ILE A 93 0.80 21.57 11.53
N LYS A 94 -0.50 21.87 11.48
CA LYS A 94 -1.19 22.22 12.72
C LYS A 94 -1.34 21.00 13.63
N ALA A 95 -1.65 19.84 13.06
CA ALA A 95 -1.71 18.62 13.87
C ALA A 95 -0.37 18.38 14.56
N ARG A 96 0.71 18.49 13.80
CA ARG A 96 2.05 18.31 14.37
C ARG A 96 2.30 19.30 15.50
N LEU A 97 2.00 20.59 15.26
CA LEU A 97 2.27 21.62 16.26
C LEU A 97 1.40 21.43 17.50
N LYS A 98 0.13 21.09 17.31
CA LYS A 98 -0.78 20.93 18.45
C LYS A 98 -0.50 19.65 19.23
N SER A 99 0.16 18.67 18.61
CA SER A 99 0.62 17.53 19.39
C SER A 99 1.85 17.88 20.23
N ILE A 100 2.62 18.89 19.83
CA ILE A 100 3.71 19.39 20.68
C ILE A 100 3.15 20.26 21.80
N ASN A 101 2.16 21.10 21.50
CA ASN A 101 1.62 22.04 22.49
C ASN A 101 0.12 22.19 22.27
N SER A 102 -0.68 21.53 23.11
CA SER A 102 -2.13 21.58 22.96
C SER A 102 -2.69 22.96 23.23
N LYS A 103 -2.10 23.69 24.19
CA LYS A 103 -2.57 25.04 24.51
C LYS A 103 -2.01 26.11 23.58
N ALA A 104 -1.24 25.75 22.56
CA ALA A 104 -0.71 26.75 21.65
C ALA A 104 -1.80 27.24 20.71
N ASN A 105 -1.65 28.49 20.26
CA ASN A 105 -2.62 29.18 19.43
C ASN A 105 -2.13 29.16 17.98
N ILE A 106 -2.44 28.08 17.30
CA ILE A 106 -1.98 27.83 15.93
C ILE A 106 -3.18 28.07 15.01
N LYS A 107 -3.18 29.19 14.30
CA LYS A 107 -4.28 29.55 13.41
C LYS A 107 -3.82 29.31 11.97
N ILE A 108 -4.57 28.50 11.23
CA ILE A 108 -4.20 28.13 9.88
C ILE A 108 -5.24 28.64 8.89
N HIS A 109 -4.82 28.80 7.65
CA HIS A 109 -5.70 29.21 6.56
C HIS A 109 -5.23 28.47 5.31
N ASN A 110 -6.05 27.56 4.79
CA ASN A 110 -5.68 26.82 3.59
C ASN A 110 -6.10 27.65 2.38
N CYS A 111 -5.27 28.64 2.06
CA CYS A 111 -5.57 29.56 1.01
C CYS A 111 -4.27 30.04 0.39
N PHE A 112 -4.32 30.31 -0.91
CA PHE A 112 -3.21 31.00 -1.56
C PHE A 112 -3.36 32.50 -1.33
N LEU A 113 -2.24 33.17 -1.15
CA LEU A 113 -2.28 34.60 -0.97
C LEU A 113 -2.38 35.27 -2.33
N THR A 114 -3.26 36.27 -2.42
CA THR A 114 -3.47 37.05 -3.62
C THR A 114 -3.39 38.53 -3.27
N SER A 115 -3.35 39.37 -4.30
CA SER A 115 -3.40 40.81 -4.07
C SER A 115 -4.65 41.20 -3.28
N ASP A 116 -5.73 40.41 -3.39
CA ASP A 116 -6.98 40.78 -2.74
C ASP A 116 -6.99 40.42 -1.26
N ASN A 117 -6.38 39.30 -0.88
CA ASN A 117 -6.48 38.85 0.50
C ASN A 117 -5.23 39.11 1.33
N VAL A 118 -4.11 39.45 0.70
CA VAL A 118 -2.85 39.35 1.42
C VAL A 118 -2.77 40.38 2.55
N GLU A 119 -3.35 41.55 2.36
CA GLU A 119 -3.24 42.57 3.39
C GLU A 119 -3.99 42.17 4.66
N GLU A 120 -5.18 41.58 4.51
CA GLU A 120 -5.97 41.21 5.69
C GLU A 120 -5.28 40.13 6.51
N TYR A 121 -4.58 39.21 5.85
CA TYR A 121 -3.82 38.22 6.61
C TYR A 121 -2.68 38.89 7.37
N ILE A 122 -1.99 39.83 6.74
CA ILE A 122 -0.86 40.47 7.39
C ILE A 122 -1.35 41.25 8.61
N LYS A 123 -2.51 41.89 8.50
CA LYS A 123 -3.06 42.71 9.57
C LYS A 123 -3.11 41.92 10.88
N GLY A 124 -2.61 42.54 11.95
CA GLY A 124 -2.71 41.97 13.27
C GLY A 124 -1.47 41.27 13.78
N HIS A 125 -0.43 41.16 12.96
CA HIS A 125 0.80 40.50 13.35
C HIS A 125 1.94 41.51 13.55
N LYS A 126 2.85 41.16 14.46
CA LYS A 126 4.00 42.00 14.78
C LYS A 126 5.24 41.67 13.95
N VAL A 127 5.32 40.46 13.39
CA VAL A 127 6.45 40.03 12.59
C VAL A 127 5.94 39.00 11.60
N ALA A 128 6.58 38.90 10.44
CA ALA A 128 6.15 37.97 9.41
C ALA A 128 7.33 37.22 8.83
N ILE A 129 7.07 35.99 8.37
CA ILE A 129 8.07 35.17 7.72
C ILE A 129 7.59 34.92 6.29
N ASN A 130 8.33 35.45 5.32
CA ASN A 130 7.99 35.30 3.91
C ASN A 130 8.71 34.08 3.38
N ALA A 131 8.00 32.96 3.30
CA ALA A 131 8.51 31.73 2.71
C ALA A 131 7.65 31.36 1.50
N LEU A 132 7.29 32.36 0.71
CA LEU A 132 6.37 32.20 -0.40
C LEU A 132 7.12 31.90 -1.69
N ASP A 133 6.61 30.93 -2.43
CA ASP A 133 7.08 30.65 -3.77
C ASP A 133 7.00 31.91 -4.63
N PHE A 134 8.03 32.14 -5.44
CA PHE A 134 8.06 33.30 -6.31
C PHE A 134 7.19 33.13 -7.55
N SER A 135 6.51 32.00 -7.71
CA SER A 135 5.56 31.86 -8.81
C SER A 135 4.16 32.28 -8.40
N SER A 136 3.89 32.41 -7.11
CA SER A 136 2.65 33.00 -6.63
C SER A 136 2.61 34.48 -7.00
N GLU A 137 1.50 35.14 -6.68
CA GLU A 137 1.33 36.52 -7.12
C GLU A 137 1.90 37.55 -6.18
N VAL A 138 2.04 37.25 -4.90
CA VAL A 138 2.29 38.31 -3.92
C VAL A 138 3.62 38.25 -3.17
N PRO A 139 4.66 37.52 -3.62
CA PRO A 139 5.86 37.45 -2.78
C PRO A 139 6.44 38.82 -2.47
N LEU A 140 6.58 39.68 -3.48
CA LEU A 140 7.11 41.02 -3.23
C LEU A 140 6.06 41.97 -2.66
N LEU A 141 4.80 41.83 -3.08
CA LEU A 141 3.76 42.69 -2.53
C LEU A 141 3.58 42.49 -1.03
N PHE A 142 3.67 41.23 -0.57
CA PHE A 142 3.64 40.88 0.84
C PHE A 142 4.61 41.74 1.65
N ASP A 143 5.85 41.86 1.17
CA ASP A 143 6.84 42.64 1.90
C ASP A 143 6.46 44.11 1.93
N GLU A 144 6.00 44.61 0.78
CA GLU A 144 5.63 46.02 0.67
C GLU A 144 4.55 46.38 1.67
N ILE A 145 3.53 45.53 1.81
CA ILE A 145 2.47 45.79 2.77
C ILE A 145 3.01 45.72 4.19
N CYS A 146 3.88 44.74 4.46
CA CYS A 146 4.48 44.63 5.79
C CYS A 146 5.33 45.86 6.12
N GLN A 147 6.10 46.36 5.16
CA GLN A 147 6.88 47.58 5.41
C GLN A 147 5.98 48.72 5.84
N LYS A 148 4.88 48.93 5.09
CA LYS A 148 3.91 49.98 5.41
C LYS A 148 3.36 49.86 6.84
N MET A 149 3.24 48.63 7.35
CA MET A 149 2.62 48.40 8.66
C MET A 149 3.60 48.17 9.80
N ASP A 150 4.89 48.46 9.61
CA ASP A 150 5.92 48.26 10.65
C ASP A 150 6.07 46.79 11.05
N ILE A 151 5.90 45.91 10.09
CA ILE A 151 6.06 44.48 10.31
C ILE A 151 7.34 44.05 9.62
N PRO A 152 8.40 43.74 10.36
CA PRO A 152 9.61 43.21 9.72
C PRO A 152 9.36 41.81 9.15
N VAL A 153 10.03 41.51 8.03
CA VAL A 153 9.78 40.28 7.29
C VAL A 153 11.07 39.47 7.19
N LEU A 154 11.02 38.24 7.68
CA LEU A 154 12.13 37.29 7.54
C LEU A 154 12.00 36.51 6.24
N HIS A 155 13.08 36.47 5.47
CA HIS A 155 13.14 35.66 4.26
C HIS A 155 14.13 34.52 4.49
N PRO A 156 13.67 33.31 4.78
CA PRO A 156 14.58 32.17 4.91
C PRO A 156 14.81 31.41 3.61
N TYR A 157 16.05 30.99 3.40
CA TYR A 157 16.41 30.24 2.22
C TYR A 157 17.20 29.01 2.62
N ASN A 158 16.99 27.95 1.85
CA ASN A 158 17.61 26.66 2.05
C ASN A 158 18.75 26.56 1.03
N LEU A 159 19.98 26.77 1.49
CA LEU A 159 21.13 26.64 0.58
C LEU A 159 21.80 25.28 0.71
N GLY A 160 21.01 24.24 0.92
CA GLY A 160 21.58 22.91 1.04
C GLY A 160 22.37 22.74 2.32
N TRP A 161 23.67 23.06 2.26
CA TRP A 161 24.49 23.00 3.46
C TRP A 161 24.30 24.21 4.36
N GLY A 162 23.74 25.28 3.82
CA GLY A 162 23.65 26.50 4.58
C GLY A 162 22.23 26.95 4.79
N GLY A 163 22.01 27.72 5.84
CA GLY A 163 20.79 28.45 6.05
C GLY A 163 21.08 29.93 5.80
N LEU A 164 20.16 30.58 5.08
CA LEU A 164 20.27 31.99 4.72
C LEU A 164 19.00 32.68 5.18
N VAL A 165 19.15 33.76 5.94
CA VAL A 165 18.02 34.60 6.31
C VAL A 165 18.39 36.06 6.09
N THR A 166 17.47 36.81 5.49
CA THR A 166 17.57 38.26 5.45
C THR A 166 16.24 38.86 5.89
N ILE A 167 16.32 39.97 6.61
CA ILE A 167 15.14 40.61 7.17
C ILE A 167 14.91 41.91 6.43
N ILE A 168 13.73 42.04 5.84
CA ILE A 168 13.30 43.31 5.25
C ILE A 168 12.76 44.15 6.39
N SER A 169 13.42 45.19 6.68
CA SER A 169 12.89 46.00 7.76
C SER A 169 12.00 47.11 7.19
N PRO A 170 11.00 47.57 7.97
CA PRO A 170 10.02 48.52 7.41
C PRO A 170 10.64 49.75 6.77
N LYS A 171 11.67 50.35 7.36
CA LYS A 171 12.23 51.58 6.83
C LYS A 171 13.46 51.34 5.95
N GLY A 172 13.78 50.10 5.60
CA GLY A 172 14.96 49.79 4.82
C GLY A 172 14.66 49.31 3.42
N LEU A 173 15.73 48.91 2.72
CA LEU A 173 15.60 48.42 1.35
C LEU A 173 14.74 47.16 1.29
N SER A 174 14.02 47.01 0.18
CA SER A 174 13.28 45.79 -0.11
C SER A 174 14.06 44.95 -1.10
N LEU A 175 13.60 43.72 -1.29
CA LEU A 175 14.24 42.81 -2.23
C LEU A 175 14.19 43.35 -3.66
N ASN A 176 13.30 44.31 -3.94
CA ASN A 176 13.25 44.93 -5.27
C ASN A 176 14.60 45.44 -5.72
N SER A 177 15.43 45.92 -4.78
CA SER A 177 16.72 46.50 -5.11
C SER A 177 17.64 45.53 -5.84
N ILE A 178 17.46 44.22 -5.69
CA ILE A 178 18.27 43.26 -6.44
C ILE A 178 17.52 42.69 -7.62
N ALA A 179 16.23 43.03 -7.76
CA ALA A 179 15.45 42.71 -8.95
C ALA A 179 15.71 43.71 -10.06
N LYS A 180 15.76 43.23 -11.29
CA LYS A 180 15.81 44.08 -12.47
C LYS A 180 14.41 44.15 -13.05
N LYS A 181 13.96 45.38 -13.38
CA LYS A 181 12.60 45.64 -13.82
C LYS A 181 12.17 44.86 -15.06
N GLY A 182 13.11 44.28 -15.81
CA GLY A 182 12.72 43.54 -16.99
C GLY A 182 12.64 42.03 -16.95
N GLU A 183 13.19 41.37 -15.95
CA GLU A 183 13.11 39.92 -15.88
C GLU A 183 12.51 39.49 -14.55
N LYS A 184 11.97 38.29 -14.51
CA LYS A 184 11.32 37.82 -13.30
C LYS A 184 12.35 37.49 -12.22
N PHE A 185 11.90 37.60 -10.98
CA PHE A 185 12.75 37.57 -9.81
C PHE A 185 12.40 36.35 -8.98
N ASN A 186 13.40 35.53 -8.66
CA ASN A 186 13.16 34.39 -7.80
C ASN A 186 14.34 34.26 -6.85
N GLU A 187 14.39 33.12 -6.15
CA GLU A 187 15.38 32.89 -5.11
C GLU A 187 16.78 32.78 -5.70
N LEU A 188 16.90 32.41 -6.97
CA LEU A 188 18.21 32.32 -7.60
C LEU A 188 18.89 33.68 -7.66
N ASN A 189 18.12 34.76 -7.80
CA ASN A 189 18.66 36.10 -7.74
C ASN A 189 19.20 36.44 -6.35
N VAL A 190 18.50 35.99 -5.30
CA VAL A 190 18.99 36.25 -3.93
C VAL A 190 20.31 35.53 -3.70
N VAL A 191 20.39 34.26 -4.12
CA VAL A 191 21.57 33.46 -3.86
C VAL A 191 22.76 33.95 -4.69
N GLU A 192 22.51 34.35 -5.94
CA GLU A 192 23.57 34.92 -6.76
C GLU A 192 24.07 36.23 -6.15
N TYR A 193 23.16 37.00 -5.56
CA TYR A 193 23.56 38.19 -4.84
C TYR A 193 24.43 37.84 -3.63
N VAL A 194 24.03 36.82 -2.87
CA VAL A 194 24.76 36.45 -1.67
C VAL A 194 26.17 35.95 -2.01
N SER A 195 26.28 35.00 -2.95
CA SER A 195 27.59 34.49 -3.35
C SER A 195 28.49 35.60 -3.90
N SER A 196 27.95 36.47 -4.77
CA SER A 196 28.74 37.58 -5.33
C SER A 196 29.22 38.51 -4.23
N TYR A 197 28.35 38.81 -3.28
CA TYR A 197 28.72 39.66 -2.14
C TYR A 197 29.87 39.06 -1.36
N MET A 198 29.77 37.76 -1.08
CA MET A 198 30.80 37.05 -0.33
C MET A 198 32.15 37.11 -1.03
N ARG A 199 32.17 36.79 -2.33
CA ARG A 199 33.43 36.81 -3.05
C ARG A 199 34.01 38.21 -3.13
N PHE A 200 33.16 39.21 -3.40
CA PHE A 200 33.62 40.58 -3.51
C PHE A 200 34.31 41.03 -2.23
N TRP A 201 33.76 40.60 -1.07
CA TRP A 201 34.26 41.00 0.23
C TRP A 201 35.29 40.02 0.81
N GLY A 202 35.86 39.17 -0.04
CA GLY A 202 36.99 38.31 0.29
C GLY A 202 36.70 37.00 0.99
N LYS A 203 35.46 36.59 1.15
CA LYS A 203 35.15 35.29 1.72
C LYS A 203 34.28 34.48 0.75
N PRO A 204 34.80 34.15 -0.45
CA PRO A 204 34.00 33.42 -1.44
C PRO A 204 33.52 32.10 -0.87
N GLN A 205 32.27 31.77 -1.17
CA GLN A 205 31.67 30.51 -0.76
C GLN A 205 31.71 29.60 -1.99
N GLU A 206 32.82 28.90 -2.16
CA GLU A 206 32.98 28.14 -3.38
C GLU A 206 31.95 27.02 -3.48
N TRP A 207 31.52 26.48 -2.33
CA TRP A 207 30.42 25.51 -2.35
C TRP A 207 29.15 26.10 -2.92
N LEU A 208 28.83 27.34 -2.56
CA LEU A 208 27.59 27.96 -3.05
C LEU A 208 27.68 28.27 -4.54
N GLU A 209 28.81 28.79 -4.99
CA GLU A 209 29.00 29.04 -6.40
C GLU A 209 28.94 27.75 -7.20
N ASP A 210 29.44 26.66 -6.61
CA ASP A 210 29.45 25.37 -7.28
C ASP A 210 28.02 24.87 -7.52
N ILE A 211 27.17 24.94 -6.49
CA ILE A 211 25.78 24.48 -6.64
C ILE A 211 24.98 25.42 -7.53
N ILE A 212 25.26 26.74 -7.50
CA ILE A 212 24.64 27.64 -8.45
C ILE A 212 25.00 27.24 -9.87
N TYR A 213 26.28 27.00 -10.12
CA TYR A 213 26.74 26.66 -11.46
C TYR A 213 26.11 25.37 -11.96
N LYS A 214 26.11 24.32 -11.10
CA LYS A 214 25.51 23.04 -11.49
C LYS A 214 24.05 23.20 -11.87
N PHE A 215 23.31 23.99 -11.08
CA PHE A 215 21.87 24.15 -11.31
C PHE A 215 21.57 24.86 -12.61
N LYS A 216 22.31 25.93 -12.94
CA LYS A 216 22.04 26.65 -14.18
C LYS A 216 22.29 25.79 -15.40
N ASN A 217 23.37 25.01 -15.39
CA ASN A 217 23.68 24.20 -16.56
C ASN A 217 22.91 22.88 -16.60
N GLU A 218 21.83 22.77 -15.81
CA GLU A 218 20.93 21.65 -15.93
C GLU A 218 20.10 21.76 -17.21
N ARG A 219 20.01 20.65 -17.95
CA ARG A 219 19.21 20.61 -19.18
C ARG A 219 17.74 20.93 -18.90
N GLU A 220 17.10 20.12 -18.06
CA GLU A 220 15.71 20.33 -17.72
C GLU A 220 15.59 21.47 -16.71
N LYS A 221 14.47 22.17 -16.76
CA LYS A 221 14.19 23.22 -15.79
C LYS A 221 13.38 22.62 -14.66
N LEU A 222 14.00 22.53 -13.49
CA LEU A 222 13.43 21.91 -12.30
C LEU A 222 13.54 22.92 -11.16
N SER A 223 12.87 22.64 -10.04
CA SER A 223 13.04 23.49 -8.87
C SER A 223 14.43 23.29 -8.27
N PRO A 224 14.97 24.31 -7.60
CA PRO A 224 16.31 24.18 -6.99
C PRO A 224 16.33 23.06 -5.96
N PRO A 225 17.43 22.32 -5.89
CA PRO A 225 17.56 21.30 -4.84
C PRO A 225 17.69 21.95 -3.47
N GLN A 226 17.26 21.22 -2.44
CA GLN A 226 17.38 21.67 -1.07
C GLN A 226 17.61 20.45 -0.20
N LEU A 227 18.27 20.65 0.95
CA LEU A 227 18.65 19.57 1.85
C LEU A 227 18.06 19.79 3.25
N SER A 228 17.95 18.71 4.01
CA SER A 228 17.47 18.85 5.38
C SER A 228 18.39 19.71 6.24
N VAL A 229 19.71 19.69 5.98
CA VAL A 229 20.62 20.42 6.85
C VAL A 229 20.30 21.90 6.84
N GLY A 230 20.19 22.50 5.65
CA GLY A 230 19.88 23.92 5.57
C GLY A 230 18.53 24.26 6.18
N SER A 231 17.54 23.38 6.00
CA SER A 231 16.23 23.59 6.63
C SER A 231 16.36 23.64 8.14
N TRP A 232 17.09 22.67 8.71
CA TRP A 232 17.24 22.63 10.16
C TRP A 232 18.03 23.82 10.67
N VAL A 233 19.10 24.18 9.95
CA VAL A 233 19.91 25.33 10.32
C VAL A 233 19.12 26.62 10.18
N VAL A 234 18.35 26.78 9.08
CA VAL A 234 17.62 28.02 8.88
C VAL A 234 16.50 28.16 9.91
N ALA A 235 15.94 27.04 10.37
CA ALA A 235 14.94 27.07 11.42
C ALA A 235 15.54 27.59 12.73
N GLY A 236 16.77 27.19 13.06
CA GLY A 236 17.39 27.75 14.24
C GLY A 236 17.64 29.24 14.10
N MET A 237 18.17 29.65 12.96
CA MET A 237 18.44 31.07 12.72
C MET A 237 17.17 31.91 12.86
N CYS A 238 16.07 31.46 12.24
CA CYS A 238 14.82 32.22 12.30
C CYS A 238 14.30 32.36 13.73
N THR A 239 14.36 31.27 14.52
CA THR A 239 13.87 31.35 15.89
C THR A 239 14.65 32.38 16.70
N HIS A 240 15.99 32.39 16.54
CA HIS A 240 16.81 33.41 17.20
C HIS A 240 16.44 34.82 16.72
N ILE A 241 16.29 35.00 15.41
CA ILE A 241 15.94 36.32 14.89
C ILE A 241 14.60 36.78 15.43
N LEU A 242 13.62 35.87 15.50
CA LEU A 242 12.33 36.19 16.09
C LEU A 242 12.48 36.64 17.53
N PHE A 243 13.28 35.93 18.31
CA PHE A 243 13.49 36.31 19.71
C PHE A 243 14.12 37.69 19.79
N ASN A 244 15.06 37.99 18.90
CA ASN A 244 15.71 39.29 18.92
C ASN A 244 14.74 40.41 18.54
N ILE A 245 13.91 40.18 17.53
CA ILE A 245 12.94 41.20 17.15
C ILE A 245 11.92 41.40 18.26
N ALA A 246 11.43 40.30 18.86
CA ALA A 246 10.39 40.41 19.87
C ALA A 246 10.91 41.10 21.13
N THR A 247 12.13 40.79 21.53
CA THR A 247 12.72 41.41 22.70
C THR A 247 13.49 42.68 22.35
N GLN A 248 13.37 43.14 21.10
CA GLN A 248 13.94 44.42 20.64
C GLN A 248 15.45 44.47 20.80
N ARG A 249 16.12 43.37 20.49
CA ARG A 249 17.56 43.30 20.35
C ARG A 249 17.96 43.60 18.91
N GLU A 250 19.18 44.08 18.73
CA GLU A 250 19.64 44.49 17.40
C GLU A 250 19.70 43.30 16.44
N ILE A 251 19.36 43.54 15.16
CA ILE A 251 19.49 42.58 14.08
C ILE A 251 19.95 43.28 12.81
N LYS A 252 20.54 42.52 11.89
CA LYS A 252 20.88 43.03 10.57
C LYS A 252 19.67 42.96 9.64
N SER A 253 19.43 44.05 8.94
CA SER A 253 18.38 44.11 7.93
C SER A 253 18.98 44.07 6.53
N PHE A 254 18.18 43.55 5.59
CA PHE A 254 18.57 43.59 4.19
C PHE A 254 18.94 45.02 3.80
N PRO A 255 20.00 45.23 3.00
CA PRO A 255 20.82 44.31 2.18
C PRO A 255 21.82 43.44 2.95
N GLU A 256 21.88 43.55 4.28
CA GLU A 256 22.66 42.60 5.06
C GLU A 256 21.85 41.33 5.31
N PHE A 257 22.56 40.25 5.64
CA PHE A 257 21.91 38.95 5.78
C PHE A 257 22.72 38.10 6.73
N TYR A 258 22.15 36.96 7.11
CA TYR A 258 22.81 35.96 7.93
C TYR A 258 22.97 34.66 7.14
N LEU A 259 24.19 34.16 7.08
CA LEU A 259 24.51 32.90 6.40
C LEU A 259 25.19 31.98 7.41
N SER A 260 24.69 30.78 7.57
CA SER A 260 25.13 29.85 8.59
C SER A 260 25.37 28.52 7.93
N SER A 261 26.52 27.90 8.21
CA SER A 261 26.89 26.64 7.59
C SER A 261 27.88 25.94 8.52
N LEU A 262 28.19 24.67 8.20
CA LEU A 262 29.08 23.87 9.04
C LEU A 262 30.39 24.59 9.35
N GLU A 263 30.94 25.30 8.37
CA GLU A 263 32.11 26.16 8.62
C GLU A 263 31.68 27.56 9.08
N GLY A 264 30.91 27.59 10.18
CA GLY A 264 30.38 28.81 10.78
C GLY A 264 29.01 29.28 10.30
N MET B 15 18.35 6.98 -5.87
CA MET B 15 17.41 7.89 -5.23
C MET B 15 15.96 7.39 -5.34
N LYS B 16 15.04 8.18 -4.76
CA LYS B 16 13.60 8.00 -4.85
C LYS B 16 12.98 9.40 -4.94
N HIS B 17 11.71 9.46 -5.36
CA HIS B 17 11.02 10.74 -5.43
C HIS B 17 10.99 11.43 -4.07
N ARG B 18 11.13 10.67 -2.98
CA ARG B 18 11.29 11.24 -1.65
C ARG B 18 12.60 12.04 -1.54
N TYR B 19 13.67 11.58 -2.20
CA TYR B 19 14.95 12.28 -2.23
C TYR B 19 15.15 13.06 -3.52
N SER B 20 14.06 13.40 -4.20
CA SER B 20 14.15 14.11 -5.46
C SER B 20 14.91 15.42 -5.32
N ARG B 21 14.62 16.19 -4.28
CA ARG B 21 15.26 17.49 -4.12
C ARG B 21 16.68 17.39 -3.57
N ASN B 22 17.22 16.19 -3.38
CA ASN B 22 18.60 16.01 -2.98
C ASN B 22 19.59 16.11 -4.13
N ARG B 23 19.12 16.20 -5.36
CA ARG B 23 19.98 16.09 -6.52
C ARG B 23 20.98 17.25 -6.59
N LEU B 24 22.01 17.05 -7.42
CA LEU B 24 23.14 17.96 -7.55
C LEU B 24 24.01 17.96 -6.30
N TYR B 25 23.41 18.15 -5.12
CA TYR B 25 24.15 17.99 -3.86
C TYR B 25 24.64 16.57 -3.67
N LEU B 26 23.79 15.58 -3.95
CA LEU B 26 24.17 14.18 -3.86
C LEU B 26 23.91 13.53 -5.22
N ASN B 27 24.85 12.71 -5.65
CA ASN B 27 24.53 11.91 -6.82
C ASN B 27 23.89 10.59 -6.39
N PRO B 28 23.25 9.86 -7.31
CA PRO B 28 22.54 8.64 -6.90
C PRO B 28 23.37 7.63 -6.13
N LYS B 29 24.66 7.48 -6.46
CA LYS B 29 25.49 6.49 -5.77
C LYS B 29 25.75 6.90 -4.32
N GLU B 30 25.83 8.20 -4.05
CA GLU B 30 25.97 8.66 -2.67
C GLU B 30 24.69 8.43 -1.89
N GLN B 31 23.54 8.72 -2.52
CA GLN B 31 22.24 8.50 -1.88
C GLN B 31 22.06 7.04 -1.48
N GLU B 32 22.47 6.11 -2.36
CA GLU B 32 22.41 4.70 -2.03
C GLU B 32 23.34 4.37 -0.87
N LEU B 33 24.54 4.96 -0.88
CA LEU B 33 25.54 4.63 0.13
C LEU B 33 25.04 4.99 1.53
N ILE B 34 24.51 6.20 1.71
CA ILE B 34 24.08 6.60 3.05
C ILE B 34 22.81 5.86 3.46
N LYS B 35 22.10 5.26 2.50
CA LYS B 35 20.88 4.52 2.83
C LYS B 35 21.14 3.43 3.87
N ASP B 36 22.22 2.67 3.71
CA ASP B 36 22.52 1.54 4.58
C ASP B 36 23.69 1.79 5.53
N TYR B 37 24.31 2.96 5.48
CA TYR B 37 25.45 3.30 6.32
C TYR B 37 25.08 3.18 7.80
N PRO B 38 25.62 2.18 8.50
CA PRO B 38 25.15 1.92 9.87
C PRO B 38 25.64 3.00 10.83
N ILE B 39 24.70 3.74 11.40
CA ILE B 39 24.99 4.79 12.37
C ILE B 39 24.57 4.31 13.74
N LEU B 40 25.43 4.53 14.74
CA LEU B 40 25.09 4.30 16.13
C LEU B 40 24.86 5.63 16.83
N LEU B 41 23.71 5.76 17.47
CA LEU B 41 23.33 6.95 18.20
C LEU B 41 23.13 6.55 19.66
N GLY B 42 24.02 7.03 20.53
CA GLY B 42 23.86 6.79 21.95
C GLY B 42 23.19 7.97 22.64
N GLY B 43 21.91 7.83 22.98
CA GLY B 43 21.20 8.93 23.60
C GLY B 43 20.21 9.58 22.65
N ALA B 44 18.93 9.50 23.00
CA ALA B 44 17.83 9.99 22.16
C ALA B 44 17.26 11.34 22.63
N GLY B 45 18.08 12.17 23.27
CA GLY B 45 17.61 13.50 23.63
C GLY B 45 17.91 14.47 22.50
N ILE B 46 19.03 15.19 22.59
CA ILE B 46 19.51 15.96 21.45
C ILE B 46 19.64 15.07 20.21
N GLY B 47 19.90 13.78 20.40
CA GLY B 47 20.01 12.87 19.28
C GLY B 47 18.70 12.64 18.53
N SER B 48 17.55 12.93 19.16
CA SER B 48 16.28 12.72 18.46
C SER B 48 16.06 13.76 17.36
N ILE B 49 16.54 14.99 17.57
CA ILE B 49 16.51 15.98 16.49
C ILE B 49 17.49 15.58 15.39
N ILE B 50 18.70 15.14 15.77
CA ILE B 50 19.67 14.70 14.77
C ILE B 50 19.12 13.55 13.94
N ALA B 51 18.45 12.60 14.60
CA ALA B 51 17.97 11.43 13.88
C ALA B 51 17.00 11.81 12.77
N GLU B 52 16.05 12.72 13.04
CA GLU B 52 15.09 13.10 12.01
C GLU B 52 15.77 13.81 10.84
N CYS B 53 16.65 14.77 11.14
CA CYS B 53 17.35 15.49 10.05
C CYS B 53 18.19 14.53 9.22
N ALA B 54 18.87 13.59 9.89
CA ALA B 54 19.70 12.64 9.18
C ALA B 54 18.86 11.64 8.39
N LEU B 55 17.71 11.23 8.94
CA LEU B 55 16.84 10.31 8.21
C LEU B 55 16.28 10.95 6.95
N ARG B 56 15.77 12.19 7.07
CA ARG B 56 15.19 12.85 5.91
C ARG B 56 16.24 13.08 4.83
N PHE B 57 17.49 13.31 5.24
CA PHE B 57 18.61 13.43 4.30
C PHE B 57 18.82 12.14 3.52
N GLY B 58 18.58 10.98 4.14
CA GLY B 58 18.73 9.72 3.44
C GLY B 58 19.42 8.60 4.21
N PHE B 59 19.88 8.90 5.42
CA PHE B 59 20.46 7.90 6.31
C PHE B 59 19.35 7.05 6.91
N GLU B 60 19.19 5.81 6.43
CA GLU B 60 18.07 4.98 6.81
C GLU B 60 18.43 3.82 7.74
N ASN B 61 19.69 3.72 8.17
CA ASN B 61 20.15 2.61 9.00
C ASN B 61 20.70 3.23 10.28
N ILE B 62 19.83 3.33 11.29
CA ILE B 62 20.14 4.04 12.51
C ILE B 62 19.80 3.15 13.69
N THR B 63 20.76 2.97 14.59
CA THR B 63 20.53 2.31 15.87
C THR B 63 20.47 3.37 16.96
N ILE B 64 19.44 3.33 17.79
CA ILE B 64 19.26 4.31 18.84
C ILE B 64 19.20 3.58 20.17
N VAL B 65 20.05 3.99 21.10
CA VAL B 65 20.12 3.39 22.43
C VAL B 65 19.92 4.48 23.47
N ASP B 66 18.91 4.31 24.33
CA ASP B 66 18.59 5.26 25.38
C ASP B 66 17.67 4.56 26.37
N GLY B 67 17.87 4.83 27.65
CA GLY B 67 17.05 4.20 28.67
C GLY B 67 16.08 5.14 29.36
N ASP B 68 16.10 6.40 28.99
CA ASP B 68 15.25 7.38 29.64
C ASP B 68 13.85 7.38 29.03
N HIS B 69 12.93 7.95 29.80
CA HIS B 69 11.56 8.25 29.39
C HIS B 69 11.43 9.72 29.06
N VAL B 70 10.38 10.05 28.32
CA VAL B 70 10.13 11.42 27.90
C VAL B 70 9.57 12.19 29.09
N GLU B 71 10.17 13.35 29.38
CA GLU B 71 9.70 14.25 30.43
C GLU B 71 9.22 15.54 29.78
N ASN B 72 8.41 16.29 30.52
CA ASN B 72 7.88 17.56 29.98
C ASN B 72 8.97 18.50 29.54
N SER B 73 10.04 18.61 30.34
CA SER B 73 11.12 19.55 30.04
C SER B 73 11.85 19.21 28.75
N ASN B 74 11.62 18.02 28.18
CA ASN B 74 12.24 17.70 26.90
C ASN B 74 11.61 18.47 25.75
N LEU B 75 10.37 18.93 25.91
CA LEU B 75 9.58 19.39 24.78
C LEU B 75 10.07 20.71 24.18
N ASN B 76 10.99 21.42 24.86
CA ASN B 76 11.52 22.69 24.35
C ASN B 76 12.65 22.51 23.33
N ARG B 77 13.13 21.29 23.09
CA ARG B 77 14.30 21.11 22.24
C ARG B 77 14.49 19.68 21.71
N GLN B 78 13.63 18.75 22.09
CA GLN B 78 13.78 17.37 21.69
C GLN B 78 12.57 16.93 20.89
N ASN B 79 12.74 15.83 20.16
CA ASN B 79 11.80 15.46 19.10
C ASN B 79 10.66 14.59 19.66
N TYR B 80 9.94 15.18 20.62
CA TYR B 80 8.84 14.46 21.24
C TYR B 80 7.62 15.36 21.39
N THR B 81 6.49 14.72 21.61
CA THR B 81 5.19 15.36 21.74
C THR B 81 4.59 15.11 23.12
N GLU B 82 3.50 15.83 23.39
CA GLU B 82 2.79 15.68 24.66
C GLU B 82 2.31 14.25 24.85
N GLY B 83 1.92 13.57 23.77
CA GLY B 83 1.50 12.18 23.90
C GLY B 83 2.61 11.22 24.21
N ASP B 84 3.85 11.59 23.90
CA ASP B 84 5.00 10.73 24.15
C ASP B 84 5.43 10.75 25.61
N VAL B 85 4.94 11.71 26.41
CA VAL B 85 5.45 11.89 27.76
C VAL B 85 5.17 10.64 28.59
N SER B 86 6.19 10.18 29.31
CA SER B 86 6.28 8.98 30.17
C SER B 86 6.59 7.72 29.37
N VAL B 87 6.79 7.82 28.07
CA VAL B 87 7.17 6.67 27.27
C VAL B 87 8.69 6.69 27.11
N ASN B 88 9.28 5.52 26.93
CA ASN B 88 10.68 5.42 26.60
C ASN B 88 10.98 6.32 25.42
N LYS B 89 12.00 7.17 25.57
CA LYS B 89 12.39 8.05 24.46
C LYS B 89 12.59 7.24 23.19
N VAL B 90 13.18 6.05 23.30
CA VAL B 90 13.52 5.28 22.11
C VAL B 90 12.28 4.80 21.39
N GLU B 91 11.25 4.43 22.15
CA GLU B 91 10.01 4.02 21.52
C GLU B 91 9.35 5.19 20.80
N ALA B 92 9.37 6.37 21.39
CA ALA B 92 8.73 7.53 20.78
C ALA B 92 9.47 7.95 19.52
N ILE B 93 10.81 8.01 19.56
CA ILE B 93 11.54 8.49 18.39
C ILE B 93 11.45 7.49 17.24
N LYS B 94 11.34 6.18 17.53
CA LYS B 94 11.14 5.20 16.45
C LYS B 94 9.78 5.37 15.80
N ALA B 95 8.74 5.65 16.58
CA ALA B 95 7.44 5.95 15.99
C ALA B 95 7.54 7.17 15.08
N ARG B 96 8.13 8.25 15.60
CA ARG B 96 8.29 9.47 14.81
C ARG B 96 9.07 9.20 13.53
N LEU B 97 10.22 8.53 13.65
CA LEU B 97 11.07 8.29 12.49
C LEU B 97 10.39 7.39 11.47
N LYS B 98 9.72 6.32 11.94
CA LYS B 98 9.12 5.37 11.01
C LYS B 98 7.88 5.92 10.34
N SER B 99 7.25 6.95 10.92
CA SER B 99 6.17 7.63 10.22
C SER B 99 6.69 8.55 9.13
N ILE B 100 7.94 9.00 9.22
CA ILE B 100 8.59 9.73 8.14
C ILE B 100 9.02 8.79 7.02
N ASN B 101 9.56 7.63 7.38
CA ASN B 101 10.05 6.66 6.38
C ASN B 101 9.71 5.26 6.90
N SER B 102 8.65 4.67 6.35
CA SER B 102 8.21 3.35 6.79
C SER B 102 9.23 2.26 6.46
N LYS B 103 9.94 2.37 5.33
CA LYS B 103 10.93 1.37 4.96
C LYS B 103 12.30 1.62 5.61
N ALA B 104 12.42 2.56 6.54
CA ALA B 104 13.69 2.79 7.19
C ALA B 104 14.01 1.69 8.21
N ASN B 105 15.29 1.48 8.43
CA ASN B 105 15.79 0.44 9.32
C ASN B 105 16.20 1.11 10.62
N ILE B 106 15.22 1.31 11.51
CA ILE B 106 15.41 2.02 12.76
C ILE B 106 15.35 1.01 13.91
N LYS B 107 16.52 0.69 14.48
CA LYS B 107 16.62 -0.31 15.55
C LYS B 107 16.90 0.39 16.88
N ILE B 108 16.04 0.11 17.87
CA ILE B 108 16.11 0.78 19.16
C ILE B 108 16.46 -0.21 20.27
N HIS B 109 16.96 0.35 21.38
CA HIS B 109 17.29 -0.45 22.56
C HIS B 109 16.98 0.38 23.80
N ASN B 110 15.95 -0.04 24.55
CA ASN B 110 15.52 0.66 25.76
C ASN B 110 16.35 0.16 26.93
N CYS B 111 17.61 0.58 26.95
CA CYS B 111 18.52 0.17 27.99
C CYS B 111 19.63 1.21 28.13
N PHE B 112 20.15 1.34 29.36
CA PHE B 112 21.33 2.15 29.59
C PHE B 112 22.59 1.36 29.25
N LEU B 113 23.60 2.06 28.75
CA LEU B 113 24.87 1.43 28.41
C LEU B 113 25.76 1.30 29.65
N THR B 114 26.38 0.14 29.79
CA THR B 114 27.26 -0.17 30.91
C THR B 114 28.60 -0.66 30.37
N SER B 115 29.56 -0.82 31.28
CA SER B 115 30.88 -1.32 30.89
C SER B 115 30.81 -2.68 30.20
N ASP B 116 29.81 -3.50 30.55
CA ASP B 116 29.73 -4.86 30.01
C ASP B 116 29.06 -4.91 28.64
N ASN B 117 28.09 -4.05 28.36
CA ASN B 117 27.31 -4.18 27.13
C ASN B 117 27.73 -3.23 26.02
N VAL B 118 28.56 -2.22 26.32
CA VAL B 118 28.75 -1.11 25.39
C VAL B 118 29.50 -1.55 24.13
N GLU B 119 30.38 -2.53 24.24
CA GLU B 119 31.15 -2.94 23.07
C GLU B 119 30.28 -3.64 22.03
N GLU B 120 29.40 -4.54 22.45
CA GLU B 120 28.60 -5.28 21.47
C GLU B 120 27.60 -4.37 20.78
N TYR B 121 27.12 -3.33 21.46
CA TYR B 121 26.27 -2.35 20.81
C TYR B 121 27.05 -1.57 19.76
N ILE B 122 28.29 -1.17 20.09
CA ILE B 122 29.08 -0.39 19.14
C ILE B 122 29.39 -1.21 17.90
N LYS B 123 29.76 -2.48 18.08
CA LYS B 123 30.19 -3.35 16.99
C LYS B 123 29.16 -3.38 15.85
N GLY B 124 29.66 -3.24 14.63
CA GLY B 124 28.84 -3.32 13.45
C GLY B 124 28.45 -1.98 12.84
N HIS B 125 28.86 -0.87 13.44
CA HIS B 125 28.56 0.47 12.94
C HIS B 125 29.79 1.12 12.34
N LYS B 126 29.58 1.98 11.36
CA LYS B 126 30.65 2.71 10.69
C LYS B 126 30.93 4.07 11.32
N VAL B 127 29.97 4.63 12.07
CA VAL B 127 30.12 5.94 12.69
C VAL B 127 29.19 5.97 13.90
N ALA B 128 29.55 6.77 14.90
CA ALA B 128 28.75 6.84 16.12
C ALA B 128 28.55 8.30 16.55
N ILE B 129 27.43 8.53 17.23
CA ILE B 129 27.09 9.83 17.81
C ILE B 129 26.99 9.63 19.32
N ASN B 130 27.92 10.21 20.06
CA ASN B 130 27.94 10.11 21.52
C ASN B 130 27.15 11.27 22.09
N ALA B 131 25.91 11.01 22.44
CA ALA B 131 25.04 11.97 23.10
C ALA B 131 24.66 11.47 24.48
N LEU B 132 25.63 10.92 25.20
CA LEU B 132 25.39 10.27 26.48
C LEU B 132 25.62 11.26 27.62
N ASP B 133 24.69 11.28 28.58
CA ASP B 133 24.88 12.07 29.79
C ASP B 133 26.20 11.72 30.45
N PHE B 134 26.93 12.74 30.91
CA PHE B 134 28.19 12.44 31.57
C PHE B 134 28.01 11.87 32.97
N SER B 135 26.76 11.67 33.41
CA SER B 135 26.50 11.05 34.71
C SER B 135 26.38 9.54 34.62
N SER B 136 26.21 8.97 33.42
CA SER B 136 26.31 7.53 33.23
C SER B 136 27.76 7.07 33.40
N GLU B 137 27.99 5.76 33.30
CA GLU B 137 29.32 5.21 33.53
C GLU B 137 30.18 5.15 32.28
N VAL B 138 29.59 5.17 31.09
CA VAL B 138 30.35 4.83 29.89
C VAL B 138 30.62 5.98 28.91
N PRO B 139 30.49 7.27 29.27
CA PRO B 139 30.69 8.29 28.21
C PRO B 139 32.07 8.27 27.59
N LEU B 140 33.14 8.21 28.39
CA LEU B 140 34.48 8.19 27.79
C LEU B 140 34.88 6.81 27.27
N LEU B 141 34.47 5.73 27.95
CA LEU B 141 34.79 4.38 27.48
C LEU B 141 34.19 4.13 26.09
N PHE B 142 32.98 4.64 25.86
CA PHE B 142 32.33 4.59 24.55
C PHE B 142 33.27 5.05 23.44
N ASP B 143 33.95 6.19 23.64
CA ASP B 143 34.85 6.68 22.61
C ASP B 143 36.07 5.78 22.44
N GLU B 144 36.63 5.28 23.55
CA GLU B 144 37.82 4.45 23.46
C GLU B 144 37.58 3.24 22.58
N ILE B 145 36.44 2.57 22.76
CA ILE B 145 36.13 1.39 21.97
C ILE B 145 35.97 1.75 20.50
N CYS B 146 35.32 2.87 20.22
CA CYS B 146 35.10 3.31 18.84
C CYS B 146 36.43 3.59 18.13
N GLN B 147 37.35 4.30 18.79
CA GLN B 147 38.67 4.49 18.21
C GLN B 147 39.32 3.15 17.92
N LYS B 148 39.28 2.24 18.90
CA LYS B 148 39.85 0.89 18.72
C LYS B 148 39.25 0.19 17.49
N MET B 149 38.00 0.50 17.14
CA MET B 149 37.31 -0.14 16.03
C MET B 149 37.25 0.70 14.75
N ASP B 150 38.00 1.81 14.69
CA ASP B 150 37.98 2.71 13.52
C ASP B 150 36.60 3.29 13.25
N ILE B 151 35.87 3.59 14.31
CA ILE B 151 34.56 4.23 14.23
C ILE B 151 34.71 5.66 14.74
N PRO B 152 34.67 6.67 13.87
CA PRO B 152 34.70 8.05 14.36
C PRO B 152 33.47 8.40 15.16
N VAL B 153 33.64 9.28 16.15
CA VAL B 153 32.57 9.63 17.08
C VAL B 153 32.26 11.12 17.01
N LEU B 154 30.99 11.44 16.73
CA LEU B 154 30.51 12.82 16.79
C LEU B 154 30.02 13.13 18.19
N HIS B 155 30.47 14.27 18.73
CA HIS B 155 29.97 14.78 20.00
C HIS B 155 29.21 16.06 19.73
N PRO B 156 27.88 16.02 19.68
CA PRO B 156 27.09 17.26 19.49
C PRO B 156 26.70 17.86 20.82
N TYR B 157 26.76 19.19 20.89
CA TYR B 157 26.40 19.91 22.11
C TYR B 157 25.44 21.06 21.79
N ASN B 158 24.55 21.34 22.74
CA ASN B 158 23.56 22.39 22.61
C ASN B 158 24.05 23.60 23.41
N LEU B 159 24.59 24.60 22.70
CA LEU B 159 25.09 25.84 23.33
C LEU B 159 24.07 26.96 23.26
N GLY B 160 22.79 26.65 23.42
CA GLY B 160 21.74 27.65 23.39
C GLY B 160 21.53 28.26 22.02
N TRP B 161 22.23 29.35 21.73
CA TRP B 161 22.16 29.97 20.42
C TRP B 161 23.04 29.22 19.41
N GLY B 162 23.95 28.38 19.89
CA GLY B 162 24.86 27.71 18.98
C GLY B 162 24.76 26.20 18.95
N GLY B 163 25.17 25.62 17.82
CA GLY B 163 25.42 24.20 17.71
C GLY B 163 26.93 23.96 17.64
N LEU B 164 27.38 23.00 18.43
CA LEU B 164 28.80 22.64 18.53
C LEU B 164 28.96 21.14 18.25
N VAL B 165 29.87 20.80 17.35
CA VAL B 165 30.22 19.40 17.09
C VAL B 165 31.74 19.27 17.08
N THR B 166 32.24 18.26 17.75
CA THR B 166 33.63 17.85 17.62
C THR B 166 33.63 16.37 17.28
N ILE B 167 34.55 15.93 16.43
CA ILE B 167 34.64 14.55 15.98
C ILE B 167 35.93 13.95 16.52
N ILE B 168 35.78 12.88 17.30
CA ILE B 168 36.91 12.09 17.77
C ILE B 168 37.26 11.12 16.65
N SER B 169 38.42 11.29 16.07
CA SER B 169 38.75 10.35 15.01
C SER B 169 39.57 9.17 15.56
N PRO B 170 39.48 8.00 14.93
CA PRO B 170 40.13 6.81 15.52
C PRO B 170 41.61 6.98 15.89
N LYS B 171 42.42 7.64 15.07
CA LYS B 171 43.85 7.78 15.37
C LYS B 171 44.21 9.14 15.98
N GLY B 172 43.24 9.93 16.43
CA GLY B 172 43.51 11.26 16.94
C GLY B 172 43.27 11.41 18.43
N LEU B 173 43.35 12.66 18.88
CA LEU B 173 43.09 12.92 20.29
C LEU B 173 41.65 12.61 20.65
N SER B 174 41.46 12.09 21.86
CA SER B 174 40.14 11.86 22.41
C SER B 174 39.79 13.00 23.36
N LEU B 175 38.53 13.04 23.80
CA LEU B 175 38.13 14.07 24.75
C LEU B 175 38.91 13.99 26.07
N ASN B 176 39.56 12.87 26.37
CA ASN B 176 40.40 12.81 27.58
C ASN B 176 41.40 13.96 27.66
N SER B 177 41.92 14.41 26.50
CA SER B 177 43.00 15.39 26.51
C SER B 177 42.64 16.63 27.31
N ILE B 178 41.34 16.93 27.41
CA ILE B 178 40.88 18.08 28.19
C ILE B 178 40.33 17.64 29.54
N ALA B 179 40.25 16.34 29.79
CA ALA B 179 39.89 15.82 31.10
C ALA B 179 41.11 15.89 32.02
N LYS B 180 40.88 16.20 33.28
CA LYS B 180 41.97 16.28 34.25
C LYS B 180 42.06 14.96 35.02
N LYS B 181 43.29 14.44 35.13
CA LYS B 181 43.51 13.15 35.78
C LYS B 181 43.10 13.22 37.25
N GLY B 182 41.97 12.63 37.58
CA GLY B 182 41.53 12.53 38.95
C GLY B 182 40.22 13.21 39.25
N GLU B 183 39.75 14.09 38.38
CA GLU B 183 38.50 14.78 38.61
C GLU B 183 37.57 14.56 37.43
N LYS B 184 36.28 14.60 37.71
CA LYS B 184 35.28 14.20 36.73
C LYS B 184 35.08 15.25 35.64
N PHE B 185 34.63 14.74 34.51
CA PHE B 185 34.56 15.46 33.25
C PHE B 185 33.11 15.56 32.80
N ASN B 186 32.64 16.77 32.47
CA ASN B 186 31.29 16.92 31.92
C ASN B 186 31.31 17.94 30.77
N GLU B 187 30.11 18.34 30.33
CA GLU B 187 29.99 19.22 29.17
C GLU B 187 30.49 20.62 29.47
N LEU B 188 30.46 21.04 30.73
CA LEU B 188 30.98 22.37 31.08
C LEU B 188 32.46 22.47 30.76
N ASN B 189 33.19 21.36 30.88
CA ASN B 189 34.59 21.35 30.48
C ASN B 189 34.74 21.50 28.98
N VAL B 190 33.89 20.85 28.21
CA VAL B 190 33.98 20.96 26.76
C VAL B 190 33.73 22.38 26.33
N VAL B 191 32.68 23.01 26.89
CA VAL B 191 32.29 24.34 26.45
C VAL B 191 33.31 25.37 26.88
N GLU B 192 33.89 25.20 28.09
CA GLU B 192 34.98 26.08 28.54
C GLU B 192 36.24 25.93 27.70
N TYR B 193 36.51 24.73 27.19
CA TYR B 193 37.58 24.57 26.23
C TYR B 193 37.27 25.32 24.93
N VAL B 194 36.03 25.22 24.45
CA VAL B 194 35.67 25.87 23.18
C VAL B 194 35.80 27.38 23.30
N SER B 195 35.24 27.97 24.36
CA SER B 195 35.33 29.42 24.53
C SER B 195 36.78 29.88 24.63
N SER B 196 37.60 29.17 25.42
CA SER B 196 39.02 29.51 25.55
C SER B 196 39.75 29.41 24.22
N TYR B 197 39.43 28.37 23.44
CA TYR B 197 40.04 28.21 22.13
C TYR B 197 39.64 29.36 21.21
N MET B 198 38.35 29.67 21.16
CA MET B 198 37.89 30.79 20.33
C MET B 198 38.57 32.08 20.74
N ARG B 199 38.65 32.35 22.05
CA ARG B 199 39.29 33.59 22.51
C ARG B 199 40.78 33.58 22.18
N PHE B 200 41.43 32.41 22.29
CA PHE B 200 42.86 32.29 21.96
C PHE B 200 43.13 32.75 20.54
N TRP B 201 42.20 32.48 19.60
CA TRP B 201 42.32 32.82 18.19
C TRP B 201 41.71 34.17 17.85
N GLY B 202 41.44 35.02 18.83
CA GLY B 202 40.97 36.35 18.51
C GLY B 202 39.51 36.41 18.13
N LYS B 203 38.76 35.32 18.33
CA LYS B 203 37.34 35.25 18.03
C LYS B 203 36.55 34.95 19.30
N PRO B 204 36.67 35.76 20.34
CA PRO B 204 35.93 35.47 21.57
C PRO B 204 34.44 35.38 21.30
N GLN B 205 33.80 34.38 21.91
CA GLN B 205 32.36 34.22 21.89
C GLN B 205 31.83 34.73 23.23
N GLU B 206 31.59 36.04 23.28
CA GLU B 206 31.20 36.65 24.54
C GLU B 206 29.81 36.19 24.99
N TRP B 207 28.91 35.90 24.06
CA TRP B 207 27.64 35.32 24.46
C TRP B 207 27.85 33.99 25.19
N LEU B 208 28.77 33.16 24.68
CA LEU B 208 29.02 31.87 25.29
C LEU B 208 29.66 32.03 26.66
N GLU B 209 30.64 32.93 26.77
CA GLU B 209 31.27 33.19 28.06
C GLU B 209 30.27 33.73 29.07
N ASP B 210 29.29 34.51 28.60
CA ASP B 210 28.29 35.09 29.49
C ASP B 210 27.40 34.03 30.11
N ILE B 211 26.90 33.09 29.30
CA ILE B 211 26.00 32.05 29.81
C ILE B 211 26.75 31.06 30.71
N ILE B 212 28.03 30.78 30.40
CA ILE B 212 28.85 29.95 31.28
C ILE B 212 28.98 30.61 32.65
N TYR B 213 29.25 31.92 32.67
CA TYR B 213 29.38 32.63 33.95
C TYR B 213 28.08 32.57 34.74
N LYS B 214 26.94 32.87 34.09
CA LYS B 214 25.66 32.81 34.77
C LYS B 214 25.39 31.40 35.31
N PHE B 215 25.71 30.38 34.51
CA PHE B 215 25.44 29.01 34.93
C PHE B 215 26.30 28.59 36.11
N LYS B 216 27.59 28.91 36.08
CA LYS B 216 28.48 28.51 37.19
C LYS B 216 28.11 29.23 38.49
N ASN B 217 27.79 30.52 38.40
CA ASN B 217 27.39 31.30 39.57
C ASN B 217 25.92 31.13 39.93
N GLU B 218 25.28 30.09 39.43
CA GLU B 218 23.93 29.78 39.87
C GLU B 218 23.98 29.29 41.30
N ARG B 219 23.10 29.84 42.14
CA ARG B 219 23.01 29.42 43.53
C ARG B 219 22.67 27.94 43.62
N GLU B 220 21.55 27.55 43.03
CA GLU B 220 21.11 26.16 43.00
C GLU B 220 21.93 25.37 41.98
N LYS B 221 22.10 24.07 42.23
CA LYS B 221 22.78 23.19 41.30
C LYS B 221 21.74 22.54 40.37
N LEU B 222 21.75 22.94 39.10
CA LEU B 222 20.79 22.49 38.09
C LEU B 222 21.49 22.01 36.84
N SER B 223 20.72 21.38 35.95
CA SER B 223 21.23 21.01 34.63
C SER B 223 21.42 22.26 33.77
N PRO B 224 22.37 22.24 32.83
CA PRO B 224 22.59 23.40 31.96
C PRO B 224 21.37 23.70 31.11
N PRO B 225 21.07 24.98 30.88
CA PRO B 225 19.97 25.33 29.97
C PRO B 225 20.31 24.99 28.53
N GLN B 226 19.28 24.70 27.75
CA GLN B 226 19.44 24.46 26.32
C GLN B 226 18.22 24.98 25.57
N LEU B 227 18.42 25.36 24.31
CA LEU B 227 17.40 25.96 23.48
C LEU B 227 17.15 25.14 22.23
N SER B 228 15.94 25.28 21.68
CA SER B 228 15.64 24.63 20.41
C SER B 228 16.55 25.10 19.29
N VAL B 229 17.00 26.35 19.36
CA VAL B 229 17.86 26.90 18.31
C VAL B 229 19.10 26.04 18.13
N GLY B 230 19.82 25.78 19.23
CA GLY B 230 21.05 25.01 19.14
C GLY B 230 20.81 23.57 18.71
N SER B 231 19.73 22.96 19.21
CA SER B 231 19.40 21.59 18.82
C SER B 231 19.16 21.51 17.32
N TRP B 232 18.35 22.43 16.77
CA TRP B 232 18.08 22.40 15.34
C TRP B 232 19.33 22.65 14.51
N VAL B 233 20.17 23.61 14.94
CA VAL B 233 21.41 23.90 14.22
C VAL B 233 22.36 22.70 14.28
N VAL B 234 22.51 22.11 15.47
CA VAL B 234 23.47 21.03 15.61
C VAL B 234 23.02 19.80 14.84
N ALA B 235 21.70 19.59 14.71
CA ALA B 235 21.18 18.47 13.92
C ALA B 235 21.60 18.61 12.45
N GLY B 236 21.52 19.83 11.92
CA GLY B 236 21.99 20.06 10.57
C GLY B 236 23.48 19.85 10.45
N MET B 237 24.25 20.35 11.42
CA MET B 237 25.70 20.16 11.38
C MET B 237 26.04 18.69 11.35
N CYS B 238 25.39 17.90 12.22
CA CYS B 238 25.71 16.48 12.32
C CYS B 238 25.41 15.76 11.01
N THR B 239 24.30 16.12 10.36
CA THR B 239 23.94 15.47 9.12
C THR B 239 24.99 15.74 8.04
N HIS B 240 25.48 16.99 7.97
CA HIS B 240 26.55 17.35 7.04
C HIS B 240 27.82 16.57 7.35
N ILE B 241 28.19 16.50 8.64
CA ILE B 241 29.39 15.76 9.05
C ILE B 241 29.26 14.28 8.70
N LEU B 242 28.08 13.68 8.99
CA LEU B 242 27.85 12.28 8.63
C LEU B 242 28.00 12.05 7.13
N PHE B 243 27.44 12.95 6.31
CA PHE B 243 27.59 12.81 4.87
C PHE B 243 29.06 12.86 4.47
N ASN B 244 29.84 13.74 5.10
CA ASN B 244 31.26 13.83 4.77
C ASN B 244 32.02 12.58 5.18
N ILE B 245 31.70 12.04 6.36
CA ILE B 245 32.34 10.82 6.84
C ILE B 245 32.02 9.62 5.94
N ALA B 246 30.75 9.48 5.54
CA ALA B 246 30.38 8.33 4.72
C ALA B 246 31.03 8.40 3.35
N THR B 247 31.08 9.58 2.76
CA THR B 247 31.61 9.82 1.42
C THR B 247 33.10 10.13 1.42
N GLN B 248 33.76 10.01 2.56
CA GLN B 248 35.21 10.18 2.67
C GLN B 248 35.65 11.57 2.20
N ARG B 249 34.88 12.58 2.56
CA ARG B 249 35.30 13.96 2.42
C ARG B 249 35.97 14.40 3.71
N GLU B 250 36.89 15.35 3.61
CA GLU B 250 37.68 15.76 4.77
C GLU B 250 36.80 16.38 5.85
N ILE B 251 37.18 16.16 7.11
CA ILE B 251 36.52 16.79 8.24
C ILE B 251 37.59 17.25 9.23
N LYS B 252 37.21 18.18 10.08
CA LYS B 252 38.04 18.61 11.21
C LYS B 252 37.85 17.63 12.37
N SER B 253 38.96 17.17 12.95
CA SER B 253 38.91 16.29 14.12
C SER B 253 39.29 17.04 15.38
N PHE B 254 38.79 16.55 16.51
CA PHE B 254 39.26 17.07 17.79
C PHE B 254 40.79 16.96 17.83
N PRO B 255 41.49 17.99 18.35
CA PRO B 255 41.04 19.13 19.16
C PRO B 255 40.33 20.25 18.40
N GLU B 256 40.21 20.14 17.08
CA GLU B 256 39.41 21.12 16.35
C GLU B 256 37.92 20.72 16.35
N PHE B 257 37.06 21.69 16.08
CA PHE B 257 35.62 21.50 16.23
C PHE B 257 34.86 22.45 15.29
N TYR B 258 33.54 22.25 15.20
CA TYR B 258 32.65 23.10 14.42
C TYR B 258 31.70 23.83 15.35
N LEU B 259 31.66 25.15 15.23
CA LEU B 259 30.77 26.00 16.00
C LEU B 259 29.95 26.84 15.04
N SER B 260 28.63 26.77 15.19
CA SER B 260 27.73 27.45 14.27
C SER B 260 26.68 28.20 15.07
N SER B 261 26.50 29.48 14.77
CA SER B 261 25.51 30.28 15.46
C SER B 261 25.13 31.44 14.55
N LEU B 262 24.02 32.10 14.89
CA LEU B 262 23.59 33.26 14.11
C LEU B 262 24.69 34.30 14.08
N GLU B 263 25.34 34.53 15.22
CA GLU B 263 26.44 35.46 15.39
C GLU B 263 27.64 35.14 14.49
N GLY B 264 27.61 33.99 13.83
CA GLY B 264 28.73 33.57 12.98
C GLY B 264 28.35 33.21 11.55
N LYS C 16 -23.43 -9.67 -28.79
CA LYS C 16 -23.78 -8.35 -28.28
C LYS C 16 -23.40 -7.28 -29.30
N HIS C 17 -23.99 -6.08 -29.16
CA HIS C 17 -23.68 -4.95 -30.04
C HIS C 17 -22.19 -4.62 -30.00
N ARG C 18 -21.48 -5.10 -28.98
CA ARG C 18 -20.04 -4.89 -28.81
C ARG C 18 -19.21 -5.45 -29.97
N TYR C 19 -19.63 -6.55 -30.59
CA TYR C 19 -18.89 -7.09 -31.74
C TYR C 19 -19.55 -6.73 -33.07
N SER C 20 -20.37 -5.67 -33.08
CA SER C 20 -21.11 -5.27 -34.27
C SER C 20 -20.19 -5.06 -35.46
N ARG C 21 -19.12 -4.30 -35.28
CA ARG C 21 -18.23 -3.98 -36.39
C ARG C 21 -17.28 -5.13 -36.73
N ASN C 22 -17.40 -6.28 -36.06
CA ASN C 22 -16.60 -7.46 -36.41
C ASN C 22 -17.17 -8.23 -37.59
N ARG C 23 -18.35 -7.86 -38.09
CA ARG C 23 -19.04 -8.66 -39.08
C ARG C 23 -18.24 -8.70 -40.39
N LEU C 24 -18.63 -9.64 -41.25
CA LEU C 24 -17.96 -9.95 -42.52
C LEU C 24 -16.60 -10.57 -42.26
N TYR C 25 -15.76 -9.94 -41.42
CA TYR C 25 -14.50 -10.57 -41.02
C TYR C 25 -14.73 -11.86 -40.24
N LEU C 26 -15.69 -11.87 -39.32
CA LEU C 26 -16.06 -13.05 -38.56
C LEU C 26 -17.54 -13.34 -38.76
N ASN C 27 -17.88 -14.61 -38.89
CA ASN C 27 -19.27 -15.02 -38.89
C ASN C 27 -19.74 -15.23 -37.44
N PRO C 28 -21.05 -15.33 -37.21
CA PRO C 28 -21.54 -15.52 -35.83
C PRO C 28 -20.95 -16.71 -35.11
N LYS C 29 -20.72 -17.82 -35.81
CA LYS C 29 -20.20 -19.00 -35.14
C LYS C 29 -18.74 -18.82 -34.73
N GLU C 30 -17.97 -18.07 -35.52
CA GLU C 30 -16.57 -17.83 -35.16
C GLU C 30 -16.46 -16.90 -33.94
N GLN C 31 -17.29 -15.87 -33.88
CA GLN C 31 -17.32 -15.02 -32.69
C GLN C 31 -17.64 -15.85 -31.45
N GLU C 32 -18.55 -16.81 -31.60
CA GLU C 32 -18.89 -17.74 -30.51
C GLU C 32 -17.71 -18.63 -30.12
N LEU C 33 -16.97 -19.14 -31.11
CA LEU C 33 -15.89 -20.06 -30.82
C LEU C 33 -14.79 -19.38 -30.02
N ILE C 34 -14.36 -18.18 -30.43
CA ILE C 34 -13.26 -17.53 -29.75
C ILE C 34 -13.68 -17.00 -28.38
N LYS C 35 -14.99 -16.87 -28.14
CA LYS C 35 -15.48 -16.37 -26.86
C LYS C 35 -14.93 -17.15 -25.68
N ASP C 36 -14.95 -18.48 -25.78
CA ASP C 36 -14.55 -19.36 -24.70
C ASP C 36 -13.22 -20.09 -24.94
N TYR C 37 -12.57 -19.86 -26.08
CA TYR C 37 -11.29 -20.47 -26.42
C TYR C 37 -10.22 -20.14 -25.38
N PRO C 38 -9.78 -21.12 -24.58
CA PRO C 38 -8.89 -20.83 -23.44
C PRO C 38 -7.47 -20.52 -23.88
N ILE C 39 -7.04 -19.29 -23.63
CA ILE C 39 -5.70 -18.81 -23.95
C ILE C 39 -4.92 -18.66 -22.66
N LEU C 40 -3.68 -19.12 -22.67
CA LEU C 40 -2.76 -18.91 -21.57
C LEU C 40 -1.72 -17.86 -21.98
N LEU C 41 -1.55 -16.86 -21.13
CA LEU C 41 -0.60 -15.76 -21.37
C LEU C 41 0.44 -15.80 -20.26
N GLY C 42 1.66 -16.19 -20.60
CA GLY C 42 2.74 -16.15 -19.64
C GLY C 42 3.55 -14.90 -19.74
N GLY C 43 3.35 -13.96 -18.83
CA GLY C 43 4.02 -12.68 -18.88
C GLY C 43 3.10 -11.54 -19.29
N ALA C 44 2.86 -10.60 -18.38
CA ALA C 44 1.94 -9.50 -18.63
C ALA C 44 2.66 -8.20 -18.97
N GLY C 45 3.84 -8.28 -19.57
CA GLY C 45 4.49 -7.05 -19.99
C GLY C 45 4.03 -6.72 -21.39
N ILE C 46 4.83 -7.13 -22.37
CA ILE C 46 4.38 -7.10 -23.76
C ILE C 46 3.05 -7.82 -23.91
N GLY C 47 2.77 -8.81 -23.07
CA GLY C 47 1.50 -9.52 -23.10
C GLY C 47 0.31 -8.68 -22.65
N SER C 48 0.56 -7.57 -21.95
CA SER C 48 -0.56 -6.73 -21.52
C SER C 48 -1.17 -5.96 -22.68
N ILE C 49 -0.35 -5.59 -23.68
CA ILE C 49 -0.91 -5.00 -24.89
C ILE C 49 -1.65 -6.06 -25.70
N ILE C 50 -1.07 -7.26 -25.82
CA ILE C 50 -1.70 -8.35 -26.56
C ILE C 50 -3.08 -8.68 -25.97
N ALA C 51 -3.19 -8.71 -24.65
CA ALA C 51 -4.45 -9.11 -24.03
C ALA C 51 -5.58 -8.17 -24.39
N GLU C 52 -5.34 -6.85 -24.35
CA GLU C 52 -6.40 -5.90 -24.67
C GLU C 52 -6.85 -6.04 -26.13
N CYS C 53 -5.89 -6.12 -27.06
CA CYS C 53 -6.25 -6.28 -28.46
C CYS C 53 -7.02 -7.57 -28.69
N ALA C 54 -6.59 -8.66 -28.07
CA ALA C 54 -7.27 -9.94 -28.25
C ALA C 54 -8.64 -9.96 -27.57
N LEU C 55 -8.74 -9.34 -26.39
CA LEU C 55 -10.04 -9.31 -25.71
C LEU C 55 -11.06 -8.52 -26.54
N ARG C 56 -10.69 -7.32 -26.99
CA ARG C 56 -11.64 -6.53 -27.76
C ARG C 56 -12.08 -7.26 -29.02
N PHE C 57 -11.16 -8.03 -29.63
CA PHE C 57 -11.49 -8.85 -30.79
C PHE C 57 -12.56 -9.89 -30.46
N GLY C 58 -12.59 -10.39 -29.22
CA GLY C 58 -13.62 -11.32 -28.83
C GLY C 58 -13.14 -12.54 -28.06
N PHE C 59 -11.84 -12.66 -27.84
CA PHE C 59 -11.28 -13.73 -27.00
C PHE C 59 -11.54 -13.38 -25.54
N GLU C 60 -12.50 -14.04 -24.91
CA GLU C 60 -12.96 -13.68 -23.58
C GLU C 60 -12.51 -14.65 -22.50
N ASN C 61 -11.67 -15.63 -22.82
CA ASN C 61 -11.20 -16.63 -21.86
C ASN C 61 -9.68 -16.53 -21.83
N ILE C 62 -9.14 -15.72 -20.92
CA ILE C 62 -7.71 -15.47 -20.89
C ILE C 62 -7.17 -15.69 -19.48
N THR C 63 -6.15 -16.54 -19.37
CA THR C 63 -5.38 -16.72 -18.15
C THR C 63 -4.06 -15.98 -18.29
N ILE C 64 -3.72 -15.16 -17.29
CA ILE C 64 -2.50 -14.38 -17.31
C ILE C 64 -1.68 -14.75 -16.08
N VAL C 65 -0.41 -15.11 -16.30
CA VAL C 65 0.51 -15.46 -15.21
C VAL C 65 1.72 -14.55 -15.30
N ASP C 66 2.04 -13.87 -14.20
CA ASP C 66 3.17 -12.98 -14.11
C ASP C 66 3.41 -12.68 -12.63
N GLY C 67 4.68 -12.60 -12.24
CA GLY C 67 5.03 -12.33 -10.86
C GLY C 67 5.60 -10.94 -10.63
N ASP C 68 5.72 -10.16 -11.69
CA ASP C 68 6.30 -8.83 -11.61
C ASP C 68 5.26 -7.81 -11.15
N HIS C 69 5.74 -6.68 -10.66
CA HIS C 69 4.92 -5.51 -10.38
C HIS C 69 5.18 -4.44 -11.45
N VAL C 70 4.30 -3.47 -11.51
CA VAL C 70 4.41 -2.42 -12.52
C VAL C 70 5.52 -1.46 -12.12
N GLU C 71 6.44 -1.21 -13.05
CA GLU C 71 7.54 -0.28 -12.88
C GLU C 71 7.35 0.92 -13.78
N ASN C 72 8.05 2.00 -13.46
CA ASN C 72 7.98 3.23 -14.26
C ASN C 72 8.32 2.96 -15.72
N SER C 73 9.41 2.21 -15.95
CA SER C 73 9.91 1.94 -17.29
C SER C 73 8.94 1.13 -18.15
N ASN C 74 7.89 0.55 -17.56
CA ASN C 74 6.90 -0.19 -18.33
C ASN C 74 6.00 0.72 -19.18
N LEU C 75 5.86 1.99 -18.80
CA LEU C 75 4.79 2.83 -19.32
C LEU C 75 4.99 3.19 -20.79
N ASN C 76 6.19 3.02 -21.34
CA ASN C 76 6.43 3.40 -22.72
C ASN C 76 5.92 2.36 -23.73
N ARG C 77 5.42 1.21 -23.27
CA ARG C 77 5.04 0.14 -24.20
C ARG C 77 4.12 -0.91 -23.58
N GLN C 78 3.75 -0.77 -22.32
CA GLN C 78 2.92 -1.76 -21.66
C GLN C 78 1.62 -1.14 -21.18
N ASN C 79 0.66 -1.99 -20.88
CA ASN C 79 -0.73 -1.57 -20.70
C ASN C 79 -1.00 -1.19 -19.24
N TYR C 80 -0.24 -0.23 -18.73
CA TYR C 80 -0.39 0.19 -17.34
C TYR C 80 -0.38 1.70 -17.26
N THR C 81 -0.87 2.20 -16.12
CA THR C 81 -1.01 3.62 -15.86
C THR C 81 -0.12 4.01 -14.68
N GLU C 82 -0.01 5.32 -14.46
CA GLU C 82 0.79 5.81 -13.34
C GLU C 82 0.30 5.24 -12.02
N GLY C 83 -1.02 5.09 -11.89
CA GLY C 83 -1.55 4.54 -10.66
C GLY C 83 -1.24 3.07 -10.47
N ASP C 84 -0.90 2.38 -11.56
CA ASP C 84 -0.59 0.96 -11.46
C ASP C 84 0.81 0.69 -10.93
N VAL C 85 1.68 1.71 -10.90
CA VAL C 85 3.07 1.46 -10.54
C VAL C 85 3.15 0.98 -9.08
N SER C 86 3.88 -0.12 -8.87
CA SER C 86 4.09 -0.86 -7.63
C SER C 86 2.99 -1.90 -7.36
N VAL C 87 2.03 -2.08 -8.26
CA VAL C 87 0.97 -3.08 -8.15
C VAL C 87 1.40 -4.32 -8.94
N ASN C 88 0.90 -5.50 -8.55
CA ASN C 88 1.07 -6.68 -9.36
C ASN C 88 0.56 -6.39 -10.77
N LYS C 89 1.41 -6.67 -11.76
CA LYS C 89 0.98 -6.48 -13.15
C LYS C 89 -0.32 -7.22 -13.42
N VAL C 90 -0.48 -8.42 -12.86
CA VAL C 90 -1.65 -9.23 -13.17
C VAL C 90 -2.91 -8.59 -12.60
N GLU C 91 -2.78 -7.98 -11.43
CA GLU C 91 -3.92 -7.28 -10.82
C GLU C 91 -4.29 -6.04 -11.64
N ALA C 92 -3.28 -5.29 -12.10
CA ALA C 92 -3.55 -4.09 -12.88
C ALA C 92 -4.13 -4.44 -14.25
N ILE C 93 -3.56 -5.44 -14.92
CA ILE C 93 -4.04 -5.77 -16.25
C ILE C 93 -5.45 -6.36 -16.17
N LYS C 94 -5.78 -7.09 -15.09
CA LYS C 94 -7.14 -7.62 -14.96
C LYS C 94 -8.15 -6.50 -14.74
N ALA C 95 -7.78 -5.47 -13.97
CA ALA C 95 -8.65 -4.31 -13.83
C ALA C 95 -8.93 -3.66 -15.17
N ARG C 96 -7.89 -3.43 -15.97
CA ARG C 96 -8.05 -2.85 -17.30
C ARG C 96 -8.93 -3.73 -18.17
N LEU C 97 -8.62 -5.02 -18.26
CA LEU C 97 -9.37 -5.88 -19.17
C LEU C 97 -10.82 -5.98 -18.73
N LYS C 98 -11.06 -6.09 -17.43
CA LYS C 98 -12.44 -6.22 -16.96
C LYS C 98 -13.20 -4.90 -17.02
N SER C 99 -12.52 -3.76 -17.10
CA SER C 99 -13.24 -2.52 -17.32
C SER C 99 -13.71 -2.40 -18.76
N ILE C 100 -13.03 -3.09 -19.69
CA ILE C 100 -13.47 -3.17 -21.08
C ILE C 100 -14.63 -4.15 -21.23
N ASN C 101 -14.59 -5.28 -20.54
CA ASN C 101 -15.61 -6.33 -20.67
C ASN C 101 -15.84 -6.95 -19.29
N SER C 102 -16.94 -6.55 -18.65
CA SER C 102 -17.24 -7.02 -17.31
C SER C 102 -17.48 -8.52 -17.28
N LYS C 103 -18.09 -9.05 -18.33
CA LYS C 103 -18.42 -10.48 -18.40
C LYS C 103 -17.26 -11.33 -18.90
N ALA C 104 -16.08 -10.78 -19.13
CA ALA C 104 -14.99 -11.61 -19.62
C ALA C 104 -14.44 -12.46 -18.49
N ASN C 105 -13.89 -13.63 -18.86
CA ASN C 105 -13.36 -14.58 -17.90
C ASN C 105 -11.84 -14.42 -17.89
N ILE C 106 -11.39 -13.47 -17.08
CA ILE C 106 -9.99 -13.11 -16.97
C ILE C 106 -9.49 -13.69 -15.65
N LYS C 107 -8.73 -14.79 -15.73
CA LYS C 107 -8.19 -15.45 -14.54
C LYS C 107 -6.71 -15.12 -14.47
N ILE C 108 -6.27 -14.59 -13.32
CA ILE C 108 -4.89 -14.14 -13.16
C ILE C 108 -4.23 -14.93 -12.04
N HIS C 109 -2.88 -14.98 -12.09
CA HIS C 109 -2.07 -15.67 -11.10
C HIS C 109 -0.79 -14.89 -10.85
N ASN C 110 -0.65 -14.36 -9.64
CA ASN C 110 0.56 -13.62 -9.24
C ASN C 110 1.58 -14.67 -8.80
N CYS C 111 2.23 -15.30 -9.78
CA CYS C 111 3.23 -16.31 -9.50
C CYS C 111 4.27 -16.30 -10.60
N PHE C 112 5.51 -16.60 -10.22
CA PHE C 112 6.54 -16.92 -11.20
C PHE C 112 6.42 -18.39 -11.54
N LEU C 113 6.67 -18.72 -12.79
CA LEU C 113 6.61 -20.11 -13.21
C LEU C 113 7.94 -20.80 -12.93
N THR C 114 7.85 -22.02 -12.41
CA THR C 114 9.04 -22.79 -12.09
C THR C 114 8.95 -24.13 -12.79
N SER C 115 10.07 -24.85 -12.79
CA SER C 115 10.04 -26.20 -13.34
C SER C 115 9.01 -27.05 -12.62
N ASP C 116 8.71 -26.70 -11.36
CA ASP C 116 7.83 -27.49 -10.52
C ASP C 116 6.36 -27.17 -10.76
N ASN C 117 6.02 -25.91 -11.02
CA ASN C 117 4.62 -25.54 -11.12
C ASN C 117 4.11 -25.30 -12.54
N VAL C 118 5.00 -25.23 -13.55
CA VAL C 118 4.59 -24.65 -14.82
C VAL C 118 3.56 -25.54 -15.54
N GLU C 119 3.63 -26.86 -15.36
CA GLU C 119 2.71 -27.75 -16.08
C GLU C 119 1.28 -27.58 -15.59
N GLU C 120 1.08 -27.43 -14.27
CA GLU C 120 -0.28 -27.30 -13.76
C GLU C 120 -0.94 -26.04 -14.30
N TYR C 121 -0.15 -24.97 -14.50
CA TYR C 121 -0.70 -23.76 -15.10
C TYR C 121 -1.04 -23.96 -16.58
N ILE C 122 -0.17 -24.65 -17.33
CA ILE C 122 -0.39 -24.86 -18.76
C ILE C 122 -1.64 -25.69 -19.02
N LYS C 123 -1.84 -26.73 -18.19
CA LYS C 123 -2.93 -27.69 -18.38
C LYS C 123 -4.27 -27.00 -18.57
N GLY C 124 -5.00 -27.44 -19.60
CA GLY C 124 -6.35 -26.98 -19.85
C GLY C 124 -6.54 -25.89 -20.89
N HIS C 125 -5.47 -25.38 -21.49
CA HIS C 125 -5.60 -24.30 -22.47
C HIS C 125 -5.36 -24.84 -23.88
N LYS C 126 -5.99 -24.20 -24.86
CA LYS C 126 -5.84 -24.64 -26.24
C LYS C 126 -4.69 -23.96 -26.97
N VAL C 127 -4.23 -22.80 -26.49
CA VAL C 127 -3.13 -22.08 -27.12
C VAL C 127 -2.46 -21.27 -26.03
N ALA C 128 -1.17 -21.01 -26.19
CA ALA C 128 -0.39 -20.26 -25.21
C ALA C 128 0.43 -19.18 -25.89
N ILE C 129 0.69 -18.12 -25.13
CA ILE C 129 1.56 -17.04 -25.57
C ILE C 129 2.72 -17.00 -24.58
N ASN C 130 3.93 -17.28 -25.06
CA ASN C 130 5.12 -17.27 -24.23
C ASN C 130 5.76 -15.88 -24.30
N ALA C 131 5.47 -15.05 -23.30
CA ALA C 131 6.08 -13.74 -23.15
C ALA C 131 6.91 -13.69 -21.87
N LEU C 132 7.68 -14.75 -21.62
CA LEU C 132 8.48 -14.90 -20.40
C LEU C 132 9.92 -14.45 -20.67
N ASP C 133 10.47 -13.70 -19.70
CA ASP C 133 11.88 -13.34 -19.72
C ASP C 133 12.74 -14.59 -19.88
N PHE C 134 13.81 -14.49 -20.67
CA PHE C 134 14.70 -15.64 -20.78
C PHE C 134 15.58 -15.79 -19.55
N SER C 135 15.45 -14.89 -18.58
CA SER C 135 16.11 -15.02 -17.29
C SER C 135 15.26 -15.75 -16.28
N SER C 136 13.97 -15.94 -16.56
CA SER C 136 13.15 -16.80 -15.72
C SER C 136 13.63 -18.24 -15.84
N GLU C 137 12.97 -19.14 -15.12
CA GLU C 137 13.46 -20.51 -15.09
C GLU C 137 12.92 -21.40 -16.20
N VAL C 138 11.71 -21.15 -16.71
CA VAL C 138 11.06 -22.12 -17.58
C VAL C 138 10.74 -21.67 -19.01
N PRO C 139 11.40 -20.66 -19.59
CA PRO C 139 10.93 -20.22 -20.93
C PRO C 139 10.94 -21.33 -21.97
N LEU C 140 12.03 -22.12 -22.02
CA LEU C 140 12.09 -23.22 -22.98
C LEU C 140 11.33 -24.45 -22.49
N LEU C 141 11.33 -24.73 -21.18
CA LEU C 141 10.53 -25.84 -20.68
C LEU C 141 9.04 -25.61 -20.92
N PHE C 142 8.60 -24.37 -20.77
CA PHE C 142 7.22 -23.99 -21.11
C PHE C 142 6.82 -24.54 -22.48
N ASP C 143 7.67 -24.35 -23.49
CA ASP C 143 7.33 -24.83 -24.84
C ASP C 143 7.31 -26.34 -24.90
N GLU C 144 8.28 -27.00 -24.27
CA GLU C 144 8.33 -28.45 -24.31
C GLU C 144 7.03 -29.03 -23.77
N ILE C 145 6.54 -28.52 -22.66
CA ILE C 145 5.31 -29.04 -22.11
C ILE C 145 4.15 -28.74 -23.06
N CYS C 146 4.13 -27.55 -23.65
CA CYS C 146 3.07 -27.20 -24.57
C CYS C 146 3.06 -28.12 -25.80
N GLN C 147 4.25 -28.39 -26.36
CA GLN C 147 4.34 -29.31 -27.49
C GLN C 147 3.78 -30.68 -27.11
N LYS C 148 4.20 -31.19 -25.95
CA LYS C 148 3.71 -32.47 -25.45
C LYS C 148 2.19 -32.50 -25.37
N MET C 149 1.55 -31.36 -25.11
CA MET C 149 0.11 -31.31 -24.89
C MET C 149 -0.69 -30.83 -26.10
N ASP C 150 -0.06 -30.71 -27.28
CA ASP C 150 -0.72 -30.23 -28.49
C ASP C 150 -1.22 -28.79 -28.34
N ILE C 151 -0.45 -27.96 -27.64
CA ILE C 151 -0.75 -26.56 -27.43
C ILE C 151 0.26 -25.74 -28.23
N PRO C 152 -0.15 -25.09 -29.31
CA PRO C 152 0.78 -24.19 -30.03
C PRO C 152 1.12 -22.99 -29.16
N VAL C 153 2.36 -22.48 -29.33
CA VAL C 153 2.88 -21.41 -28.50
C VAL C 153 3.29 -20.24 -29.39
N LEU C 154 2.71 -19.07 -29.13
CA LEU C 154 3.10 -17.85 -29.81
C LEU C 154 4.25 -17.20 -29.05
N HIS C 155 5.31 -16.83 -29.77
CA HIS C 155 6.40 -16.07 -29.18
C HIS C 155 6.38 -14.65 -29.77
N PRO C 156 5.86 -13.66 -29.04
CA PRO C 156 5.92 -12.27 -29.53
C PRO C 156 7.16 -11.54 -29.05
N TYR C 157 7.73 -10.74 -29.94
CA TYR C 157 8.90 -9.93 -29.61
C TYR C 157 8.69 -8.48 -30.07
N ASN C 158 9.29 -7.56 -29.31
CA ASN C 158 9.22 -6.12 -29.57
C ASN C 158 10.52 -5.70 -30.23
N LEU C 159 10.51 -5.52 -31.55
CA LEU C 159 11.70 -5.10 -32.29
C LEU C 159 11.69 -3.60 -32.53
N GLY C 160 11.17 -2.82 -31.58
CA GLY C 160 11.16 -1.37 -31.73
C GLY C 160 10.22 -0.86 -32.79
N TRP C 161 10.71 -0.73 -34.03
CA TRP C 161 9.84 -0.35 -35.13
C TRP C 161 9.01 -1.52 -35.64
N GLY C 162 9.40 -2.75 -35.30
CA GLY C 162 8.73 -3.93 -35.84
C GLY C 162 8.10 -4.82 -34.78
N GLY C 163 7.10 -5.60 -35.21
CA GLY C 163 6.54 -6.69 -34.41
C GLY C 163 6.94 -8.02 -35.02
N LEU C 164 7.34 -8.96 -34.17
CA LEU C 164 7.78 -10.30 -34.59
C LEU C 164 7.03 -11.36 -33.80
N VAL C 165 6.47 -12.34 -34.49
CA VAL C 165 5.84 -13.49 -33.85
C VAL C 165 6.30 -14.78 -34.52
N THR C 166 6.66 -15.78 -33.71
CA THR C 166 6.86 -17.16 -34.16
C THR C 166 5.96 -18.07 -33.36
N ILE C 167 5.46 -19.09 -34.02
CA ILE C 167 4.59 -20.08 -33.44
C ILE C 167 5.38 -21.38 -33.38
N ILE C 168 5.56 -21.91 -32.18
CA ILE C 168 6.07 -23.27 -32.00
C ILE C 168 4.88 -24.22 -32.07
N SER C 169 4.87 -25.05 -33.04
CA SER C 169 3.79 -26.02 -33.17
C SER C 169 4.15 -27.33 -32.47
N PRO C 170 3.14 -28.09 -32.04
CA PRO C 170 3.42 -29.31 -31.25
C PRO C 170 4.40 -30.27 -31.91
N LYS C 171 4.26 -30.52 -33.20
CA LYS C 171 5.07 -31.49 -33.92
C LYS C 171 6.24 -30.85 -34.67
N GLY C 172 6.54 -29.58 -34.42
CA GLY C 172 7.58 -28.87 -35.13
C GLY C 172 8.80 -28.57 -34.27
N LEU C 173 9.72 -27.82 -34.87
CA LEU C 173 10.94 -27.43 -34.18
C LEU C 173 10.62 -26.53 -33.01
N SER C 174 11.47 -26.61 -31.99
CA SER C 174 11.43 -25.69 -30.85
C SER C 174 12.48 -24.59 -31.08
N LEU C 175 12.41 -23.55 -30.24
CA LEU C 175 13.36 -22.45 -30.36
C LEU C 175 14.80 -22.89 -30.14
N ASN C 176 15.02 -24.00 -29.42
CA ASN C 176 16.36 -24.52 -29.18
C ASN C 176 17.18 -24.63 -30.45
N SER C 177 16.53 -24.93 -31.58
CA SER C 177 17.23 -25.18 -32.83
C SER C 177 18.12 -24.01 -33.24
N ILE C 178 17.80 -22.78 -32.82
CA ILE C 178 18.61 -21.63 -33.17
C ILE C 178 19.51 -21.18 -32.02
N ALA C 179 19.43 -21.85 -30.87
CA ALA C 179 20.31 -21.60 -29.73
C ALA C 179 21.67 -22.23 -29.98
N LYS C 180 22.72 -21.59 -29.47
CA LYS C 180 24.06 -22.10 -29.68
C LYS C 180 24.49 -23.02 -28.54
N LYS C 181 25.07 -24.16 -28.91
CA LYS C 181 25.53 -25.22 -28.01
C LYS C 181 26.58 -24.72 -27.04
N GLY C 182 26.19 -24.49 -25.79
CA GLY C 182 27.11 -24.09 -24.75
C GLY C 182 26.82 -22.73 -24.16
N GLU C 183 25.94 -21.96 -24.80
CA GLU C 183 25.61 -20.61 -24.39
C GLU C 183 24.13 -20.50 -24.07
N LYS C 184 23.80 -19.59 -23.17
CA LYS C 184 22.43 -19.43 -22.75
C LYS C 184 21.67 -18.71 -23.86
N PHE C 185 20.36 -18.91 -23.90
CA PHE C 185 19.55 -18.50 -25.04
C PHE C 185 18.65 -17.34 -24.62
N ASN C 186 18.72 -16.25 -25.39
CA ASN C 186 17.92 -15.08 -25.10
C ASN C 186 17.37 -14.50 -26.40
N GLU C 187 16.79 -13.31 -26.28
CA GLU C 187 16.10 -12.69 -27.41
C GLU C 187 17.07 -12.22 -28.48
N LEU C 188 18.31 -11.88 -28.10
CA LEU C 188 19.28 -11.47 -29.12
C LEU C 188 19.55 -12.61 -30.11
N ASN C 189 19.48 -13.86 -29.65
CA ASN C 189 19.59 -14.99 -30.57
C ASN C 189 18.43 -15.03 -31.54
N VAL C 190 17.21 -14.76 -31.07
CA VAL C 190 16.04 -14.78 -31.94
C VAL C 190 16.13 -13.66 -32.98
N VAL C 191 16.46 -12.46 -32.52
CA VAL C 191 16.42 -11.30 -33.42
C VAL C 191 17.53 -11.41 -34.47
N GLU C 192 18.72 -11.87 -34.08
CA GLU C 192 19.78 -12.07 -35.05
C GLU C 192 19.42 -13.16 -36.06
N TYR C 193 18.68 -14.18 -35.64
CA TYR C 193 18.19 -15.16 -36.60
C TYR C 193 17.25 -14.53 -37.60
N VAL C 194 16.33 -13.69 -37.13
CA VAL C 194 15.36 -13.06 -38.00
C VAL C 194 16.04 -12.13 -39.01
N SER C 195 16.95 -11.30 -38.54
CA SER C 195 17.65 -10.38 -39.44
C SER C 195 18.42 -11.16 -40.51
N SER C 196 19.16 -12.20 -40.11
CA SER C 196 19.91 -13.00 -41.06
C SER C 196 18.99 -13.68 -42.08
N TYR C 197 17.86 -14.18 -41.60
CA TYR C 197 16.87 -14.84 -42.46
C TYR C 197 16.29 -13.86 -43.48
N MET C 198 15.90 -12.66 -43.03
CA MET C 198 15.37 -11.65 -43.96
C MET C 198 16.42 -11.29 -45.01
N ARG C 199 17.66 -11.07 -44.59
CA ARG C 199 18.69 -10.77 -45.57
C ARG C 199 18.90 -11.93 -46.53
N PHE C 200 18.90 -13.17 -46.02
CA PHE C 200 19.11 -14.32 -46.88
C PHE C 200 18.10 -14.35 -48.02
N TRP C 201 16.86 -13.97 -47.74
CA TRP C 201 15.80 -14.05 -48.73
C TRP C 201 15.64 -12.77 -49.54
N GLY C 202 16.65 -11.90 -49.56
CA GLY C 202 16.60 -10.71 -50.38
C GLY C 202 15.78 -9.58 -49.82
N LYS C 203 15.33 -9.67 -48.58
CA LYS C 203 14.56 -8.60 -47.93
C LYS C 203 15.30 -8.14 -46.67
N PRO C 204 16.55 -7.66 -46.80
CA PRO C 204 17.29 -7.22 -45.61
C PRO C 204 16.60 -6.07 -44.88
N GLN C 205 16.54 -6.19 -43.55
CA GLN C 205 15.95 -5.17 -42.68
C GLN C 205 17.10 -4.38 -42.06
N GLU C 206 17.56 -3.35 -42.77
CA GLU C 206 18.74 -2.63 -42.32
C GLU C 206 18.50 -1.88 -41.01
N TRP C 207 17.27 -1.42 -40.78
CA TRP C 207 16.93 -0.84 -39.49
C TRP C 207 17.15 -1.84 -38.36
N LEU C 208 16.76 -3.11 -38.58
CA LEU C 208 16.92 -4.12 -37.55
C LEU C 208 18.39 -4.43 -37.33
N GLU C 209 19.14 -4.56 -38.44
CA GLU C 209 20.57 -4.79 -38.34
C GLU C 209 21.25 -3.64 -37.62
N ASP C 210 20.76 -2.42 -37.82
CA ASP C 210 21.36 -1.25 -37.18
C ASP C 210 21.20 -1.31 -35.66
N ILE C 211 19.99 -1.56 -35.17
CA ILE C 211 19.77 -1.56 -33.73
C ILE C 211 20.45 -2.77 -33.07
N ILE C 212 20.51 -3.91 -33.76
CA ILE C 212 21.25 -5.05 -33.23
C ILE C 212 22.71 -4.65 -33.02
N TYR C 213 23.28 -3.97 -34.02
CA TYR C 213 24.66 -3.51 -33.91
C TYR C 213 24.85 -2.56 -32.75
N LYS C 214 24.01 -1.53 -32.66
CA LYS C 214 24.15 -0.58 -31.55
C LYS C 214 23.99 -1.27 -30.21
N PHE C 215 23.02 -2.17 -30.08
CA PHE C 215 22.78 -2.78 -28.78
C PHE C 215 23.97 -3.63 -28.36
N LYS C 216 24.55 -4.39 -29.29
CA LYS C 216 25.70 -5.22 -28.94
C LYS C 216 26.89 -4.36 -28.55
N ASN C 217 27.16 -3.30 -29.29
CA ASN C 217 28.30 -2.45 -28.99
C ASN C 217 28.00 -1.45 -27.91
N GLU C 218 26.94 -1.64 -27.14
CA GLU C 218 26.75 -0.82 -25.94
C GLU C 218 27.84 -1.17 -24.94
N ARG C 219 28.50 -0.14 -24.41
CA ARG C 219 29.56 -0.36 -23.45
C ARG C 219 29.01 -1.03 -22.19
N GLU C 220 28.08 -0.36 -21.51
CA GLU C 220 27.42 -0.96 -20.37
C GLU C 220 26.35 -1.90 -20.90
N LYS C 221 26.16 -3.02 -20.23
CA LYS C 221 25.16 -4.00 -20.64
C LYS C 221 23.84 -3.84 -19.89
N LEU C 222 22.79 -3.49 -20.64
CA LEU C 222 21.45 -3.18 -20.17
C LEU C 222 20.45 -4.05 -20.91
N SER C 223 19.19 -4.01 -20.47
CA SER C 223 18.15 -4.74 -21.18
C SER C 223 17.92 -4.10 -22.55
N PRO C 224 17.49 -4.87 -23.53
CA PRO C 224 17.26 -4.32 -24.88
C PRO C 224 16.20 -3.24 -24.86
N PRO C 225 16.38 -2.19 -25.65
CA PRO C 225 15.33 -1.18 -25.76
C PRO C 225 14.12 -1.73 -26.49
N GLN C 226 12.96 -1.16 -26.19
CA GLN C 226 11.73 -1.50 -26.89
C GLN C 226 10.85 -0.26 -27.00
N LEU C 227 10.03 -0.21 -28.05
CA LEU C 227 9.20 0.96 -28.32
C LEU C 227 7.72 0.56 -28.33
N SER C 228 6.86 1.55 -28.11
CA SER C 228 5.43 1.28 -28.18
C SER C 228 4.98 0.84 -29.58
N VAL C 229 5.65 1.32 -30.64
CA VAL C 229 5.18 0.92 -31.97
C VAL C 229 5.24 -0.61 -32.11
N GLY C 230 6.35 -1.22 -31.69
CA GLY C 230 6.47 -2.68 -31.80
C GLY C 230 5.46 -3.43 -30.94
N SER C 231 5.19 -2.94 -29.72
CA SER C 231 4.19 -3.58 -28.87
C SER C 231 2.81 -3.55 -29.53
N TRP C 232 2.40 -2.37 -30.02
CA TRP C 232 1.07 -2.26 -30.63
C TRP C 232 0.96 -3.09 -31.89
N VAL C 233 2.02 -3.13 -32.72
CA VAL C 233 1.97 -3.93 -33.92
C VAL C 233 1.88 -5.42 -33.58
N VAL C 234 2.68 -5.88 -32.61
CA VAL C 234 2.68 -7.30 -32.29
C VAL C 234 1.37 -7.74 -31.64
N ALA C 235 0.69 -6.83 -30.94
CA ALA C 235 -0.63 -7.17 -30.38
C ALA C 235 -1.63 -7.52 -31.47
N GLY C 236 -1.68 -6.73 -32.54
CA GLY C 236 -2.55 -7.06 -33.65
C GLY C 236 -2.14 -8.34 -34.35
N MET C 237 -0.83 -8.52 -34.57
CA MET C 237 -0.34 -9.76 -35.17
C MET C 237 -0.75 -10.98 -34.35
N CYS C 238 -0.56 -10.91 -33.03
CA CYS C 238 -0.91 -12.05 -32.18
C CYS C 238 -2.41 -12.33 -32.24
N THR C 239 -3.22 -11.28 -32.21
CA THR C 239 -4.66 -11.47 -32.26
C THR C 239 -5.08 -12.16 -33.55
N HIS C 240 -4.49 -11.74 -34.67
CA HIS C 240 -4.76 -12.39 -35.96
C HIS C 240 -4.35 -13.87 -35.91
N ILE C 241 -3.18 -14.13 -35.36
CA ILE C 241 -2.67 -15.51 -35.25
C ILE C 241 -3.58 -16.35 -34.34
N LEU C 242 -4.00 -15.77 -33.20
CA LEU C 242 -4.91 -16.49 -32.32
C LEU C 242 -6.19 -16.89 -33.05
N PHE C 243 -6.75 -15.96 -33.84
CA PHE C 243 -7.96 -16.25 -34.61
C PHE C 243 -7.74 -17.39 -35.61
N ASN C 244 -6.59 -17.39 -36.29
CA ASN C 244 -6.32 -18.44 -37.26
C ASN C 244 -6.22 -19.79 -36.59
N ILE C 245 -5.52 -19.85 -35.45
CA ILE C 245 -5.35 -21.10 -34.74
C ILE C 245 -6.70 -21.61 -34.25
N ALA C 246 -7.52 -20.73 -33.67
CA ALA C 246 -8.80 -21.15 -33.14
C ALA C 246 -9.74 -21.61 -34.25
N THR C 247 -9.75 -20.91 -35.38
CA THR C 247 -10.60 -21.26 -36.50
C THR C 247 -9.95 -22.23 -37.47
N GLN C 248 -8.78 -22.76 -37.11
CA GLN C 248 -8.10 -23.79 -37.90
C GLN C 248 -7.78 -23.31 -39.31
N ARG C 249 -7.36 -22.05 -39.42
CA ARG C 249 -6.80 -21.52 -40.65
C ARG C 249 -5.28 -21.71 -40.63
N GLU C 250 -4.69 -21.84 -41.80
CA GLU C 250 -3.26 -22.15 -41.87
C GLU C 250 -2.43 -21.02 -41.26
N ILE C 251 -1.33 -21.40 -40.62
CA ILE C 251 -0.35 -20.47 -40.08
C ILE C 251 1.04 -21.04 -40.36
N LYS C 252 2.04 -20.16 -40.33
CA LYS C 252 3.44 -20.57 -40.40
C LYS C 252 3.93 -20.91 -39.00
N SER C 253 4.63 -22.03 -38.86
CA SER C 253 5.30 -22.40 -37.61
C SER C 253 6.79 -22.14 -37.72
N PHE C 254 7.41 -21.91 -36.57
CA PHE C 254 8.87 -21.81 -36.51
C PHE C 254 9.49 -23.03 -37.19
N PRO C 255 10.58 -22.86 -37.97
CA PRO C 255 11.49 -21.73 -38.15
C PRO C 255 10.98 -20.56 -39.01
N GLU C 256 9.74 -20.65 -39.52
CA GLU C 256 9.16 -19.48 -40.15
C GLU C 256 8.56 -18.57 -39.09
N PHE C 257 8.36 -17.30 -39.47
CA PHE C 257 7.92 -16.27 -38.54
C PHE C 257 7.17 -15.18 -39.31
N TYR C 258 6.54 -14.27 -38.55
CA TYR C 258 5.86 -13.10 -39.10
C TYR C 258 6.57 -11.85 -38.62
N LEU C 259 6.96 -10.98 -39.55
CA LEU C 259 7.63 -9.73 -39.25
C LEU C 259 6.84 -8.59 -39.89
N SER C 260 6.47 -7.61 -39.07
CA SER C 260 5.60 -6.53 -39.49
C SER C 260 6.16 -5.21 -39.00
N SER C 261 6.28 -4.25 -39.91
CA SER C 261 6.78 -2.91 -39.60
C SER C 261 6.28 -1.93 -40.64
N LEU C 262 6.56 -0.64 -40.41
CA LEU C 262 6.13 0.40 -41.34
C LEU C 262 6.59 0.10 -42.77
N GLU C 263 7.79 -0.45 -42.93
CA GLU C 263 8.27 -0.89 -44.24
C GLU C 263 8.02 -2.39 -44.43
N GLY C 264 6.74 -2.77 -44.37
CA GLY C 264 6.35 -4.18 -44.46
C GLY C 264 5.01 -4.54 -43.82
N MET D 15 16.92 11.62 -20.80
CA MET D 15 15.55 11.12 -20.88
C MET D 15 14.92 11.02 -19.48
N LYS D 16 13.72 10.43 -19.42
CA LYS D 16 13.07 10.09 -18.15
C LYS D 16 13.01 8.57 -18.04
N HIS D 17 12.88 8.09 -16.78
CA HIS D 17 12.80 6.65 -16.55
C HIS D 17 11.59 6.03 -17.24
N ARG D 18 10.56 6.83 -17.48
CA ARG D 18 9.40 6.40 -18.25
C ARG D 18 9.79 6.10 -19.70
N TYR D 19 10.72 6.87 -20.26
CA TYR D 19 11.21 6.65 -21.61
C TYR D 19 12.56 5.95 -21.61
N SER D 20 12.92 5.33 -20.49
CA SER D 20 14.21 4.68 -20.35
C SER D 20 14.42 3.64 -21.45
N ARG D 21 13.41 2.83 -21.70
CA ARG D 21 13.53 1.75 -22.67
C ARG D 21 13.43 2.24 -24.12
N ASN D 22 13.31 3.55 -24.33
CA ASN D 22 13.34 4.16 -25.65
C ASN D 22 14.75 4.37 -26.19
N ARG D 23 15.78 4.05 -25.39
CA ARG D 23 17.15 4.40 -25.74
C ARG D 23 17.62 3.69 -27.00
N LEU D 24 18.72 4.20 -27.57
CA LEU D 24 19.29 3.75 -28.83
C LEU D 24 18.36 4.10 -30.00
N TYR D 25 17.08 3.73 -29.90
CA TYR D 25 16.12 4.12 -30.93
C TYR D 25 15.99 5.63 -31.01
N LEU D 26 15.94 6.30 -29.86
CA LEU D 26 15.86 7.75 -29.77
C LEU D 26 17.01 8.27 -28.92
N ASN D 27 17.62 9.37 -29.35
CA ASN D 27 18.58 10.00 -28.47
C ASN D 27 17.87 11.00 -27.57
N PRO D 28 18.51 11.47 -26.49
CA PRO D 28 17.82 12.39 -25.58
C PRO D 28 17.24 13.63 -26.25
N LYS D 29 17.90 14.18 -27.27
CA LYS D 29 17.37 15.39 -27.89
C LYS D 29 16.10 15.12 -28.70
N GLU D 30 16.01 13.94 -29.33
CA GLU D 30 14.80 13.59 -30.06
C GLU D 30 13.63 13.34 -29.12
N GLN D 31 13.88 12.68 -27.99
CA GLN D 31 12.85 12.51 -26.97
C GLN D 31 12.33 13.85 -26.50
N GLU D 32 13.23 14.83 -26.32
CA GLU D 32 12.82 16.17 -25.95
C GLU D 32 12.00 16.81 -27.06
N LEU D 33 12.40 16.58 -28.32
CA LEU D 33 11.74 17.22 -29.45
C LEU D 33 10.27 16.79 -29.56
N ILE D 34 10.00 15.49 -29.47
CA ILE D 34 8.64 15.00 -29.62
C ILE D 34 7.77 15.30 -28.40
N LYS D 35 8.39 15.63 -27.27
CA LYS D 35 7.63 15.95 -26.06
C LYS D 35 6.61 17.05 -26.31
N ASP D 36 7.03 18.12 -26.98
CA ASP D 36 6.21 19.31 -27.18
C ASP D 36 5.73 19.49 -28.61
N TYR D 37 6.10 18.58 -29.52
CA TYR D 37 5.71 18.64 -30.92
C TYR D 37 4.20 18.66 -31.06
N PRO D 38 3.62 19.78 -31.51
CA PRO D 38 2.16 19.94 -31.49
C PRO D 38 1.48 19.07 -32.55
N ILE D 39 0.67 18.12 -32.08
CA ILE D 39 -0.09 17.22 -32.94
C ILE D 39 -1.56 17.61 -32.85
N LEU D 40 -2.22 17.71 -34.00
CA LEU D 40 -3.67 17.84 -34.04
C LEU D 40 -4.24 16.51 -34.53
N LEU D 41 -5.14 15.93 -33.74
CA LEU D 41 -5.79 14.67 -34.10
C LEU D 41 -7.28 14.97 -34.20
N GLY D 42 -7.81 14.87 -35.42
CA GLY D 42 -9.23 15.04 -35.64
C GLY D 42 -9.98 13.73 -35.70
N GLY D 43 -10.75 13.42 -34.66
CA GLY D 43 -11.48 12.17 -34.61
C GLY D 43 -10.86 11.22 -33.60
N ALA D 44 -11.60 10.92 -32.53
CA ALA D 44 -11.12 10.11 -31.42
C ALA D 44 -11.63 8.67 -31.46
N GLY D 45 -11.86 8.13 -32.67
CA GLY D 45 -12.22 6.73 -32.79
C GLY D 45 -10.96 5.91 -32.96
N ILE D 46 -10.61 5.62 -34.21
CA ILE D 46 -9.30 5.07 -34.53
C ILE D 46 -8.19 5.92 -33.94
N GLY D 47 -8.42 7.23 -33.82
CA GLY D 47 -7.42 8.13 -33.25
C GLY D 47 -7.17 7.93 -31.76
N SER D 48 -8.09 7.28 -31.04
CA SER D 48 -7.87 7.04 -29.62
C SER D 48 -6.81 5.94 -29.40
N ILE D 49 -6.72 4.97 -30.30
CA ILE D 49 -5.61 4.03 -30.22
C ILE D 49 -4.30 4.71 -30.58
N ILE D 50 -4.31 5.49 -31.66
CA ILE D 50 -3.13 6.22 -32.11
C ILE D 50 -2.63 7.15 -31.02
N ALA D 51 -3.55 7.83 -30.32
CA ALA D 51 -3.14 8.78 -29.29
C ALA D 51 -2.35 8.10 -28.17
N GLU D 52 -2.84 6.94 -27.70
CA GLU D 52 -2.16 6.27 -26.60
C GLU D 52 -0.79 5.75 -27.02
N CYS D 53 -0.71 5.11 -28.19
CA CYS D 53 0.58 4.58 -28.65
C CYS D 53 1.58 5.71 -28.82
N ALA D 54 1.15 6.83 -29.38
CA ALA D 54 2.07 7.94 -29.57
C ALA D 54 2.41 8.61 -28.25
N LEU D 55 1.44 8.69 -27.34
CA LEU D 55 1.71 9.31 -26.04
C LEU D 55 2.76 8.50 -25.27
N ARG D 56 2.59 7.18 -25.23
CA ARG D 56 3.58 6.34 -24.52
C ARG D 56 4.96 6.45 -25.15
N PHE D 57 5.01 6.60 -26.48
CA PHE D 57 6.26 6.81 -27.22
C PHE D 57 6.95 8.10 -26.78
N GLY D 58 6.20 9.13 -26.42
CA GLY D 58 6.78 10.39 -25.96
C GLY D 58 6.16 11.64 -26.53
N PHE D 59 5.17 11.48 -27.41
CA PHE D 59 4.43 12.63 -27.95
C PHE D 59 3.43 13.10 -26.90
N GLU D 60 3.76 14.20 -26.21
CA GLU D 60 2.98 14.62 -25.06
C GLU D 60 2.10 15.83 -25.32
N ASN D 61 2.06 16.33 -26.56
CA ASN D 61 1.33 17.54 -26.92
C ASN D 61 0.32 17.16 -28.00
N ILE D 62 -0.89 16.80 -27.59
CA ILE D 62 -1.88 16.27 -28.51
C ILE D 62 -3.17 17.07 -28.35
N THR D 63 -3.69 17.58 -29.45
CA THR D 63 -4.99 18.22 -29.49
C THR D 63 -5.97 17.24 -30.12
N ILE D 64 -7.10 17.00 -29.46
CA ILE D 64 -8.09 16.04 -29.93
C ILE D 64 -9.43 16.75 -30.09
N VAL D 65 -10.01 16.62 -31.28
CA VAL D 65 -11.30 17.22 -31.61
C VAL D 65 -12.22 16.11 -32.09
N ASP D 66 -13.36 15.97 -31.45
CA ASP D 66 -14.37 14.98 -31.82
C ASP D 66 -15.64 15.34 -31.07
N GLY D 67 -16.79 15.17 -31.72
CA GLY D 67 -18.05 15.49 -31.08
C GLY D 67 -18.89 14.29 -30.70
N ASP D 68 -18.41 13.09 -31.00
CA ASP D 68 -19.19 11.88 -30.75
C ASP D 68 -19.11 11.46 -29.29
N HIS D 69 -20.06 10.62 -28.91
CA HIS D 69 -20.04 9.89 -27.65
C HIS D 69 -19.65 8.44 -27.88
N VAL D 70 -19.25 7.78 -26.81
CA VAL D 70 -18.81 6.39 -26.87
C VAL D 70 -20.03 5.47 -26.96
N GLU D 71 -20.01 4.56 -27.94
CA GLU D 71 -21.05 3.57 -28.11
C GLU D 71 -20.51 2.18 -27.78
N ASN D 72 -21.43 1.26 -27.50
CA ASN D 72 -21.06 -0.11 -27.19
C ASN D 72 -20.21 -0.70 -28.32
N SER D 73 -20.63 -0.46 -29.57
CA SER D 73 -19.95 -0.99 -30.75
C SER D 73 -18.56 -0.42 -30.92
N ASN D 74 -18.18 0.64 -30.19
CA ASN D 74 -16.81 1.13 -30.28
C ASN D 74 -15.81 0.21 -29.60
N LEU D 75 -16.27 -0.60 -28.63
CA LEU D 75 -15.37 -1.30 -27.73
C LEU D 75 -14.56 -2.41 -28.41
N ASN D 76 -14.88 -2.77 -29.65
CA ASN D 76 -14.14 -3.83 -30.33
C ASN D 76 -12.83 -3.34 -30.95
N ARG D 77 -12.54 -2.03 -30.92
CA ARG D 77 -11.37 -1.52 -31.63
C ARG D 77 -10.93 -0.13 -31.16
N GLN D 78 -11.65 0.49 -30.23
CA GLN D 78 -11.32 1.84 -29.81
C GLN D 78 -10.98 1.88 -28.32
N ASN D 79 -10.31 2.96 -27.92
CA ASN D 79 -9.65 3.03 -26.64
C ASN D 79 -10.60 3.51 -25.54
N TYR D 80 -11.66 2.74 -25.34
CA TYR D 80 -12.69 3.07 -24.34
C TYR D 80 -13.08 1.82 -23.56
N THR D 81 -13.75 2.06 -22.44
CA THR D 81 -14.19 1.06 -21.49
C THR D 81 -15.71 1.06 -21.41
N GLU D 82 -16.26 0.08 -20.69
CA GLU D 82 -17.70 0.04 -20.48
C GLU D 82 -18.18 1.30 -19.75
N GLY D 83 -17.37 1.80 -18.82
CA GLY D 83 -17.74 3.01 -18.09
C GLY D 83 -17.72 4.27 -18.92
N ASP D 84 -17.01 4.25 -20.04
CA ASP D 84 -16.95 5.40 -20.93
C ASP D 84 -18.18 5.53 -21.81
N VAL D 85 -19.00 4.48 -21.94
CA VAL D 85 -20.11 4.52 -22.88
C VAL D 85 -21.08 5.62 -22.49
N SER D 86 -21.47 6.44 -23.47
CA SER D 86 -22.34 7.61 -23.39
C SER D 86 -21.59 8.87 -22.98
N VAL D 87 -20.28 8.82 -22.82
CA VAL D 87 -19.48 10.00 -22.51
C VAL D 87 -18.86 10.52 -23.81
N ASN D 88 -18.60 11.83 -23.85
CA ASN D 88 -17.87 12.42 -24.97
C ASN D 88 -16.60 11.65 -25.20
N LYS D 89 -16.38 11.20 -26.44
CA LYS D 89 -15.15 10.47 -26.72
C LYS D 89 -13.92 11.25 -26.26
N VAL D 90 -13.91 12.57 -26.46
CA VAL D 90 -12.72 13.35 -26.15
C VAL D 90 -12.47 13.34 -24.63
N GLU D 91 -13.55 13.37 -23.83
CA GLU D 91 -13.42 13.35 -22.38
C GLU D 91 -12.85 12.02 -21.90
N ALA D 92 -13.35 10.91 -22.45
CA ALA D 92 -12.90 9.60 -22.00
C ALA D 92 -11.46 9.35 -22.41
N ILE D 93 -11.09 9.70 -23.64
CA ILE D 93 -9.73 9.43 -24.08
C ILE D 93 -8.74 10.32 -23.33
N LYS D 94 -9.17 11.52 -22.92
CA LYS D 94 -8.29 12.37 -22.11
C LYS D 94 -8.05 11.76 -20.75
N ALA D 95 -9.08 11.14 -20.17
CA ALA D 95 -8.92 10.43 -18.89
C ALA D 95 -7.87 9.32 -19.01
N ARG D 96 -7.97 8.48 -20.04
CA ARG D 96 -6.97 7.43 -20.24
C ARG D 96 -5.58 8.03 -20.40
N LEU D 97 -5.44 9.01 -21.30
CA LEU D 97 -4.12 9.55 -21.57
C LEU D 97 -3.53 10.23 -20.34
N LYS D 98 -4.34 10.98 -19.61
CA LYS D 98 -3.79 11.68 -18.47
C LYS D 98 -3.50 10.74 -17.31
N SER D 99 -4.15 9.56 -17.28
CA SER D 99 -3.77 8.55 -16.30
C SER D 99 -2.47 7.83 -16.71
N ILE D 100 -2.14 7.82 -18.00
CA ILE D 100 -0.83 7.32 -18.42
C ILE D 100 0.25 8.34 -18.12
N ASN D 101 -0.02 9.62 -18.36
CA ASN D 101 0.99 10.66 -18.18
C ASN D 101 0.30 11.92 -17.66
N SER D 102 0.42 12.18 -16.36
CA SER D 102 -0.26 13.30 -15.73
C SER D 102 0.26 14.63 -16.26
N LYS D 103 1.57 14.71 -16.52
CA LYS D 103 2.14 15.96 -17.01
C LYS D 103 2.01 16.14 -18.53
N ALA D 104 1.31 15.24 -19.22
CA ALA D 104 1.15 15.38 -20.66
C ALA D 104 0.15 16.49 -20.96
N ASN D 105 0.32 17.09 -22.14
CA ASN D 105 -0.47 18.23 -22.58
C ASN D 105 -1.53 17.75 -23.58
N ILE D 106 -2.67 17.31 -23.06
CA ILE D 106 -3.76 16.76 -23.87
C ILE D 106 -4.89 17.78 -23.85
N LYS D 107 -5.08 18.51 -24.96
CA LYS D 107 -6.14 19.51 -25.06
C LYS D 107 -7.26 18.96 -25.93
N ILE D 108 -8.48 18.95 -25.40
CA ILE D 108 -9.62 18.34 -26.09
C ILE D 108 -10.65 19.40 -26.43
N HIS D 109 -11.48 19.08 -27.41
CA HIS D 109 -12.56 19.97 -27.84
C HIS D 109 -13.74 19.10 -28.23
N ASN D 110 -14.83 19.17 -27.44
CA ASN D 110 -16.02 18.36 -27.71
C ASN D 110 -16.91 19.13 -28.68
N CYS D 111 -16.47 19.14 -29.92
CA CYS D 111 -17.20 19.83 -30.97
C CYS D 111 -16.84 19.19 -32.30
N PHE D 112 -17.77 19.27 -33.25
CA PHE D 112 -17.50 18.86 -34.62
C PHE D 112 -16.81 19.99 -35.38
N LEU D 113 -15.96 19.59 -36.33
CA LEU D 113 -15.28 20.55 -37.17
C LEU D 113 -16.20 20.94 -38.32
N THR D 114 -16.26 22.24 -38.60
CA THR D 114 -17.07 22.81 -39.66
C THR D 114 -16.21 23.69 -40.55
N SER D 115 -16.80 24.11 -41.67
CA SER D 115 -16.07 25.00 -42.57
C SER D 115 -15.62 26.28 -41.87
N ASP D 116 -16.33 26.70 -40.83
CA ASP D 116 -16.05 27.95 -40.15
C ASP D 116 -14.99 27.83 -39.06
N ASN D 117 -14.93 26.71 -38.35
CA ASN D 117 -14.01 26.61 -37.22
C ASN D 117 -12.75 25.82 -37.52
N VAL D 118 -12.69 25.11 -38.66
CA VAL D 118 -11.61 24.14 -38.85
C VAL D 118 -10.26 24.80 -39.03
N GLU D 119 -10.21 26.00 -39.62
CA GLU D 119 -8.92 26.65 -39.84
C GLU D 119 -8.29 27.08 -38.51
N GLU D 120 -9.11 27.58 -37.59
CA GLU D 120 -8.57 28.04 -36.31
C GLU D 120 -8.01 26.88 -35.49
N TYR D 121 -8.61 25.69 -35.60
CA TYR D 121 -8.08 24.54 -34.88
C TYR D 121 -6.73 24.10 -35.43
N ILE D 122 -6.59 24.09 -36.77
CA ILE D 122 -5.35 23.62 -37.38
C ILE D 122 -4.20 24.55 -37.01
N LYS D 123 -4.44 25.85 -36.94
CA LYS D 123 -3.41 26.82 -36.61
C LYS D 123 -2.69 26.45 -35.32
N GLY D 124 -1.35 26.45 -35.38
CA GLY D 124 -0.52 26.23 -34.22
C GLY D 124 0.06 24.84 -34.07
N HIS D 125 -0.29 23.90 -34.94
CA HIS D 125 0.21 22.54 -34.87
C HIS D 125 1.22 22.31 -35.99
N LYS D 126 2.16 21.39 -35.75
CA LYS D 126 3.17 21.02 -36.73
C LYS D 126 2.79 19.83 -37.59
N VAL D 127 1.87 18.98 -37.14
CA VAL D 127 1.46 17.80 -37.90
C VAL D 127 0.03 17.46 -37.50
N ALA D 128 -0.71 16.87 -38.43
CA ALA D 128 -2.12 16.58 -38.23
C ALA D 128 -2.45 15.15 -38.63
N ILE D 129 -3.45 14.61 -37.95
CA ILE D 129 -3.99 13.29 -38.23
C ILE D 129 -5.46 13.46 -38.61
N ASN D 130 -5.80 13.15 -39.85
CA ASN D 130 -7.17 13.27 -40.34
C ASN D 130 -7.85 11.90 -40.21
N ALA D 131 -8.63 11.75 -39.15
CA ALA D 131 -9.43 10.56 -38.91
C ALA D 131 -10.91 10.93 -38.89
N LEU D 132 -11.31 11.78 -39.82
CA LEU D 132 -12.66 12.30 -39.87
C LEU D 132 -13.54 11.45 -40.78
N ASP D 133 -14.75 11.16 -40.33
CA ASP D 133 -15.73 10.49 -41.17
C ASP D 133 -15.93 11.25 -42.48
N PHE D 134 -16.06 10.50 -43.56
CA PHE D 134 -16.28 11.10 -44.87
C PHE D 134 -17.67 11.65 -45.01
N SER D 135 -18.50 11.63 -43.96
CA SER D 135 -19.83 12.22 -44.06
C SER D 135 -19.85 13.70 -43.70
N SER D 136 -18.82 14.21 -43.02
CA SER D 136 -18.69 15.66 -42.90
C SER D 136 -18.28 16.27 -44.24
N GLU D 137 -18.32 17.60 -44.31
CA GLU D 137 -17.88 18.28 -45.52
C GLU D 137 -16.40 18.68 -45.40
N VAL D 138 -15.92 18.71 -44.17
CA VAL D 138 -14.62 19.25 -43.78
C VAL D 138 -13.44 18.29 -43.93
N PRO D 139 -13.61 17.00 -44.23
CA PRO D 139 -12.40 16.15 -44.31
C PRO D 139 -11.42 16.60 -45.36
N LEU D 140 -11.89 16.93 -46.57
CA LEU D 140 -10.97 17.37 -47.61
C LEU D 140 -10.53 18.82 -47.41
N LEU D 141 -11.41 19.67 -46.88
CA LEU D 141 -11.02 21.04 -46.55
C LEU D 141 -9.93 21.06 -45.48
N PHE D 142 -10.08 20.19 -44.48
CA PHE D 142 -9.06 19.99 -43.45
C PHE D 142 -7.68 19.82 -44.08
N ASP D 143 -7.59 18.96 -45.10
CA ASP D 143 -6.31 18.69 -45.73
C ASP D 143 -5.81 19.91 -46.50
N GLU D 144 -6.71 20.56 -47.24
CA GLU D 144 -6.31 21.71 -48.04
C GLU D 144 -5.73 22.80 -47.15
N ILE D 145 -6.36 23.06 -46.01
CA ILE D 145 -5.86 24.10 -45.12
C ILE D 145 -4.50 23.68 -44.56
N CYS D 146 -4.35 22.39 -44.20
CA CYS D 146 -3.07 21.90 -43.71
C CYS D 146 -1.99 22.02 -44.78
N GLN D 147 -2.30 21.64 -46.02
CA GLN D 147 -1.34 21.84 -47.11
C GLN D 147 -0.96 23.31 -47.22
N LYS D 148 -1.97 24.19 -47.25
CA LYS D 148 -1.73 25.62 -47.35
C LYS D 148 -0.82 26.11 -46.22
N MET D 149 -0.85 25.44 -45.06
CA MET D 149 -0.09 25.86 -43.89
C MET D 149 1.18 25.03 -43.66
N ASP D 150 1.59 24.20 -44.63
CA ASP D 150 2.77 23.33 -44.48
C ASP D 150 2.65 22.34 -43.33
N ILE D 151 1.46 21.80 -43.10
CA ILE D 151 1.21 20.79 -42.09
C ILE D 151 0.93 19.47 -42.79
N PRO D 152 1.82 18.47 -42.69
CA PRO D 152 1.53 17.15 -43.26
C PRO D 152 0.39 16.47 -42.52
N VAL D 153 -0.38 15.69 -43.27
CA VAL D 153 -1.60 15.07 -42.79
C VAL D 153 -1.51 13.56 -42.91
N LEU D 154 -1.71 12.86 -41.80
CA LEU D 154 -1.78 11.41 -41.77
C LEU D 154 -3.24 10.96 -41.96
N HIS D 155 -3.45 10.04 -42.90
CA HIS D 155 -4.76 9.41 -43.07
C HIS D 155 -4.64 7.94 -42.69
N PRO D 156 -5.02 7.56 -41.47
CA PRO D 156 -5.02 6.14 -41.07
C PRO D 156 -6.34 5.46 -41.36
N TYR D 157 -6.25 4.19 -41.78
CA TYR D 157 -7.44 3.40 -42.04
C TYR D 157 -7.30 2.02 -41.39
N ASN D 158 -8.43 1.49 -40.92
CA ASN D 158 -8.53 0.17 -40.29
C ASN D 158 -9.05 -0.78 -41.36
N LEU D 159 -8.15 -1.57 -41.94
CA LEU D 159 -8.53 -2.55 -42.95
C LEU D 159 -8.72 -3.92 -42.32
N GLY D 160 -9.23 -3.96 -41.10
CA GLY D 160 -9.49 -5.20 -40.40
C GLY D 160 -8.22 -5.90 -39.97
N TRP D 161 -7.71 -6.73 -40.88
CA TRP D 161 -6.43 -7.38 -40.63
C TRP D 161 -5.26 -6.44 -40.86
N GLY D 162 -5.44 -5.35 -41.59
CA GLY D 162 -4.34 -4.47 -41.95
C GLY D 162 -4.53 -3.06 -41.42
N GLY D 163 -3.42 -2.37 -41.23
CA GLY D 163 -3.42 -0.94 -40.97
C GLY D 163 -2.85 -0.25 -42.19
N LEU D 164 -3.49 0.85 -42.60
CA LEU D 164 -3.10 1.64 -43.76
C LEU D 164 -2.92 3.08 -43.33
N VAL D 165 -1.78 3.68 -43.67
CA VAL D 165 -1.56 5.11 -43.48
C VAL D 165 -1.00 5.71 -44.76
N THR D 166 -1.57 6.83 -45.19
CA THR D 166 -0.99 7.63 -46.27
C THR D 166 -0.85 9.06 -45.78
N ILE D 167 0.22 9.74 -46.20
CA ILE D 167 0.53 11.09 -45.76
C ILE D 167 0.32 12.05 -46.92
N ILE D 168 -0.53 13.05 -46.72
CA ILE D 168 -0.70 14.14 -47.68
C ILE D 168 0.41 15.15 -47.42
N SER D 169 1.32 15.32 -48.40
CA SER D 169 2.36 16.30 -48.13
C SER D 169 1.94 17.69 -48.62
N PRO D 170 2.47 18.75 -47.99
CA PRO D 170 2.02 20.11 -48.36
C PRO D 170 2.14 20.40 -49.85
N LYS D 171 3.23 19.99 -50.49
CA LYS D 171 3.43 20.25 -51.91
C LYS D 171 3.06 19.08 -52.79
N GLY D 172 2.37 18.05 -52.27
CA GLY D 172 2.05 16.87 -53.02
C GLY D 172 0.56 16.74 -53.34
N LEU D 173 0.22 15.62 -53.96
CA LEU D 173 -1.16 15.35 -54.33
C LEU D 173 -2.05 15.24 -53.10
N SER D 174 -3.31 15.63 -53.26
CA SER D 174 -4.32 15.43 -52.24
C SER D 174 -5.14 14.18 -52.56
N LEU D 175 -5.93 13.74 -51.58
CA LEU D 175 -6.71 12.51 -51.75
C LEU D 175 -7.72 12.57 -52.89
N ASN D 176 -8.14 13.77 -53.32
CA ASN D 176 -9.11 13.88 -54.42
C ASN D 176 -8.68 13.06 -55.63
N SER D 177 -7.37 12.99 -55.90
CA SER D 177 -6.83 12.32 -57.07
C SER D 177 -7.30 10.88 -57.23
N ILE D 178 -7.78 10.26 -56.15
CA ILE D 178 -8.28 8.89 -56.23
C ILE D 178 -9.79 8.85 -56.43
N ALA D 179 -10.46 9.98 -56.30
CA ALA D 179 -11.89 10.10 -56.53
C ALA D 179 -12.16 10.11 -58.02
N LYS D 180 -13.32 9.59 -58.40
CA LYS D 180 -13.69 9.49 -59.79
C LYS D 180 -14.43 10.75 -60.21
N LYS D 181 -14.10 11.27 -61.40
CA LYS D 181 -14.69 12.53 -61.88
C LYS D 181 -16.20 12.45 -61.97
N GLY D 182 -16.89 13.06 -61.01
CA GLY D 182 -18.33 13.18 -61.02
C GLY D 182 -19.03 12.50 -59.86
N GLU D 183 -18.35 11.66 -59.12
CA GLU D 183 -19.00 10.96 -58.01
C GLU D 183 -18.23 11.21 -56.72
N LYS D 184 -18.92 10.97 -55.61
CA LYS D 184 -18.41 11.24 -54.27
C LYS D 184 -17.24 10.33 -53.92
N PHE D 185 -16.46 10.80 -52.95
CA PHE D 185 -15.25 10.16 -52.50
C PHE D 185 -15.45 9.68 -51.07
N ASN D 186 -15.18 8.39 -50.82
CA ASN D 186 -15.30 7.83 -49.47
C ASN D 186 -14.11 6.90 -49.24
N GLU D 187 -14.16 6.15 -48.14
CA GLU D 187 -13.03 5.29 -47.82
C GLU D 187 -12.92 4.11 -48.78
N LEU D 188 -14.05 3.69 -49.38
CA LEU D 188 -14.00 2.58 -50.33
C LEU D 188 -13.13 2.93 -51.54
N ASN D 189 -13.10 4.21 -51.92
CA ASN D 189 -12.17 4.63 -52.98
C ASN D 189 -10.73 4.44 -52.53
N VAL D 190 -10.43 4.75 -51.27
CA VAL D 190 -9.06 4.62 -50.78
C VAL D 190 -8.62 3.16 -50.77
N VAL D 191 -9.47 2.29 -50.25
CA VAL D 191 -9.08 0.89 -50.10
C VAL D 191 -9.03 0.20 -51.46
N GLU D 192 -9.97 0.54 -52.36
CA GLU D 192 -9.92 -0.03 -53.69
C GLU D 192 -8.67 0.41 -54.44
N TYR D 193 -8.20 1.64 -54.20
CA TYR D 193 -6.95 2.08 -54.77
C TYR D 193 -5.76 1.29 -54.21
N VAL D 194 -5.73 1.07 -52.89
CA VAL D 194 -4.62 0.35 -52.27
C VAL D 194 -4.56 -1.09 -52.78
N SER D 195 -5.70 -1.77 -52.79
CA SER D 195 -5.75 -3.14 -53.27
C SER D 195 -5.27 -3.21 -54.73
N SER D 196 -5.77 -2.31 -55.57
CA SER D 196 -5.34 -2.29 -56.96
C SER D 196 -3.86 -1.98 -57.10
N TYR D 197 -3.35 -1.04 -56.31
CA TYR D 197 -1.94 -0.67 -56.36
C TYR D 197 -1.05 -1.84 -55.97
N MET D 198 -1.38 -2.54 -54.88
CA MET D 198 -0.58 -3.69 -54.45
C MET D 198 -0.55 -4.76 -55.53
N ARG D 199 -1.69 -5.08 -56.13
CA ARG D 199 -1.74 -6.10 -57.17
C ARG D 199 -0.92 -5.66 -58.38
N PHE D 200 -0.94 -4.36 -58.71
CA PHE D 200 -0.14 -3.90 -59.84
C PHE D 200 1.33 -4.25 -59.63
N TRP D 201 1.82 -4.11 -58.41
CA TRP D 201 3.23 -4.29 -58.14
C TRP D 201 3.60 -5.71 -57.74
N GLY D 202 2.73 -6.69 -58.02
CA GLY D 202 3.05 -8.07 -57.77
C GLY D 202 2.87 -8.53 -56.34
N LYS D 203 2.26 -7.72 -55.48
CA LYS D 203 1.97 -8.10 -54.09
C LYS D 203 0.46 -8.03 -53.84
N PRO D 204 -0.35 -8.79 -54.57
CA PRO D 204 -1.80 -8.73 -54.34
C PRO D 204 -2.17 -9.06 -52.91
N GLN D 205 -3.11 -8.28 -52.37
CA GLN D 205 -3.63 -8.51 -51.03
C GLN D 205 -4.99 -9.18 -51.19
N GLU D 206 -4.96 -10.52 -51.26
CA GLU D 206 -6.18 -11.28 -51.52
C GLU D 206 -7.16 -11.18 -50.35
N TRP D 207 -6.64 -11.08 -49.12
CA TRP D 207 -7.51 -10.83 -47.97
C TRP D 207 -8.24 -9.51 -48.12
N LEU D 208 -7.54 -8.47 -48.61
CA LEU D 208 -8.15 -7.16 -48.75
C LEU D 208 -9.19 -7.16 -49.87
N GLU D 209 -8.87 -7.78 -51.00
CA GLU D 209 -9.84 -7.86 -52.09
C GLU D 209 -11.08 -8.63 -51.66
N ASP D 210 -10.89 -9.64 -50.80
CA ASP D 210 -12.00 -10.48 -50.36
C ASP D 210 -12.99 -9.67 -49.54
N ILE D 211 -12.49 -8.88 -48.58
CA ILE D 211 -13.38 -8.10 -47.73
C ILE D 211 -14.03 -6.95 -48.49
N ILE D 212 -13.32 -6.35 -49.47
CA ILE D 212 -13.94 -5.33 -50.32
C ILE D 212 -15.11 -5.93 -51.08
N TYR D 213 -14.92 -7.11 -51.66
CA TYR D 213 -15.99 -7.76 -52.41
C TYR D 213 -17.19 -8.03 -51.51
N LYS D 214 -16.95 -8.59 -50.32
CA LYS D 214 -18.04 -8.84 -49.39
C LYS D 214 -18.76 -7.55 -49.02
N PHE D 215 -18.01 -6.47 -48.74
CA PHE D 215 -18.66 -5.25 -48.27
C PHE D 215 -19.51 -4.62 -49.36
N LYS D 216 -19.01 -4.58 -50.60
CA LYS D 216 -19.78 -4.00 -51.68
C LYS D 216 -21.06 -4.78 -51.93
N ASN D 217 -20.98 -6.11 -51.89
CA ASN D 217 -22.13 -6.98 -52.14
C ASN D 217 -23.03 -7.17 -50.92
N GLU D 218 -22.90 -6.35 -49.90
CA GLU D 218 -23.88 -6.36 -48.81
C GLU D 218 -25.18 -5.73 -49.28
N ARG D 219 -26.29 -6.42 -49.02
CA ARG D 219 -27.61 -5.87 -49.33
C ARG D 219 -27.84 -4.56 -48.59
N GLU D 220 -27.73 -4.61 -47.27
CA GLU D 220 -27.97 -3.43 -46.44
C GLU D 220 -26.82 -2.45 -46.55
N LYS D 221 -27.15 -1.18 -46.35
CA LYS D 221 -26.16 -0.10 -46.33
C LYS D 221 -25.73 0.08 -44.88
N LEU D 222 -24.52 -0.37 -44.56
CA LEU D 222 -24.00 -0.35 -43.20
C LEU D 222 -22.62 0.30 -43.18
N SER D 223 -22.15 0.63 -41.98
CA SER D 223 -20.80 1.15 -41.85
C SER D 223 -19.79 0.05 -42.16
N PRO D 224 -18.61 0.41 -42.66
CA PRO D 224 -17.60 -0.62 -42.94
C PRO D 224 -17.22 -1.37 -41.68
N PRO D 225 -16.99 -2.67 -41.77
CA PRO D 225 -16.47 -3.40 -40.61
C PRO D 225 -15.03 -3.03 -40.31
N GLN D 226 -14.67 -3.14 -39.03
CA GLN D 226 -13.29 -2.92 -38.61
C GLN D 226 -12.96 -3.85 -37.44
N LEU D 227 -11.67 -4.18 -37.32
CA LEU D 227 -11.19 -5.04 -36.25
C LEU D 227 -10.15 -4.33 -35.42
N SER D 228 -9.99 -4.82 -34.17
CA SER D 228 -8.93 -4.31 -33.31
C SER D 228 -7.55 -4.58 -33.90
N VAL D 229 -7.43 -5.64 -34.69
CA VAL D 229 -6.14 -5.96 -35.30
C VAL D 229 -5.64 -4.77 -36.10
N GLY D 230 -6.49 -4.23 -36.98
CA GLY D 230 -6.07 -3.10 -37.81
C GLY D 230 -5.80 -1.84 -37.01
N SER D 231 -6.64 -1.57 -36.00
CA SER D 231 -6.47 -0.37 -35.19
C SER D 231 -5.12 -0.36 -34.49
N TRP D 232 -4.78 -1.49 -33.85
CA TRP D 232 -3.52 -1.58 -33.10
C TRP D 232 -2.33 -1.47 -34.04
N VAL D 233 -2.39 -2.11 -35.20
CA VAL D 233 -1.29 -2.02 -36.16
C VAL D 233 -1.15 -0.59 -36.66
N VAL D 234 -2.27 0.05 -37.02
CA VAL D 234 -2.21 1.38 -37.61
C VAL D 234 -1.75 2.39 -36.57
N ALA D 235 -2.04 2.15 -35.28
CA ALA D 235 -1.54 3.02 -34.22
C ALA D 235 -0.01 3.00 -34.17
N GLY D 236 0.58 1.82 -34.32
CA GLY D 236 2.03 1.73 -34.35
C GLY D 236 2.61 2.40 -35.58
N MET D 237 2.00 2.18 -36.74
CA MET D 237 2.45 2.84 -37.96
C MET D 237 2.41 4.35 -37.81
N CYS D 238 1.31 4.89 -37.28
CA CYS D 238 1.19 6.34 -37.12
C CYS D 238 2.27 6.88 -36.19
N THR D 239 2.50 6.18 -35.08
CA THR D 239 3.50 6.67 -34.14
C THR D 239 4.87 6.71 -34.79
N HIS D 240 5.21 5.67 -35.55
CA HIS D 240 6.47 5.64 -36.30
C HIS D 240 6.54 6.82 -37.27
N ILE D 241 5.45 7.06 -38.02
CA ILE D 241 5.42 8.15 -39.00
C ILE D 241 5.55 9.50 -38.33
N LEU D 242 4.86 9.71 -37.20
CA LEU D 242 5.03 10.96 -36.47
C LEU D 242 6.49 11.18 -36.12
N PHE D 243 7.18 10.15 -35.65
CA PHE D 243 8.58 10.31 -35.27
C PHE D 243 9.42 10.74 -36.47
N ASN D 244 9.21 10.12 -37.62
CA ASN D 244 9.98 10.48 -38.81
C ASN D 244 9.70 11.91 -39.25
N ILE D 245 8.42 12.32 -39.20
CA ILE D 245 8.07 13.67 -39.58
C ILE D 245 8.71 14.67 -38.61
N ALA D 246 8.64 14.38 -37.31
CA ALA D 246 9.19 15.31 -36.35
C ALA D 246 10.72 15.35 -36.42
N THR D 247 11.36 14.21 -36.61
CA THR D 247 12.82 14.20 -36.71
C THR D 247 13.28 14.40 -38.14
N GLN D 248 12.37 14.69 -39.06
CA GLN D 248 12.70 15.03 -40.45
C GLN D 248 13.46 13.90 -41.13
N ARG D 249 13.04 12.67 -40.88
CA ARG D 249 13.47 11.53 -41.65
C ARG D 249 12.51 11.36 -42.83
N GLU D 250 12.99 10.75 -43.90
CA GLU D 250 12.17 10.63 -45.10
C GLU D 250 10.93 9.79 -44.83
N ILE D 251 9.84 10.16 -45.49
CA ILE D 251 8.60 9.38 -45.49
C ILE D 251 8.06 9.37 -46.92
N LYS D 252 7.23 8.38 -47.20
CA LYS D 252 6.50 8.35 -48.45
C LYS D 252 5.27 9.24 -48.32
N SER D 253 5.02 10.06 -49.33
CA SER D 253 3.80 10.84 -49.35
C SER D 253 2.82 10.22 -50.33
N PHE D 254 1.54 10.47 -50.08
CA PHE D 254 0.53 10.14 -51.06
C PHE D 254 0.93 10.75 -52.40
N PRO D 255 0.77 10.02 -53.52
CA PRO D 255 0.04 8.78 -53.78
C PRO D 255 0.68 7.49 -53.25
N GLU D 256 1.82 7.57 -52.59
CA GLU D 256 2.36 6.37 -51.93
C GLU D 256 1.75 6.20 -50.54
N PHE D 257 1.86 4.99 -50.00
CA PHE D 257 1.21 4.70 -48.73
C PHE D 257 1.98 3.60 -48.00
N TYR D 258 1.58 3.37 -46.75
CA TYR D 258 2.10 2.29 -45.94
C TYR D 258 0.97 1.33 -45.63
N LEU D 259 1.17 0.05 -45.94
CA LEU D 259 0.21 -1.01 -45.65
C LEU D 259 0.90 -2.09 -44.84
N SER D 260 0.36 -2.39 -43.67
CA SER D 260 1.00 -3.33 -42.76
C SER D 260 0.01 -4.38 -42.30
N SER D 261 0.40 -5.64 -42.40
CA SER D 261 -0.46 -6.75 -42.03
C SER D 261 0.39 -7.96 -41.68
N LEU D 262 -0.25 -8.98 -41.12
CA LEU D 262 0.42 -10.23 -40.83
C LEU D 262 1.05 -10.83 -42.09
N GLU D 263 0.37 -10.64 -43.24
CA GLU D 263 0.71 -11.10 -44.60
C GLU D 263 0.33 -12.56 -44.80
N GLY D 264 -0.58 -13.10 -43.98
CA GLY D 264 -0.97 -14.50 -44.06
C GLY D 264 -1.52 -15.10 -42.77
N LYS E 16 -5.58 -46.37 0.66
CA LYS E 16 -4.18 -46.54 0.34
C LYS E 16 -3.41 -46.88 1.63
N HIS E 17 -2.21 -47.45 1.51
CA HIS E 17 -1.42 -47.77 2.71
C HIS E 17 -1.13 -46.55 3.57
N ARG E 18 -1.13 -45.35 2.99
CA ARG E 18 -1.01 -44.12 3.77
C ARG E 18 -2.19 -43.94 4.72
N TYR E 19 -3.38 -44.41 4.33
CA TYR E 19 -4.57 -44.30 5.16
C TYR E 19 -4.93 -45.61 5.85
N SER E 20 -3.97 -46.53 5.98
CA SER E 20 -4.23 -47.82 6.61
C SER E 20 -4.72 -47.63 8.06
N ARG E 21 -4.07 -46.75 8.81
CA ARG E 21 -4.47 -46.55 10.19
C ARG E 21 -5.73 -45.71 10.34
N ASN E 22 -6.33 -45.28 9.22
CA ASN E 22 -7.60 -44.59 9.26
C ASN E 22 -8.79 -45.53 9.36
N ARG E 23 -8.55 -46.84 9.32
CA ARG E 23 -9.65 -47.79 9.25
C ARG E 23 -10.49 -47.74 10.52
N LEU E 24 -11.67 -48.37 10.44
CA LEU E 24 -12.67 -48.37 11.50
C LEU E 24 -13.28 -46.98 11.67
N TYR E 25 -12.42 -45.95 11.81
CA TYR E 25 -12.90 -44.57 11.85
C TYR E 25 -13.51 -44.16 10.51
N LEU E 26 -12.87 -44.52 9.40
CA LEU E 26 -13.37 -44.24 8.06
C LEU E 26 -13.47 -45.52 7.26
N ASN E 27 -14.55 -45.66 6.50
CA ASN E 27 -14.65 -46.73 5.52
C ASN E 27 -14.06 -46.27 4.19
N PRO E 28 -13.79 -47.20 3.27
CA PRO E 28 -13.16 -46.80 2.00
C PRO E 28 -13.92 -45.72 1.24
N LYS E 29 -15.25 -45.74 1.27
CA LYS E 29 -16.02 -44.74 0.53
C LYS E 29 -15.91 -43.36 1.15
N GLU E 30 -15.80 -43.26 2.47
CA GLU E 30 -15.60 -41.96 3.10
C GLU E 30 -14.19 -41.43 2.84
N GLN E 31 -13.19 -42.31 2.93
CA GLN E 31 -11.82 -41.92 2.59
C GLN E 31 -11.74 -41.45 1.14
N GLU E 32 -12.43 -42.17 0.25
CA GLU E 32 -12.51 -41.78 -1.15
C GLU E 32 -13.22 -40.45 -1.31
N LEU E 33 -14.33 -40.26 -0.59
CA LEU E 33 -15.12 -39.04 -0.74
C LEU E 33 -14.33 -37.81 -0.31
N ILE E 34 -13.65 -37.87 0.83
CA ILE E 34 -12.93 -36.68 1.28
C ILE E 34 -11.70 -36.43 0.42
N LYS E 35 -11.26 -37.43 -0.34
CA LYS E 35 -10.08 -37.27 -1.18
C LYS E 35 -10.21 -36.08 -2.12
N ASP E 36 -11.39 -35.94 -2.75
CA ASP E 36 -11.64 -34.91 -3.74
C ASP E 36 -12.55 -33.80 -3.27
N TYR E 37 -13.06 -33.86 -2.03
CA TYR E 37 -13.94 -32.82 -1.49
C TYR E 37 -13.23 -31.46 -1.52
N PRO E 38 -13.69 -30.53 -2.36
CA PRO E 38 -12.95 -29.27 -2.57
C PRO E 38 -13.12 -28.34 -1.38
N ILE E 39 -12.00 -28.04 -0.72
CA ILE E 39 -11.95 -27.16 0.45
C ILE E 39 -11.31 -25.84 0.05
N LEU E 40 -11.92 -24.74 0.47
CA LEU E 40 -11.29 -23.43 0.32
C LEU E 40 -10.76 -22.94 1.66
N LEU E 41 -9.49 -22.54 1.67
CA LEU E 41 -8.82 -22.01 2.85
C LEU E 41 -8.47 -20.55 2.57
N GLY E 42 -9.14 -19.65 3.29
CA GLY E 42 -8.77 -18.26 3.18
C GLY E 42 -7.85 -17.90 4.33
N GLY E 43 -6.56 -17.76 4.05
CA GLY E 43 -5.60 -17.48 5.10
C GLY E 43 -4.66 -18.63 5.43
N ALA E 44 -3.37 -18.42 5.22
CA ALA E 44 -2.38 -19.47 5.43
C ALA E 44 -1.65 -19.32 6.75
N GLY E 45 -2.26 -18.68 7.73
CA GLY E 45 -1.63 -18.57 9.02
C GLY E 45 -2.00 -19.73 9.91
N ILE E 46 -3.00 -19.47 10.75
CA ILE E 46 -3.65 -20.53 11.51
C ILE E 46 -4.11 -21.64 10.56
N GLY E 47 -4.43 -21.28 9.32
CA GLY E 47 -4.84 -22.25 8.31
C GLY E 47 -3.71 -23.16 7.83
N SER E 48 -2.45 -22.77 8.03
CA SER E 48 -1.35 -23.63 7.62
C SER E 48 -1.23 -24.86 8.53
N ILE E 49 -1.58 -24.74 9.81
CA ILE E 49 -1.66 -25.90 10.66
C ILE E 49 -2.85 -26.77 10.29
N ILE E 50 -4.01 -26.15 10.05
CA ILE E 50 -5.21 -26.90 9.68
C ILE E 50 -4.97 -27.70 8.41
N ALA E 51 -4.27 -27.09 7.44
CA ALA E 51 -4.07 -27.75 6.15
C ALA E 51 -3.31 -29.05 6.28
N GLU E 52 -2.24 -29.07 7.09
CA GLU E 52 -1.45 -30.29 7.22
C GLU E 52 -2.25 -31.39 7.88
N CYS E 53 -2.96 -31.06 8.96
CA CYS E 53 -3.76 -32.06 9.65
C CYS E 53 -4.85 -32.60 8.75
N ALA E 54 -5.50 -31.73 7.98
CA ALA E 54 -6.58 -32.19 7.09
C ALA E 54 -6.02 -33.01 5.94
N LEU E 55 -4.85 -32.64 5.43
CA LEU E 55 -4.25 -33.39 4.34
C LEU E 55 -3.91 -34.81 4.76
N ARG E 56 -3.22 -34.95 5.91
CA ARG E 56 -2.85 -36.28 6.39
C ARG E 56 -4.08 -37.12 6.69
N PHE E 57 -5.15 -36.48 7.16
CA PHE E 57 -6.42 -37.17 7.38
C PHE E 57 -6.98 -37.73 6.08
N GLY E 58 -6.76 -37.06 4.96
CA GLY E 58 -7.21 -37.59 3.68
C GLY E 58 -7.85 -36.60 2.72
N PHE E 59 -7.99 -35.35 3.16
CA PHE E 59 -8.48 -34.28 2.28
C PHE E 59 -7.35 -33.86 1.36
N GLU E 60 -7.43 -34.26 0.09
CA GLU E 60 -6.35 -34.03 -0.86
C GLU E 60 -6.68 -32.96 -1.89
N ASN E 61 -7.82 -32.28 -1.77
CA ASN E 61 -8.23 -31.24 -2.73
C ASN E 61 -8.42 -29.95 -1.94
N ILE E 62 -7.35 -29.16 -1.82
CA ILE E 62 -7.34 -27.98 -0.97
C ILE E 62 -6.87 -26.80 -1.80
N THR E 63 -7.66 -25.72 -1.78
CA THR E 63 -7.26 -24.43 -2.32
C THR E 63 -6.92 -23.49 -1.18
N ILE E 64 -5.75 -22.86 -1.25
CA ILE E 64 -5.27 -21.94 -0.22
C ILE E 64 -5.04 -20.58 -0.85
N VAL E 65 -5.63 -19.54 -0.26
CA VAL E 65 -5.51 -18.17 -0.76
C VAL E 65 -4.98 -17.29 0.37
N ASP E 66 -3.86 -16.61 0.12
CA ASP E 66 -3.23 -15.77 1.12
C ASP E 66 -2.23 -14.87 0.41
N GLY E 67 -2.11 -13.64 0.88
CA GLY E 67 -1.17 -12.70 0.30
C GLY E 67 0.05 -12.36 1.13
N ASP E 68 0.14 -12.94 2.33
CA ASP E 68 1.23 -12.62 3.25
C ASP E 68 2.50 -13.38 2.90
N HIS E 69 3.62 -12.86 3.39
CA HIS E 69 4.89 -13.56 3.41
C HIS E 69 5.19 -14.03 4.84
N VAL E 70 6.12 -14.98 4.95
CA VAL E 70 6.43 -15.56 6.25
C VAL E 70 7.30 -14.60 7.05
N GLU E 71 6.90 -14.33 8.29
CA GLU E 71 7.61 -13.48 9.24
C GLU E 71 8.13 -14.37 10.39
N ASN E 72 9.13 -13.83 11.11
CA ASN E 72 9.69 -14.57 12.25
C ASN E 72 8.60 -14.95 13.24
N SER E 73 7.70 -14.01 13.53
CA SER E 73 6.66 -14.21 14.53
C SER E 73 5.69 -15.32 14.17
N ASN E 74 5.73 -15.80 12.93
CA ASN E 74 4.87 -16.92 12.57
C ASN E 74 5.35 -18.25 13.15
N LEU E 75 6.63 -18.37 13.48
CA LEU E 75 7.21 -19.69 13.77
C LEU E 75 6.70 -20.30 15.08
N ASN E 76 6.05 -19.52 15.95
CA ASN E 76 5.55 -20.06 17.22
C ASN E 76 4.20 -20.76 17.10
N ARG E 77 3.53 -20.71 15.95
CA ARG E 77 2.18 -21.28 15.86
C ARG E 77 1.76 -21.59 14.42
N GLN E 78 2.62 -21.33 13.44
CA GLN E 78 2.26 -21.55 12.05
C GLN E 78 3.21 -22.54 11.43
N ASN E 79 2.79 -23.10 10.30
CA ASN E 79 3.44 -24.26 9.69
C ASN E 79 4.56 -23.83 8.73
N TYR E 80 5.55 -23.10 9.27
CA TYR E 80 6.67 -22.62 8.47
C TYR E 80 7.98 -22.83 9.24
N THR E 81 9.08 -22.78 8.49
CA THR E 81 10.42 -23.01 9.00
C THR E 81 11.27 -21.76 8.83
N GLU E 82 12.47 -21.79 9.42
CA GLU E 82 13.42 -20.69 9.27
C GLU E 82 13.73 -20.45 7.80
N GLY E 83 13.77 -21.52 6.99
CA GLY E 83 14.01 -21.36 5.57
C GLY E 83 12.87 -20.72 4.81
N ASP E 84 11.65 -20.77 5.36
CA ASP E 84 10.50 -20.18 4.69
C ASP E 84 10.42 -18.67 4.88
N VAL E 85 11.17 -18.09 5.80
CA VAL E 85 10.99 -16.68 6.13
C VAL E 85 11.27 -15.82 4.90
N SER E 86 10.36 -14.88 4.63
CA SER E 86 10.32 -13.93 3.49
C SER E 86 9.69 -14.51 2.23
N VAL E 87 9.22 -15.73 2.26
CA VAL E 87 8.57 -16.36 1.12
C VAL E 87 7.06 -16.19 1.25
N ASN E 88 6.37 -16.19 0.12
CA ASN E 88 4.91 -16.21 0.13
C ASN E 88 4.43 -17.38 0.96
N LYS E 89 3.53 -17.10 1.91
CA LYS E 89 3.00 -18.19 2.74
C LYS E 89 2.46 -19.30 1.86
N VAL E 90 1.83 -18.93 0.74
CA VAL E 90 1.20 -19.94 -0.11
C VAL E 90 2.24 -20.82 -0.76
N GLU E 91 3.39 -20.24 -1.14
CA GLU E 91 4.49 -21.03 -1.70
C GLU E 91 5.08 -22.00 -0.69
N ALA E 92 5.27 -21.55 0.55
CA ALA E 92 5.86 -22.39 1.57
C ALA E 92 4.91 -23.50 2.00
N ILE E 93 3.64 -23.18 2.23
CA ILE E 93 2.72 -24.22 2.71
C ILE E 93 2.45 -25.24 1.61
N LYS E 94 2.50 -24.84 0.35
CA LYS E 94 2.36 -25.82 -0.72
C LYS E 94 3.57 -26.75 -0.78
N ALA E 95 4.77 -26.22 -0.58
CA ALA E 95 5.95 -27.08 -0.50
C ALA E 95 5.80 -28.08 0.63
N ARG E 96 5.39 -27.59 1.81
CA ARG E 96 5.17 -28.46 2.96
C ARG E 96 4.15 -29.55 2.66
N LEU E 97 2.97 -29.14 2.17
CA LEU E 97 1.89 -30.10 1.92
C LEU E 97 2.27 -31.11 0.83
N LYS E 98 2.94 -30.66 -0.23
CA LYS E 98 3.26 -31.57 -1.33
C LYS E 98 4.40 -32.53 -1.02
N SER E 99 5.24 -32.22 -0.03
CA SER E 99 6.22 -33.22 0.42
C SER E 99 5.57 -34.30 1.26
N ILE E 100 4.44 -34.01 1.89
CA ILE E 100 3.69 -35.03 2.62
C ILE E 100 2.92 -35.93 1.64
N ASN E 101 2.35 -35.33 0.59
CA ASN E 101 1.54 -36.07 -0.38
C ASN E 101 1.78 -35.47 -1.78
N SER E 102 2.60 -36.15 -2.59
CA SER E 102 2.92 -35.64 -3.93
C SER E 102 1.71 -35.64 -4.85
N LYS E 103 0.83 -36.64 -4.73
CA LYS E 103 -0.36 -36.71 -5.55
C LYS E 103 -1.50 -35.83 -5.04
N ALA E 104 -1.26 -35.01 -4.03
CA ALA E 104 -2.31 -34.14 -3.55
C ALA E 104 -2.55 -32.99 -4.51
N ASN E 105 -3.77 -32.49 -4.51
CA ASN E 105 -4.21 -31.40 -5.38
C ASN E 105 -4.24 -30.12 -4.54
N ILE E 106 -3.07 -29.49 -4.43
CA ILE E 106 -2.88 -28.29 -3.61
C ILE E 106 -2.76 -27.12 -4.57
N LYS E 107 -3.82 -26.32 -4.68
CA LYS E 107 -3.84 -25.16 -5.57
C LYS E 107 -3.76 -23.91 -4.70
N ILE E 108 -2.77 -23.06 -4.97
CA ILE E 108 -2.54 -21.88 -4.15
C ILE E 108 -2.77 -20.64 -5.01
N HIS E 109 -3.04 -19.54 -4.33
CA HIS E 109 -3.24 -18.24 -4.97
C HIS E 109 -2.63 -17.18 -4.08
N ASN E 110 -1.57 -16.54 -4.56
CA ASN E 110 -0.88 -15.48 -3.83
C ASN E 110 -1.57 -14.14 -4.11
N CYS E 111 -2.72 -13.94 -3.44
CA CYS E 111 -3.39 -12.65 -3.57
C CYS E 111 -4.22 -12.39 -2.32
N PHE E 112 -4.43 -11.10 -2.05
CA PHE E 112 -5.38 -10.67 -1.02
C PHE E 112 -6.79 -10.64 -1.61
N LEU E 113 -7.76 -11.04 -0.79
CA LEU E 113 -9.14 -11.05 -1.22
C LEU E 113 -9.74 -9.67 -1.05
N THR E 114 -10.53 -9.27 -2.03
CA THR E 114 -11.19 -7.98 -2.04
C THR E 114 -12.67 -8.19 -2.27
N SER E 115 -13.44 -7.11 -2.15
CA SER E 115 -14.86 -7.19 -2.48
C SER E 115 -15.06 -7.63 -3.93
N ASP E 116 -14.08 -7.38 -4.79
CA ASP E 116 -14.21 -7.66 -6.22
C ASP E 116 -13.82 -9.08 -6.61
N ASN E 117 -12.82 -9.69 -5.99
CA ASN E 117 -12.36 -11.00 -6.44
C ASN E 117 -12.86 -12.16 -5.60
N VAL E 118 -13.49 -11.91 -4.44
CA VAL E 118 -13.68 -12.99 -3.47
C VAL E 118 -14.70 -14.02 -3.96
N GLU E 119 -15.76 -13.58 -4.65
CA GLU E 119 -16.76 -14.55 -5.09
C GLU E 119 -16.16 -15.52 -6.09
N GLU E 120 -15.29 -15.03 -6.97
CA GLU E 120 -14.67 -15.86 -7.99
C GLU E 120 -13.79 -16.95 -7.38
N TYR E 121 -13.13 -16.65 -6.25
CA TYR E 121 -12.33 -17.66 -5.56
C TYR E 121 -13.20 -18.70 -4.85
N ILE E 122 -14.29 -18.26 -4.23
CA ILE E 122 -15.18 -19.17 -3.49
C ILE E 122 -15.83 -20.17 -4.44
N LYS E 123 -16.23 -19.72 -5.63
CA LYS E 123 -16.95 -20.56 -6.59
C LYS E 123 -16.23 -21.88 -6.82
N GLY E 124 -16.99 -22.98 -6.72
CA GLY E 124 -16.47 -24.30 -7.01
C GLY E 124 -16.09 -25.16 -5.82
N HIS E 125 -16.20 -24.65 -4.59
CA HIS E 125 -15.83 -25.39 -3.39
C HIS E 125 -17.07 -25.81 -2.61
N LYS E 126 -16.98 -26.93 -1.91
CA LYS E 126 -18.11 -27.43 -1.15
C LYS E 126 -18.12 -26.93 0.29
N VAL E 127 -16.97 -26.54 0.81
CA VAL E 127 -16.85 -26.06 2.18
C VAL E 127 -15.68 -25.09 2.24
N ALA E 128 -15.78 -24.12 3.14
CA ALA E 128 -14.77 -23.08 3.23
C ALA E 128 -14.34 -22.89 4.68
N ILE E 129 -13.09 -22.48 4.83
CA ILE E 129 -12.49 -22.14 6.11
C ILE E 129 -12.08 -20.67 6.01
N ASN E 130 -12.73 -19.83 6.79
CA ASN E 130 -12.45 -18.41 6.79
C ASN E 130 -11.45 -18.12 7.90
N ALA E 131 -10.19 -18.00 7.54
CA ALA E 131 -9.13 -17.62 8.47
C ALA E 131 -8.54 -16.29 8.06
N LEU E 132 -9.41 -15.36 7.69
CA LEU E 132 -8.97 -14.08 7.16
C LEU E 132 -8.87 -13.06 8.29
N ASP E 133 -7.75 -12.37 8.33
CA ASP E 133 -7.56 -11.25 9.24
C ASP E 133 -8.69 -10.24 9.04
N PHE E 134 -9.20 -9.70 10.14
CA PHE E 134 -10.26 -8.70 10.09
C PHE E 134 -9.78 -7.31 9.67
N SER E 135 -8.53 -7.15 9.25
CA SER E 135 -8.10 -5.84 8.77
C SER E 135 -8.39 -5.64 7.29
N SER E 136 -8.62 -6.73 6.55
CA SER E 136 -9.21 -6.64 5.22
C SER E 136 -10.69 -6.30 5.34
N GLU E 137 -11.34 -6.14 4.19
CA GLU E 137 -12.76 -5.82 4.14
C GLU E 137 -13.64 -7.07 4.12
N VAL E 138 -13.09 -8.20 3.69
CA VAL E 138 -13.94 -9.28 3.21
C VAL E 138 -14.22 -10.45 4.15
N PRO E 139 -13.85 -10.44 5.44
CA PRO E 139 -14.20 -11.61 6.26
C PRO E 139 -15.71 -11.82 6.34
N LEU E 140 -16.48 -10.75 6.55
CA LEU E 140 -17.92 -10.92 6.63
C LEU E 140 -18.54 -11.10 5.25
N LEU E 141 -18.02 -10.41 4.23
CA LEU E 141 -18.52 -10.58 2.85
C LEU E 141 -18.25 -11.99 2.34
N PHE E 142 -17.08 -12.54 2.67
CA PHE E 142 -16.74 -13.93 2.38
C PHE E 142 -17.86 -14.87 2.84
N ASP E 143 -18.35 -14.68 4.06
CA ASP E 143 -19.41 -15.54 4.58
C ASP E 143 -20.72 -15.35 3.83
N GLU E 144 -21.06 -14.10 3.53
CA GLU E 144 -22.32 -13.79 2.86
C GLU E 144 -22.38 -14.49 1.51
N ILE E 145 -21.26 -14.48 0.77
CA ILE E 145 -21.23 -15.19 -0.50
C ILE E 145 -21.32 -16.70 -0.31
N CYS E 146 -20.59 -17.23 0.68
CA CYS E 146 -20.64 -18.67 0.91
C CYS E 146 -22.04 -19.11 1.29
N GLN E 147 -22.72 -18.35 2.15
CA GLN E 147 -24.10 -18.65 2.48
C GLN E 147 -24.97 -18.70 1.24
N LYS E 148 -24.82 -17.69 0.37
CA LYS E 148 -25.56 -17.62 -0.89
C LYS E 148 -25.35 -18.89 -1.73
N MET E 149 -24.19 -19.52 -1.62
CA MET E 149 -23.86 -20.66 -2.46
C MET E 149 -24.02 -21.99 -1.75
N ASP E 150 -24.62 -21.99 -0.56
CA ASP E 150 -24.83 -23.20 0.23
C ASP E 150 -23.49 -23.85 0.62
N ILE E 151 -22.52 -23.01 0.94
CA ILE E 151 -21.20 -23.42 1.40
C ILE E 151 -21.09 -23.08 2.88
N PRO E 152 -21.08 -24.06 3.79
CA PRO E 152 -20.81 -23.76 5.20
C PRO E 152 -19.38 -23.26 5.36
N VAL E 153 -19.20 -22.36 6.33
CA VAL E 153 -17.93 -21.66 6.57
C VAL E 153 -17.45 -21.98 7.98
N LEU E 154 -16.23 -22.52 8.10
CA LEU E 154 -15.61 -22.72 9.41
C LEU E 154 -14.80 -21.48 9.78
N HIS E 155 -15.00 -21.00 11.02
CA HIS E 155 -14.20 -19.91 11.57
C HIS E 155 -13.33 -20.44 12.70
N PRO E 156 -12.06 -20.74 12.46
CA PRO E 156 -11.17 -21.18 13.55
C PRO E 156 -10.49 -20.01 14.24
N TYR E 157 -10.36 -20.12 15.56
CA TYR E 157 -9.70 -19.09 16.36
C TYR E 157 -8.72 -19.74 17.33
N ASN E 158 -7.60 -19.04 17.57
CA ASN E 158 -6.53 -19.47 18.46
C ASN E 158 -6.66 -18.70 19.78
N LEU E 159 -7.21 -19.36 20.79
CA LEU E 159 -7.36 -18.74 22.11
C LEU E 159 -6.21 -19.11 23.05
N GLY E 160 -5.00 -19.25 22.50
CA GLY E 160 -3.84 -19.59 23.32
C GLY E 160 -3.88 -21.02 23.82
N TRP E 161 -4.49 -21.21 24.99
CA TRP E 161 -4.67 -22.56 25.52
C TRP E 161 -5.81 -23.28 24.84
N GLY E 162 -6.71 -22.55 24.19
CA GLY E 162 -7.89 -23.17 23.63
C GLY E 162 -7.98 -23.03 22.12
N GLY E 163 -8.69 -23.96 21.49
CA GLY E 163 -9.09 -23.85 20.10
C GLY E 163 -10.60 -23.65 20.04
N LEU E 164 -11.02 -22.71 19.19
CA LEU E 164 -12.43 -22.37 19.02
C LEU E 164 -12.79 -22.43 17.55
N VAL E 165 -13.86 -23.18 17.24
CA VAL E 165 -14.42 -23.16 15.89
C VAL E 165 -15.91 -22.91 15.98
N THR E 166 -16.40 -22.02 15.12
CA THR E 166 -17.82 -21.85 14.86
C THR E 166 -18.04 -21.97 13.37
N ILE E 167 -19.15 -22.58 13.00
CA ILE E 167 -19.52 -22.86 11.61
C ILE E 167 -20.71 -21.98 11.27
N ILE E 168 -20.54 -21.12 10.27
CA ILE E 168 -21.63 -20.32 9.71
C ILE E 168 -22.34 -21.19 8.67
N SER E 169 -23.61 -21.56 8.95
CA SER E 169 -24.25 -22.40 7.96
C SER E 169 -25.10 -21.57 6.98
N PRO E 170 -25.28 -22.08 5.75
CA PRO E 170 -25.96 -21.28 4.71
C PRO E 170 -27.30 -20.70 5.13
N LYS E 171 -28.11 -21.47 5.84
CA LYS E 171 -29.45 -21.02 6.21
C LYS E 171 -29.53 -20.48 7.63
N GLY E 172 -28.39 -20.31 8.32
CA GLY E 172 -28.37 -19.90 9.70
C GLY E 172 -27.81 -18.50 9.90
N LEU E 173 -27.67 -18.12 11.17
CA LEU E 173 -27.14 -16.80 11.50
C LEU E 173 -25.69 -16.64 11.06
N SER E 174 -25.34 -15.41 10.70
CA SER E 174 -23.98 -14.98 10.41
C SER E 174 -23.38 -14.22 11.60
N LEU E 175 -22.07 -13.99 11.53
CA LEU E 175 -21.36 -13.27 12.58
C LEU E 175 -21.90 -11.86 12.77
N ASN E 176 -22.56 -11.31 11.74
CA ASN E 176 -23.16 -9.98 11.84
C ASN E 176 -24.06 -9.83 13.05
N SER E 177 -24.70 -10.92 13.49
CA SER E 177 -25.64 -10.88 14.61
C SER E 177 -24.98 -10.33 15.87
N ILE E 178 -23.67 -10.46 15.98
CA ILE E 178 -22.94 -10.02 17.16
C ILE E 178 -22.12 -8.77 16.89
N ALA E 179 -22.29 -8.17 15.71
CA ALA E 179 -21.61 -6.92 15.40
C ALA E 179 -22.28 -5.76 16.13
N LYS E 180 -21.46 -4.82 16.61
CA LYS E 180 -21.95 -3.65 17.30
C LYS E 180 -22.05 -2.44 16.36
N LYS E 181 -23.14 -1.69 16.50
CA LYS E 181 -23.38 -0.54 15.63
C LYS E 181 -22.26 0.47 15.78
N GLY E 182 -21.78 0.97 14.65
CA GLY E 182 -20.80 2.03 14.68
C GLY E 182 -19.38 1.63 14.99
N GLU E 183 -19.12 0.40 15.39
CA GLU E 183 -17.74 0.08 15.67
C GLU E 183 -17.30 -1.13 14.86
N LYS E 184 -15.98 -1.22 14.65
CA LYS E 184 -15.44 -2.26 13.79
C LYS E 184 -15.48 -3.63 14.46
N PHE E 185 -15.49 -4.65 13.63
CA PHE E 185 -15.73 -6.01 14.07
C PHE E 185 -14.44 -6.80 13.82
N ASN E 186 -13.95 -7.47 14.85
CA ASN E 186 -12.76 -8.31 14.71
C ASN E 186 -12.94 -9.57 15.54
N GLU E 187 -11.84 -10.30 15.74
CA GLU E 187 -11.93 -11.57 16.45
C GLU E 187 -12.28 -11.36 17.92
N LEU E 188 -11.94 -10.20 18.47
CA LEU E 188 -12.24 -9.90 19.86
C LEU E 188 -13.73 -9.91 20.12
N ASN E 189 -14.53 -9.52 19.12
CA ASN E 189 -15.98 -9.61 19.23
C ASN E 189 -16.44 -11.06 19.33
N VAL E 190 -15.83 -11.96 18.56
CA VAL E 190 -16.20 -13.36 18.62
C VAL E 190 -15.85 -13.94 19.99
N VAL E 191 -14.64 -13.69 20.44
CA VAL E 191 -14.14 -14.31 21.67
C VAL E 191 -14.89 -13.78 22.88
N GLU E 192 -15.23 -12.48 22.88
CA GLU E 192 -16.02 -11.93 23.97
C GLU E 192 -17.41 -12.55 23.98
N TYR E 193 -17.96 -12.87 22.80
CA TYR E 193 -19.24 -13.56 22.74
C TYR E 193 -19.15 -14.96 23.36
N VAL E 194 -18.11 -15.71 23.01
CA VAL E 194 -17.92 -17.05 23.55
C VAL E 194 -17.74 -17.00 25.06
N SER E 195 -16.93 -16.05 25.53
CA SER E 195 -16.74 -15.87 26.95
C SER E 195 -18.08 -15.61 27.66
N SER E 196 -18.91 -14.74 27.09
CA SER E 196 -20.22 -14.48 27.67
C SER E 196 -21.15 -15.70 27.59
N TYR E 197 -21.15 -16.42 26.47
CA TYR E 197 -22.03 -17.58 26.36
C TYR E 197 -21.65 -18.64 27.41
N MET E 198 -20.35 -18.93 27.54
CA MET E 198 -19.89 -19.91 28.53
C MET E 198 -20.28 -19.51 29.96
N ARG E 199 -20.09 -18.24 30.32
CA ARG E 199 -20.50 -17.81 31.65
C ARG E 199 -22.02 -17.90 31.82
N PHE E 200 -22.79 -17.51 30.78
CA PHE E 200 -24.25 -17.62 30.83
C PHE E 200 -24.69 -19.04 31.19
N TRP E 201 -23.96 -20.03 30.71
CA TRP E 201 -24.27 -21.44 30.88
C TRP E 201 -23.65 -22.06 32.12
N GLY E 202 -23.16 -21.25 33.05
CA GLY E 202 -22.65 -21.69 34.33
C GLY E 202 -21.26 -22.29 34.29
N LYS E 203 -20.60 -22.26 33.15
CA LYS E 203 -19.24 -22.76 33.00
C LYS E 203 -18.31 -21.67 32.45
N PRO E 204 -18.16 -20.57 33.19
CA PRO E 204 -17.31 -19.46 32.74
C PRO E 204 -15.86 -19.91 32.52
N GLN E 205 -15.25 -19.41 31.45
CA GLN E 205 -13.86 -19.67 31.14
C GLN E 205 -13.05 -18.47 31.64
N GLU E 206 -12.66 -18.53 32.91
CA GLU E 206 -12.02 -17.42 33.58
C GLU E 206 -10.62 -17.14 33.04
N TRP E 207 -9.90 -18.18 32.61
CA TRP E 207 -8.62 -17.96 31.94
C TRP E 207 -8.81 -17.10 30.68
N LEU E 208 -9.88 -17.36 29.92
CA LEU E 208 -10.18 -16.60 28.71
C LEU E 208 -10.57 -15.17 29.05
N GLU E 209 -11.37 -14.99 30.11
CA GLU E 209 -11.71 -13.63 30.53
C GLU E 209 -10.46 -12.87 30.96
N ASP E 210 -9.50 -13.56 31.58
CA ASP E 210 -8.29 -12.89 32.02
C ASP E 210 -7.45 -12.39 30.85
N ILE E 211 -7.24 -13.26 29.85
CA ILE E 211 -6.36 -12.85 28.76
C ILE E 211 -7.03 -11.75 27.92
N ILE E 212 -8.35 -11.79 27.77
CA ILE E 212 -9.05 -10.69 27.10
C ILE E 212 -8.81 -9.38 27.84
N TYR E 213 -8.97 -9.41 29.16
CA TYR E 213 -8.77 -8.22 29.98
C TYR E 213 -7.33 -7.70 29.85
N LYS E 214 -6.33 -8.60 29.98
CA LYS E 214 -4.95 -8.17 29.81
C LYS E 214 -4.73 -7.57 28.43
N PHE E 215 -5.31 -8.19 27.41
CA PHE E 215 -5.07 -7.72 26.04
C PHE E 215 -5.65 -6.33 25.83
N LYS E 216 -6.86 -6.07 26.32
CA LYS E 216 -7.45 -4.75 26.14
C LYS E 216 -6.68 -3.69 26.89
N ASN E 217 -6.30 -3.97 28.13
CA ASN E 217 -5.60 -3.01 28.97
C ASN E 217 -4.12 -2.93 28.67
N GLU E 218 -3.68 -3.46 27.53
CA GLU E 218 -2.32 -3.27 27.06
C GLU E 218 -2.10 -1.82 26.64
N ARG E 219 -0.96 -1.27 27.08
CA ARG E 219 -0.58 0.10 26.77
C ARG E 219 -0.46 0.29 25.27
N GLU E 220 0.41 -0.49 24.63
CA GLU E 220 0.66 -0.46 23.20
C GLU E 220 -0.48 -1.13 22.43
N LYS E 221 -0.65 -0.70 21.18
CA LYS E 221 -1.65 -1.29 20.29
C LYS E 221 -0.94 -2.40 19.52
N LEU E 222 -1.23 -3.65 19.87
CA LEU E 222 -0.59 -4.79 19.23
C LEU E 222 -1.62 -5.81 18.81
N SER E 223 -1.18 -6.78 18.00
CA SER E 223 -2.04 -7.91 17.64
C SER E 223 -2.22 -8.87 18.82
N PRO E 224 -3.33 -9.59 18.87
CA PRO E 224 -3.57 -10.53 19.99
C PRO E 224 -2.52 -11.61 20.05
N PRO E 225 -2.11 -12.01 21.26
CA PRO E 225 -1.20 -13.16 21.38
C PRO E 225 -1.89 -14.45 20.97
N GLN E 226 -1.08 -15.41 20.51
CA GLN E 226 -1.56 -16.74 20.16
C GLN E 226 -0.44 -17.73 20.46
N LEU E 227 -0.83 -18.97 20.77
CA LEU E 227 0.10 -20.04 21.15
C LEU E 227 -0.05 -21.24 20.23
N SER E 228 1.01 -22.04 20.15
CA SER E 228 0.93 -23.25 19.34
C SER E 228 -0.15 -24.21 19.85
N VAL E 229 -0.44 -24.17 21.16
CA VAL E 229 -1.43 -25.08 21.74
C VAL E 229 -2.75 -24.95 20.99
N GLY E 230 -3.25 -23.72 20.89
CA GLY E 230 -4.53 -23.49 20.25
C GLY E 230 -4.53 -23.82 18.76
N SER E 231 -3.42 -23.50 18.08
CA SER E 231 -3.34 -23.83 16.66
C SER E 231 -3.45 -25.33 16.45
N TRP E 232 -2.65 -26.11 17.20
CA TRP E 232 -2.66 -27.55 17.05
C TRP E 232 -4.01 -28.14 17.46
N VAL E 233 -4.59 -27.64 18.55
CA VAL E 233 -5.91 -28.13 18.95
C VAL E 233 -6.95 -27.77 17.90
N VAL E 234 -6.93 -26.52 17.41
CA VAL E 234 -7.95 -26.07 16.47
C VAL E 234 -7.79 -26.78 15.12
N ALA E 235 -6.55 -27.16 14.77
CA ALA E 235 -6.37 -27.90 13.52
C ALA E 235 -7.12 -29.23 13.58
N GLY E 236 -7.03 -29.93 14.71
CA GLY E 236 -7.75 -31.18 14.88
C GLY E 236 -9.26 -30.98 14.88
N MET E 237 -9.73 -29.94 15.56
CA MET E 237 -11.15 -29.64 15.56
C MET E 237 -11.67 -29.39 14.15
N CYS E 238 -10.96 -28.56 13.37
CA CYS E 238 -11.43 -28.27 12.01
C CYS E 238 -11.44 -29.52 11.14
N THR E 239 -10.41 -30.37 11.28
CA THR E 239 -10.39 -31.58 10.46
C THR E 239 -11.56 -32.49 10.81
N HIS E 240 -11.88 -32.60 12.10
CA HIS E 240 -13.05 -33.37 12.50
C HIS E 240 -14.31 -32.76 11.91
N ILE E 241 -14.43 -31.43 11.99
CA ILE E 241 -15.60 -30.73 11.45
C ILE E 241 -15.71 -30.95 9.94
N LEU E 242 -14.59 -30.84 9.22
CA LEU E 242 -14.61 -31.05 7.78
C LEU E 242 -15.14 -32.43 7.44
N PHE E 243 -14.69 -33.45 8.18
CA PHE E 243 -15.14 -34.82 7.92
C PHE E 243 -16.65 -34.93 8.09
N ASN E 244 -17.18 -34.29 9.15
CA ASN E 244 -18.62 -34.31 9.40
C ASN E 244 -19.39 -33.62 8.28
N ILE E 245 -18.89 -32.47 7.81
CA ILE E 245 -19.58 -31.76 6.74
C ILE E 245 -19.58 -32.59 5.46
N ALA E 246 -18.43 -33.18 5.12
CA ALA E 246 -18.33 -33.93 3.87
C ALA E 246 -19.18 -35.21 3.91
N THR E 247 -19.19 -35.90 5.04
CA THR E 247 -19.98 -37.13 5.18
C THR E 247 -21.39 -36.88 5.70
N GLN E 248 -21.77 -35.61 5.86
CA GLN E 248 -23.13 -35.22 6.26
C GLN E 248 -23.53 -35.75 7.63
N ARG E 249 -22.60 -35.69 8.58
CA ARG E 249 -22.90 -35.91 9.98
C ARG E 249 -23.25 -34.59 10.63
N GLU E 250 -24.05 -34.65 11.70
CA GLU E 250 -24.54 -33.42 12.33
C GLU E 250 -23.39 -32.58 12.85
N ILE E 251 -23.58 -31.25 12.80
CA ILE E 251 -22.64 -30.30 13.38
C ILE E 251 -23.43 -29.19 14.07
N LYS E 252 -22.74 -28.48 14.96
CA LYS E 252 -23.26 -27.25 15.54
C LYS E 252 -22.91 -26.06 14.66
N SER E 253 -23.91 -25.22 14.38
CA SER E 253 -23.71 -23.97 13.66
C SER E 253 -23.81 -22.79 14.61
N PHE E 254 -23.13 -21.71 14.24
CA PHE E 254 -23.33 -20.47 14.95
C PHE E 254 -24.83 -20.17 15.03
N PRO E 255 -25.36 -19.68 16.17
CA PRO E 255 -24.67 -19.14 17.34
C PRO E 255 -23.99 -20.18 18.27
N GLU E 256 -24.09 -21.47 17.97
CA GLU E 256 -23.32 -22.43 18.73
C GLU E 256 -21.91 -22.56 18.15
N PHE E 257 -21.00 -23.09 18.97
CA PHE E 257 -19.59 -23.18 18.62
C PHE E 257 -18.97 -24.36 19.37
N TYR E 258 -17.75 -24.68 18.97
CA TYR E 258 -16.96 -25.72 19.60
C TYR E 258 -15.75 -25.08 20.27
N LEU E 259 -15.56 -25.37 21.57
CA LEU E 259 -14.45 -24.87 22.36
C LEU E 259 -13.72 -26.04 22.98
N SER E 260 -12.42 -26.12 22.75
CA SER E 260 -11.62 -27.26 23.17
C SER E 260 -10.39 -26.73 23.88
N SER E 261 -10.11 -27.27 25.06
CA SER E 261 -9.00 -26.80 25.88
C SER E 261 -8.56 -27.95 26.79
N LEU E 262 -7.41 -27.76 27.46
CA LEU E 262 -6.87 -28.80 28.34
C LEU E 262 -7.91 -29.23 29.36
N GLU E 263 -8.72 -28.27 29.84
CA GLU E 263 -9.89 -28.54 30.69
C GLU E 263 -11.16 -28.65 29.80
N GLY E 264 -11.16 -29.63 28.89
CA GLY E 264 -12.27 -29.79 27.93
C GLY E 264 -11.93 -30.46 26.60
N MET F 15 12.28 -13.10 25.67
CA MET F 15 11.67 -13.64 24.47
C MET F 15 12.45 -13.21 23.22
N LYS F 16 12.17 -13.89 22.11
CA LYS F 16 12.64 -13.51 20.78
C LYS F 16 11.41 -13.15 19.93
N HIS F 17 11.64 -12.44 18.83
CA HIS F 17 10.53 -12.15 17.95
C HIS F 17 9.82 -13.41 17.48
N ARG F 18 10.52 -14.54 17.48
CA ARG F 18 9.88 -15.81 17.19
C ARG F 18 8.81 -16.11 18.24
N TYR F 19 9.05 -15.72 19.49
CA TYR F 19 8.10 -15.91 20.57
C TYR F 19 7.34 -14.63 20.89
N SER F 20 7.29 -13.70 19.93
CA SER F 20 6.62 -12.41 20.14
C SER F 20 5.15 -12.59 20.51
N ARG F 21 4.45 -13.44 19.78
CA ARG F 21 3.02 -13.63 20.04
C ARG F 21 2.76 -14.53 21.24
N ASN F 22 3.80 -14.94 21.97
CA ASN F 22 3.66 -15.68 23.22
C ASN F 22 3.34 -14.76 24.41
N ARG F 23 3.31 -13.44 24.19
CA ARG F 23 3.20 -12.48 25.29
C ARG F 23 1.85 -12.61 25.99
N LEU F 24 1.77 -11.99 27.17
CA LEU F 24 0.62 -12.04 28.06
C LEU F 24 0.39 -13.44 28.63
N TYR F 25 0.34 -14.46 27.76
CA TYR F 25 0.26 -15.85 28.22
C TYR F 25 1.52 -16.23 29.01
N LEU F 26 2.68 -15.82 28.52
CA LEU F 26 3.96 -16.08 29.18
C LEU F 26 4.69 -14.77 29.44
N ASN F 27 5.29 -14.69 30.57
CA ASN F 27 6.20 -13.58 30.82
C ASN F 27 7.60 -13.96 30.35
N PRO F 28 8.50 -12.98 30.20
CA PRO F 28 9.85 -13.31 29.71
C PRO F 28 10.58 -14.38 30.51
N LYS F 29 10.39 -14.43 31.84
CA LYS F 29 11.12 -15.42 32.62
C LYS F 29 10.63 -16.84 32.37
N GLU F 30 9.35 -17.02 32.07
CA GLU F 30 8.87 -18.36 31.73
C GLU F 30 9.39 -18.80 30.38
N GLN F 31 9.39 -17.89 29.40
CA GLN F 31 9.94 -18.22 28.08
C GLN F 31 11.40 -18.65 28.17
N GLU F 32 12.18 -17.96 29.02
CA GLU F 32 13.56 -18.34 29.26
C GLU F 32 13.66 -19.70 29.95
N LEU F 33 12.77 -19.95 30.92
CA LEU F 33 12.81 -21.17 31.70
C LEU F 33 12.58 -22.40 30.82
N ILE F 34 11.55 -22.36 29.97
CA ILE F 34 11.23 -23.52 29.14
C ILE F 34 12.26 -23.73 28.04
N LYS F 35 13.02 -22.68 27.69
CA LYS F 35 14.04 -22.82 26.65
C LYS F 35 15.03 -23.94 26.98
N ASP F 36 15.45 -24.02 28.24
CA ASP F 36 16.43 -25.01 28.66
C ASP F 36 15.85 -26.14 29.50
N TYR F 37 14.55 -26.11 29.81
CA TYR F 37 13.92 -27.16 30.61
C TYR F 37 14.09 -28.52 29.94
N PRO F 38 14.87 -29.42 30.53
CA PRO F 38 15.26 -30.67 29.85
C PRO F 38 14.11 -31.67 29.77
N ILE F 39 13.68 -31.96 28.54
CA ILE F 39 12.61 -32.91 28.28
C ILE F 39 13.20 -34.18 27.66
N LEU F 40 12.76 -35.32 28.14
CA LEU F 40 13.06 -36.61 27.53
C LEU F 40 11.80 -37.13 26.85
N LEU F 41 11.92 -37.49 25.57
CA LEU F 41 10.80 -38.00 24.79
C LEU F 41 11.10 -39.44 24.40
N GLY F 42 10.32 -40.37 24.94
CA GLY F 42 10.45 -41.76 24.55
C GLY F 42 9.44 -42.18 23.53
N GLY F 43 9.88 -42.32 22.27
CA GLY F 43 9.01 -42.66 21.17
C GLY F 43 8.78 -41.45 20.27
N ALA F 44 9.27 -41.52 19.03
CA ALA F 44 9.21 -40.41 18.10
C ALA F 44 8.12 -40.57 17.05
N GLY F 45 7.04 -41.26 17.39
CA GLY F 45 5.89 -41.39 16.51
C GLY F 45 4.85 -40.31 16.74
N ILE F 46 3.88 -40.63 17.60
CA ILE F 46 2.97 -39.64 18.14
C ILE F 46 3.76 -38.50 18.78
N GLY F 47 4.95 -38.79 19.31
CA GLY F 47 5.81 -37.78 19.90
C GLY F 47 6.39 -36.80 18.89
N SER F 48 6.39 -37.15 17.60
CA SER F 48 6.92 -36.22 16.61
C SER F 48 5.99 -35.04 16.39
N ILE F 49 4.68 -35.24 16.53
CA ILE F 49 3.77 -34.10 16.51
C ILE F 49 3.94 -33.29 17.80
N ILE F 50 4.02 -33.98 18.93
CA ILE F 50 4.19 -33.31 20.23
C ILE F 50 5.46 -32.46 20.23
N ALA F 51 6.54 -33.01 19.67
CA ALA F 51 7.82 -32.31 19.68
C ALA F 51 7.73 -30.98 18.94
N GLU F 52 7.09 -30.94 17.77
CA GLU F 52 7.01 -29.69 17.03
C GLU F 52 6.19 -28.66 17.80
N CYS F 53 5.03 -29.06 18.31
CA CYS F 53 4.19 -28.13 19.04
C CYS F 53 4.92 -27.58 20.27
N ALA F 54 5.65 -28.43 21.00
CA ALA F 54 6.37 -27.94 22.17
C ALA F 54 7.56 -27.04 21.78
N LEU F 55 8.26 -27.40 20.70
CA LEU F 55 9.40 -26.58 20.25
C LEU F 55 8.96 -25.19 19.80
N ARG F 56 7.93 -25.13 18.95
CA ARG F 56 7.47 -23.81 18.51
C ARG F 56 6.98 -22.99 19.70
N PHE F 57 6.41 -23.66 20.70
CA PHE F 57 6.01 -23.00 21.94
C PHE F 57 7.18 -22.37 22.68
N GLY F 58 8.36 -22.99 22.62
CA GLY F 58 9.52 -22.40 23.27
C GLY F 58 10.39 -23.37 24.03
N PHE F 59 10.00 -24.64 24.07
CA PHE F 59 10.80 -25.72 24.65
C PHE F 59 11.90 -26.11 23.67
N GLU F 60 13.13 -25.68 23.94
CA GLU F 60 14.23 -25.85 22.98
C GLU F 60 15.25 -26.91 23.37
N ASN F 61 15.05 -27.63 24.48
CA ASN F 61 16.00 -28.62 24.98
C ASN F 61 15.30 -29.97 25.04
N ILE F 62 15.37 -30.74 23.95
CA ILE F 62 14.57 -31.94 23.81
C ILE F 62 15.48 -33.11 23.41
N THR F 63 15.38 -34.21 24.18
CA THR F 63 16.04 -35.47 23.87
C THR F 63 15.00 -36.43 23.31
N ILE F 64 15.32 -37.06 22.18
CA ILE F 64 14.41 -37.99 21.51
C ILE F 64 15.09 -39.33 21.32
N VAL F 65 14.41 -40.39 21.74
CA VAL F 65 14.92 -41.75 21.61
C VAL F 65 13.88 -42.58 20.89
N ASP F 66 14.30 -43.23 19.80
CA ASP F 66 13.43 -44.11 19.03
C ASP F 66 14.33 -44.93 18.12
N GLY F 67 13.95 -46.18 17.91
CA GLY F 67 14.73 -47.05 17.05
C GLY F 67 14.05 -47.35 15.74
N ASP F 68 12.87 -46.78 15.54
CA ASP F 68 12.07 -47.06 14.35
C ASP F 68 12.55 -46.22 13.18
N HIS F 69 12.21 -46.68 11.97
CA HIS F 69 12.32 -45.87 10.76
C HIS F 69 10.93 -45.47 10.26
N VAL F 70 10.89 -44.51 9.36
CA VAL F 70 9.62 -43.97 8.87
C VAL F 70 8.98 -44.96 7.89
N GLU F 71 7.70 -45.27 8.11
CA GLU F 71 6.89 -46.11 7.25
C GLU F 71 5.78 -45.29 6.60
N ASN F 72 5.27 -45.82 5.48
CA ASN F 72 4.21 -45.14 4.73
C ASN F 72 2.98 -44.89 5.61
N SER F 73 2.59 -45.89 6.40
CA SER F 73 1.40 -45.81 7.23
C SER F 73 1.49 -44.73 8.31
N ASN F 74 2.69 -44.21 8.56
CA ASN F 74 2.83 -43.14 9.55
C ASN F 74 2.29 -41.81 9.06
N LEU F 75 2.23 -41.60 7.73
CA LEU F 75 2.02 -40.27 7.17
C LEU F 75 0.65 -39.71 7.46
N ASN F 76 -0.29 -40.52 7.95
CA ASN F 76 -1.63 -40.03 8.24
C ASN F 76 -1.74 -39.33 9.59
N ARG F 77 -0.66 -39.33 10.40
CA ARG F 77 -0.76 -38.80 11.77
C ARG F 77 0.58 -38.42 12.42
N GLN F 78 1.71 -38.63 11.74
CA GLN F 78 3.01 -38.39 12.36
C GLN F 78 3.76 -37.34 11.55
N ASN F 79 4.79 -36.75 12.16
CA ASN F 79 5.42 -35.54 11.63
C ASN F 79 6.53 -35.86 10.62
N TYR F 80 6.19 -36.59 9.56
CA TYR F 80 7.20 -36.97 8.57
C TYR F 80 6.62 -36.80 7.16
N THR F 81 7.54 -36.76 6.19
CA THR F 81 7.24 -36.49 4.79
C THR F 81 7.59 -37.72 3.94
N GLU F 82 7.19 -37.68 2.67
CA GLU F 82 7.53 -38.76 1.75
C GLU F 82 9.03 -38.95 1.63
N GLY F 83 9.80 -37.87 1.70
CA GLY F 83 11.25 -37.99 1.61
C GLY F 83 11.89 -38.64 2.81
N ASP F 84 11.20 -38.65 3.95
CA ASP F 84 11.69 -39.26 5.18
C ASP F 84 11.51 -40.77 5.22
N VAL F 85 10.70 -41.35 4.33
CA VAL F 85 10.37 -42.77 4.45
C VAL F 85 11.64 -43.60 4.33
N SER F 86 11.80 -44.56 5.26
CA SER F 86 12.92 -45.49 5.43
C SER F 86 14.09 -44.88 6.18
N VAL F 87 13.99 -43.65 6.65
CA VAL F 87 15.03 -43.01 7.42
C VAL F 87 14.69 -43.19 8.90
N ASN F 88 15.70 -43.18 9.77
CA ASN F 88 15.43 -43.20 11.21
C ASN F 88 14.46 -42.09 11.57
N LYS F 89 13.39 -42.44 12.28
CA LYS F 89 12.45 -41.41 12.73
C LYS F 89 13.19 -40.29 13.46
N VAL F 90 14.21 -40.63 14.25
CA VAL F 90 14.91 -39.62 15.05
C VAL F 90 15.70 -38.67 14.16
N GLU F 91 16.32 -39.20 13.08
CA GLU F 91 17.06 -38.33 12.16
C GLU F 91 16.09 -37.42 11.42
N ALA F 92 14.94 -37.96 11.02
CA ALA F 92 13.96 -37.17 10.28
C ALA F 92 13.34 -36.11 11.18
N ILE F 93 12.98 -36.48 12.41
CA ILE F 93 12.33 -35.49 13.26
C ILE F 93 13.30 -34.39 13.69
N LYS F 94 14.58 -34.71 13.87
CA LYS F 94 15.53 -33.67 14.22
C LYS F 94 15.71 -32.71 13.05
N ALA F 95 15.75 -33.24 11.82
CA ALA F 95 15.80 -32.39 10.63
C ALA F 95 14.61 -31.45 10.57
N ARG F 96 13.41 -32.00 10.75
CA ARG F 96 12.21 -31.15 10.79
C ARG F 96 12.32 -30.12 11.91
N LEU F 97 12.68 -30.56 13.11
CA LEU F 97 12.73 -29.64 14.24
C LEU F 97 13.81 -28.57 14.05
N LYS F 98 14.98 -28.95 13.56
CA LYS F 98 16.05 -27.99 13.44
C LYS F 98 15.87 -27.02 12.29
N SER F 99 15.06 -27.36 11.28
CA SER F 99 14.72 -26.37 10.27
C SER F 99 13.72 -25.36 10.80
N ILE F 100 12.95 -25.72 11.83
CA ILE F 100 12.12 -24.74 12.51
C ILE F 100 12.97 -23.85 13.41
N ASN F 101 13.97 -24.43 14.10
CA ASN F 101 14.79 -23.68 15.05
C ASN F 101 16.22 -24.22 15.00
N SER F 102 17.10 -23.52 14.27
CA SER F 102 18.48 -23.98 14.11
C SER F 102 19.22 -23.96 15.44
N LYS F 103 18.90 -22.99 16.30
CA LYS F 103 19.53 -22.79 17.59
C LYS F 103 18.97 -23.71 18.67
N ALA F 104 18.05 -24.61 18.31
CA ALA F 104 17.44 -25.51 19.27
C ALA F 104 18.39 -26.65 19.63
N ASN F 105 18.22 -27.16 20.84
CA ASN F 105 19.07 -28.21 21.39
C ASN F 105 18.30 -29.52 21.26
N ILE F 106 18.38 -30.12 20.07
CA ILE F 106 17.65 -31.35 19.79
C ILE F 106 18.68 -32.49 19.75
N LYS F 107 18.73 -33.30 20.81
CA LYS F 107 19.68 -34.40 20.93
C LYS F 107 18.94 -35.71 20.69
N ILE F 108 19.40 -36.49 19.71
CA ILE F 108 18.71 -37.72 19.35
C ILE F 108 19.61 -38.91 19.63
N HIS F 109 18.96 -40.07 19.76
CA HIS F 109 19.63 -41.33 19.99
C HIS F 109 18.86 -42.36 19.19
N ASN F 110 19.48 -42.90 18.14
CA ASN F 110 18.85 -43.91 17.29
C ASN F 110 19.13 -45.30 17.84
N CYS F 111 18.44 -45.61 18.93
CA CYS F 111 18.56 -46.90 19.59
C CYS F 111 17.27 -47.17 20.35
N PHE F 112 16.96 -48.46 20.53
CA PHE F 112 15.86 -48.86 21.40
C PHE F 112 16.28 -48.88 22.86
N LEU F 113 15.32 -48.60 23.73
CA LEU F 113 15.55 -48.60 25.17
C LEU F 113 15.46 -50.01 25.73
N THR F 114 16.41 -50.34 26.59
CA THR F 114 16.52 -51.65 27.24
C THR F 114 16.62 -51.44 28.74
N SER F 115 16.52 -52.55 29.48
CA SER F 115 16.68 -52.47 30.94
C SER F 115 18.03 -51.90 31.34
N ASP F 116 19.06 -52.10 30.52
CA ASP F 116 20.41 -51.65 30.88
C ASP F 116 20.65 -50.19 30.54
N ASN F 117 20.08 -49.68 29.45
CA ASN F 117 20.39 -48.32 29.05
C ASN F 117 19.32 -47.31 29.46
N VAL F 118 18.15 -47.77 29.91
CA VAL F 118 17.02 -46.86 30.05
C VAL F 118 17.26 -45.86 31.16
N GLU F 119 17.97 -46.25 32.22
CA GLU F 119 18.26 -45.33 33.32
C GLU F 119 19.22 -44.23 32.90
N GLU F 120 20.26 -44.57 32.13
CA GLU F 120 21.24 -43.57 31.73
C GLU F 120 20.63 -42.50 30.83
N TYR F 121 19.68 -42.89 29.98
CA TYR F 121 19.00 -41.92 29.15
C TYR F 121 18.07 -41.04 29.98
N ILE F 122 17.35 -41.63 30.95
CA ILE F 122 16.43 -40.85 31.77
C ILE F 122 17.20 -39.82 32.59
N LYS F 123 18.36 -40.21 33.11
CA LYS F 123 19.16 -39.35 33.97
C LYS F 123 19.41 -37.99 33.33
N GLY F 124 19.13 -36.93 34.08
CA GLY F 124 19.43 -35.57 33.67
C GLY F 124 18.28 -34.74 33.13
N HIS F 125 17.07 -35.30 33.05
CA HIS F 125 15.91 -34.61 32.52
C HIS F 125 14.95 -34.23 33.63
N LYS F 126 14.20 -33.14 33.42
CA LYS F 126 13.23 -32.73 34.42
C LYS F 126 11.83 -33.28 34.18
N VAL F 127 11.50 -33.67 32.94
CA VAL F 127 10.17 -34.21 32.64
C VAL F 127 10.34 -35.17 31.47
N ALA F 128 9.46 -36.18 31.42
CA ALA F 128 9.55 -37.22 30.41
C ALA F 128 8.19 -37.47 29.76
N ILE F 129 8.23 -37.88 28.50
CA ILE F 129 7.04 -38.25 27.75
C ILE F 129 7.18 -39.71 27.31
N ASN F 130 6.30 -40.57 27.81
CA ASN F 130 6.31 -41.99 27.49
C ASN F 130 5.35 -42.21 26.31
N ALA F 131 5.92 -42.33 25.13
CA ALA F 131 5.18 -42.70 23.92
C ALA F 131 5.74 -44.00 23.37
N LEU F 132 6.01 -44.95 24.25
CA LEU F 132 6.67 -46.20 23.90
C LEU F 132 5.64 -47.28 23.59
N ASP F 133 5.87 -48.01 22.51
CA ASP F 133 5.03 -49.16 22.19
C ASP F 133 4.97 -50.08 23.40
N PHE F 134 3.76 -50.56 23.71
CA PHE F 134 3.62 -51.43 24.86
C PHE F 134 4.13 -52.84 24.58
N SER F 135 4.66 -53.10 23.38
CA SER F 135 5.27 -54.39 23.11
C SER F 135 6.75 -54.41 23.43
N SER F 136 7.37 -53.24 23.62
CA SER F 136 8.73 -53.24 24.14
C SER F 136 8.71 -53.72 25.58
N GLU F 137 9.89 -53.89 26.15
CA GLU F 137 9.97 -54.45 27.49
C GLU F 137 9.97 -53.39 28.58
N VAL F 138 10.29 -52.14 28.23
CA VAL F 138 10.57 -51.12 29.24
C VAL F 138 9.49 -50.04 29.35
N PRO F 139 8.27 -50.16 28.80
CA PRO F 139 7.32 -49.04 28.97
C PRO F 139 6.98 -48.79 30.43
N LEU F 140 6.67 -49.85 31.17
CA LEU F 140 6.36 -49.70 32.59
C LEU F 140 7.62 -49.53 33.42
N LEU F 141 8.73 -50.16 33.01
CA LEU F 141 10.00 -49.95 33.71
C LEU F 141 10.46 -48.51 33.58
N PHE F 142 10.26 -47.90 32.39
CA PHE F 142 10.53 -46.48 32.16
C PHE F 142 9.90 -45.60 33.24
N ASP F 143 8.61 -45.82 33.54
CA ASP F 143 7.90 -45.00 34.52
C ASP F 143 8.41 -45.23 35.93
N GLU F 144 8.65 -46.49 36.30
CA GLU F 144 9.14 -46.78 37.64
C GLU F 144 10.45 -46.06 37.91
N ILE F 145 11.35 -46.07 36.93
CA ILE F 145 12.62 -45.37 37.08
C ILE F 145 12.40 -43.86 37.17
N CYS F 146 11.49 -43.31 36.35
CA CYS F 146 11.21 -41.87 36.39
C CYS F 146 10.62 -41.43 37.73
N GLN F 147 9.69 -42.22 38.28
CA GLN F 147 9.15 -41.89 39.60
C GLN F 147 10.25 -41.81 40.65
N LYS F 148 11.11 -42.83 40.68
CA LYS F 148 12.22 -42.86 41.64
C LYS F 148 13.06 -41.59 41.57
N MET F 149 13.11 -40.95 40.40
CA MET F 149 13.99 -39.82 40.17
C MET F 149 13.28 -38.48 40.24
N ASP F 150 12.02 -38.43 40.70
CA ASP F 150 11.24 -37.19 40.73
C ASP F 150 11.03 -36.59 39.34
N ILE F 151 10.85 -37.45 38.35
CA ILE F 151 10.55 -37.03 36.98
C ILE F 151 9.10 -37.42 36.69
N PRO F 152 8.18 -36.46 36.57
CA PRO F 152 6.82 -36.80 36.12
C PRO F 152 6.82 -37.27 34.67
N VAL F 153 5.89 -38.16 34.35
CA VAL F 153 5.81 -38.82 33.05
C VAL F 153 4.47 -38.52 32.41
N LEU F 154 4.50 -37.97 31.19
CA LEU F 154 3.31 -37.80 30.38
C LEU F 154 3.07 -39.04 29.52
N HIS F 155 1.84 -39.56 29.56
CA HIS F 155 1.42 -40.63 28.67
C HIS F 155 0.39 -40.10 27.68
N PRO F 156 0.81 -39.76 26.45
CA PRO F 156 -0.12 -39.30 25.43
C PRO F 156 -0.68 -40.46 24.62
N TYR F 157 -1.97 -40.38 24.30
CA TYR F 157 -2.64 -41.40 23.50
C TYR F 157 -3.45 -40.75 22.37
N ASN F 158 -3.52 -41.45 21.24
CA ASN F 158 -4.24 -41.00 20.06
C ASN F 158 -5.56 -41.77 19.99
N LEU F 159 -6.65 -41.14 20.41
CA LEU F 159 -7.98 -41.75 20.39
C LEU F 159 -8.77 -41.35 19.15
N GLY F 160 -8.11 -41.22 18.00
CA GLY F 160 -8.80 -40.87 16.77
C GLY F 160 -9.36 -39.45 16.78
N TRP F 161 -10.59 -39.32 17.26
CA TRP F 161 -11.20 -38.01 17.42
C TRP F 161 -10.71 -37.30 18.66
N GLY F 162 -10.12 -38.03 19.60
CA GLY F 162 -9.73 -37.40 20.86
C GLY F 162 -8.25 -37.45 21.17
N GLY F 163 -7.80 -36.50 21.97
CA GLY F 163 -6.48 -36.57 22.60
C GLY F 163 -6.64 -36.85 24.08
N LEU F 164 -5.83 -37.79 24.58
CA LEU F 164 -5.84 -38.21 25.98
C LEU F 164 -4.42 -38.13 26.53
N VAL F 165 -4.24 -37.47 27.67
CA VAL F 165 -2.96 -37.47 28.38
C VAL F 165 -3.20 -37.76 29.85
N THR F 166 -2.39 -38.65 30.40
CA THR F 166 -2.35 -38.82 31.84
C THR F 166 -0.91 -38.70 32.31
N ILE F 167 -0.72 -38.10 33.48
CA ILE F 167 0.60 -37.85 34.04
C ILE F 167 0.77 -38.73 35.25
N ILE F 168 1.80 -39.58 35.22
CA ILE F 168 2.22 -40.34 36.37
C ILE F 168 3.12 -39.43 37.19
N SER F 169 2.69 -39.09 38.38
CA SER F 169 3.54 -38.25 39.19
C SER F 169 4.42 -39.12 40.09
N PRO F 170 5.58 -38.60 40.51
CA PRO F 170 6.51 -39.45 41.30
C PRO F 170 5.88 -40.09 42.53
N LYS F 171 5.08 -39.36 43.29
CA LYS F 171 4.50 -39.89 44.52
C LYS F 171 3.09 -40.43 44.34
N GLY F 172 2.63 -40.64 43.09
CA GLY F 172 1.30 -41.09 42.82
C GLY F 172 1.23 -42.50 42.24
N LEU F 173 0.01 -42.91 41.92
CA LEU F 173 -0.22 -44.22 41.34
C LEU F 173 0.46 -44.36 39.99
N SER F 174 0.89 -45.58 39.69
CA SER F 174 1.44 -45.89 38.37
C SER F 174 0.36 -46.50 37.50
N LEU F 175 0.65 -46.60 36.20
CA LEU F 175 -0.33 -47.16 35.26
C LEU F 175 -0.68 -48.61 35.54
N ASN F 176 0.18 -49.35 36.25
CA ASN F 176 -0.10 -50.73 36.62
C ASN F 176 -1.45 -50.89 37.30
N SER F 177 -1.84 -49.89 38.11
CA SER F 177 -3.06 -49.98 38.90
C SER F 177 -4.28 -50.31 38.07
N ILE F 178 -4.25 -50.06 36.76
CA ILE F 178 -5.38 -50.38 35.90
C ILE F 178 -5.18 -51.71 35.18
N ALA F 179 -3.98 -52.29 35.28
CA ALA F 179 -3.72 -53.60 34.70
C ALA F 179 -4.32 -54.68 35.60
N LYS F 180 -4.77 -55.75 34.97
CA LYS F 180 -5.34 -56.88 35.67
C LYS F 180 -4.24 -57.91 35.93
N LYS F 181 -4.23 -58.45 37.15
CA LYS F 181 -3.18 -59.38 37.57
C LYS F 181 -3.09 -60.57 36.63
N GLY F 182 -1.93 -60.71 35.99
CA GLY F 182 -1.67 -61.89 35.20
C GLY F 182 -1.55 -61.65 33.73
N GLU F 183 -1.95 -60.48 33.24
CA GLU F 183 -1.94 -60.21 31.81
C GLU F 183 -1.12 -58.97 31.46
N LYS F 184 -0.66 -58.97 30.21
CA LYS F 184 0.18 -57.90 29.70
C LYS F 184 -0.67 -56.64 29.54
N PHE F 185 0.00 -55.50 29.61
CA PHE F 185 -0.66 -54.21 29.69
C PHE F 185 -0.42 -53.45 28.39
N ASN F 186 -1.49 -52.98 27.77
CA ASN F 186 -1.40 -52.24 26.52
C ASN F 186 -2.37 -51.05 26.55
N GLU F 187 -2.51 -50.42 25.37
CA GLU F 187 -3.31 -49.20 25.24
C GLU F 187 -4.80 -49.46 25.36
N LEU F 188 -5.28 -50.65 25.00
CA LEU F 188 -6.70 -50.94 25.16
C LEU F 188 -7.13 -50.91 26.63
N ASN F 189 -6.23 -51.29 27.56
CA ASN F 189 -6.57 -51.16 28.98
C ASN F 189 -6.73 -49.70 29.36
N VAL F 190 -5.87 -48.84 28.82
CA VAL F 190 -5.96 -47.41 29.11
C VAL F 190 -7.28 -46.84 28.57
N VAL F 191 -7.62 -47.19 27.34
CA VAL F 191 -8.81 -46.60 26.73
C VAL F 191 -10.08 -47.17 27.37
N GLU F 192 -10.10 -48.46 27.69
CA GLU F 192 -11.27 -49.03 28.36
C GLU F 192 -11.48 -48.42 29.73
N TYR F 193 -10.40 -48.06 30.41
CA TYR F 193 -10.51 -47.35 31.67
C TYR F 193 -11.09 -45.95 31.49
N VAL F 194 -10.60 -45.21 30.51
CA VAL F 194 -11.03 -43.82 30.31
C VAL F 194 -12.51 -43.77 29.94
N SER F 195 -12.95 -44.62 29.01
CA SER F 195 -14.36 -44.65 28.66
C SER F 195 -15.23 -44.99 29.86
N SER F 196 -14.85 -46.02 30.63
CA SER F 196 -15.63 -46.37 31.82
C SER F 196 -15.64 -45.24 32.85
N TYR F 197 -14.50 -44.58 33.04
CA TYR F 197 -14.42 -43.46 33.97
C TYR F 197 -15.32 -42.31 33.53
N MET F 198 -15.27 -41.93 32.25
CA MET F 198 -16.14 -40.86 31.73
C MET F 198 -17.62 -41.22 31.90
N ARG F 199 -17.99 -42.46 31.57
CA ARG F 199 -19.39 -42.87 31.72
C ARG F 199 -19.80 -42.87 33.19
N PHE F 200 -18.91 -43.31 34.09
CA PHE F 200 -19.22 -43.34 35.51
C PHE F 200 -19.65 -41.97 36.00
N TRP F 201 -19.03 -40.91 35.47
CA TRP F 201 -19.32 -39.55 35.90
C TRP F 201 -20.43 -38.89 35.06
N GLY F 202 -21.24 -39.68 34.36
CA GLY F 202 -22.37 -39.10 33.67
C GLY F 202 -22.05 -38.41 32.37
N LYS F 203 -20.81 -38.49 31.92
CA LYS F 203 -20.38 -37.88 30.67
C LYS F 203 -19.79 -38.94 29.73
N PRO F 204 -20.58 -39.95 29.36
CA PRO F 204 -20.09 -41.00 28.47
C PRO F 204 -19.62 -40.46 27.12
N GLN F 205 -18.52 -41.01 26.68
CA GLN F 205 -17.94 -40.73 25.38
C GLN F 205 -18.35 -41.90 24.48
N GLU F 206 -19.53 -41.77 23.87
CA GLU F 206 -20.07 -42.86 23.06
C GLU F 206 -19.29 -43.08 21.78
N TRP F 207 -18.70 -42.02 21.21
CA TRP F 207 -17.81 -42.20 20.07
C TRP F 207 -16.64 -43.12 20.45
N LEU F 208 -16.08 -42.93 21.63
CA LEU F 208 -14.96 -43.74 22.08
C LEU F 208 -15.40 -45.17 22.34
N GLU F 209 -16.56 -45.35 22.98
CA GLU F 209 -17.08 -46.69 23.22
C GLU F 209 -17.37 -47.41 21.91
N ASP F 210 -17.76 -46.67 20.88
CA ASP F 210 -18.07 -47.28 19.57
C ASP F 210 -16.81 -47.85 18.93
N ILE F 211 -15.71 -47.09 18.90
CA ILE F 211 -14.50 -47.56 18.24
C ILE F 211 -13.84 -48.71 19.01
N ILE F 212 -13.92 -48.71 20.35
CA ILE F 212 -13.42 -49.86 21.12
C ILE F 212 -14.15 -51.12 20.70
N TYR F 213 -15.48 -51.03 20.61
CA TYR F 213 -16.28 -52.18 20.21
C TYR F 213 -15.87 -52.66 18.82
N LYS F 214 -15.75 -51.72 17.87
CA LYS F 214 -15.31 -52.08 16.52
C LYS F 214 -13.93 -52.72 16.54
N PHE F 215 -12.99 -52.13 17.28
CA PHE F 215 -11.63 -52.64 17.24
C PHE F 215 -11.52 -54.03 17.87
N LYS F 216 -12.16 -54.23 19.02
CA LYS F 216 -12.06 -55.54 19.66
C LYS F 216 -12.72 -56.63 18.82
N ASN F 217 -13.86 -56.32 18.21
CA ASN F 217 -14.60 -57.28 17.41
C ASN F 217 -14.04 -57.43 16.00
N GLU F 218 -12.83 -56.94 15.75
CA GLU F 218 -12.11 -57.24 14.52
C GLU F 218 -11.62 -58.67 14.60
N ARG F 219 -11.87 -59.46 13.54
CA ARG F 219 -11.39 -60.84 13.57
C ARG F 219 -9.87 -60.89 13.62
N GLU F 220 -9.20 -60.31 12.63
CA GLU F 220 -7.74 -60.30 12.68
C GLU F 220 -7.31 -59.27 13.71
N LYS F 221 -6.22 -59.56 14.41
CA LYS F 221 -5.70 -58.67 15.43
C LYS F 221 -4.64 -57.77 14.82
N LEU F 222 -4.94 -56.47 14.74
CA LEU F 222 -4.10 -55.48 14.10
C LEU F 222 -3.83 -54.36 15.09
N SER F 223 -2.93 -53.45 14.71
CA SER F 223 -2.65 -52.32 15.56
C SER F 223 -3.87 -51.40 15.61
N PRO F 224 -4.08 -50.70 16.71
CA PRO F 224 -5.24 -49.80 16.83
C PRO F 224 -5.17 -48.68 15.79
N PRO F 225 -6.31 -48.30 15.22
CA PRO F 225 -6.32 -47.15 14.31
C PRO F 225 -6.08 -45.85 15.06
N GLN F 226 -5.51 -44.89 14.34
CA GLN F 226 -5.28 -43.55 14.86
C GLN F 226 -5.46 -42.55 13.73
N LEU F 227 -5.85 -41.34 14.11
CA LEU F 227 -6.14 -40.28 13.17
C LEU F 227 -5.24 -39.08 13.49
N SER F 228 -5.06 -38.21 12.49
CA SER F 228 -4.34 -36.95 12.69
C SER F 228 -5.08 -36.04 13.67
N VAL F 229 -6.40 -36.16 13.72
CA VAL F 229 -7.20 -35.31 14.62
C VAL F 229 -6.70 -35.44 16.05
N GLY F 230 -6.61 -36.70 16.53
CA GLY F 230 -6.15 -36.94 17.89
C GLY F 230 -4.70 -36.54 18.10
N SER F 231 -3.86 -36.80 17.09
CA SER F 231 -2.44 -36.46 17.21
C SER F 231 -2.25 -34.95 17.40
N TRP F 232 -2.92 -34.14 16.57
CA TRP F 232 -2.77 -32.70 16.68
C TRP F 232 -3.35 -32.19 17.99
N VAL F 233 -4.50 -32.72 18.39
CA VAL F 233 -5.10 -32.30 19.66
C VAL F 233 -4.23 -32.70 20.84
N VAL F 234 -3.74 -33.95 20.85
CA VAL F 234 -2.96 -34.39 22.01
C VAL F 234 -1.63 -33.64 22.08
N ALA F 235 -1.08 -33.23 20.93
CA ALA F 235 0.17 -32.46 20.93
C ALA F 235 0.00 -31.12 21.62
N GLY F 236 -1.11 -30.43 21.38
CA GLY F 236 -1.36 -29.18 22.08
C GLY F 236 -1.54 -29.39 23.57
N MET F 237 -2.27 -30.44 23.94
CA MET F 237 -2.44 -30.78 25.36
C MET F 237 -1.09 -31.02 26.03
N CYS F 238 -0.22 -31.80 25.39
CA CYS F 238 1.07 -32.11 26.01
C CYS F 238 1.90 -30.84 26.22
N THR F 239 1.89 -29.95 25.24
CA THR F 239 2.61 -28.69 25.37
C THR F 239 2.08 -27.86 26.54
N HIS F 240 0.75 -27.81 26.71
CA HIS F 240 0.14 -27.12 27.83
C HIS F 240 0.57 -27.75 29.16
N ILE F 241 0.52 -29.08 29.24
CA ILE F 241 0.92 -29.78 30.47
C ILE F 241 2.39 -29.54 30.78
N LEU F 242 3.24 -29.60 29.75
CA LEU F 242 4.67 -29.35 29.94
C LEU F 242 4.90 -27.97 30.53
N PHE F 243 4.17 -26.96 30.05
CA PHE F 243 4.33 -25.61 30.57
C PHE F 243 3.96 -25.55 32.05
N ASN F 244 2.88 -26.22 32.43
CA ASN F 244 2.44 -26.22 33.82
C ASN F 244 3.45 -26.91 34.72
N ILE F 245 3.99 -28.04 34.26
CA ILE F 245 4.99 -28.75 35.04
C ILE F 245 6.22 -27.88 35.22
N ALA F 246 6.66 -27.21 34.15
CA ALA F 246 7.85 -26.38 34.22
C ALA F 246 7.63 -25.14 35.09
N THR F 247 6.47 -24.51 35.01
CA THR F 247 6.19 -23.34 35.82
C THR F 247 5.53 -23.72 37.14
N GLN F 248 5.44 -25.02 37.42
CA GLN F 248 4.93 -25.53 38.70
C GLN F 248 3.52 -25.01 38.98
N ARG F 249 2.70 -25.03 37.93
CA ARG F 249 1.27 -24.83 38.02
C ARG F 249 0.59 -26.18 38.26
N GLU F 250 -0.60 -26.14 38.84
CA GLU F 250 -1.29 -27.38 39.19
C GLU F 250 -1.55 -28.23 37.95
N ILE F 251 -1.45 -29.54 38.10
CA ILE F 251 -1.85 -30.50 37.07
C ILE F 251 -2.55 -31.65 37.76
N LYS F 252 -3.38 -32.35 37.00
CA LYS F 252 -3.98 -33.59 37.47
C LYS F 252 -3.02 -34.74 37.18
N SER F 253 -2.82 -35.59 38.18
CA SER F 253 -2.02 -36.79 38.03
C SER F 253 -2.91 -38.02 37.93
N PHE F 254 -2.41 -39.03 37.23
CA PHE F 254 -3.09 -40.32 37.23
C PHE F 254 -3.36 -40.77 38.66
N PRO F 255 -4.54 -41.35 38.95
CA PRO F 255 -5.59 -41.88 38.07
C PRO F 255 -6.46 -40.85 37.36
N GLU F 256 -6.21 -39.55 37.53
CA GLU F 256 -6.92 -38.56 36.74
C GLU F 256 -6.24 -38.36 35.38
N PHE F 257 -6.96 -37.76 34.44
CA PHE F 257 -6.42 -37.62 33.08
C PHE F 257 -7.06 -36.41 32.39
N TYR F 258 -6.52 -36.08 31.22
CA TYR F 258 -7.08 -35.02 30.37
C TYR F 258 -7.56 -35.65 29.07
N LEU F 259 -8.83 -35.41 28.75
CA LEU F 259 -9.45 -35.91 27.52
C LEU F 259 -10.01 -34.74 26.75
N SER F 260 -9.60 -34.58 25.51
CA SER F 260 -9.99 -33.43 24.73
C SER F 260 -10.46 -33.89 23.36
N SER F 261 -11.64 -33.41 22.96
CA SER F 261 -12.21 -33.78 21.68
C SER F 261 -13.18 -32.70 21.21
N LEU F 262 -13.54 -32.77 19.92
CA LEU F 262 -14.47 -31.80 19.37
C LEU F 262 -15.76 -31.75 20.17
N GLU F 263 -16.27 -32.92 20.53
CA GLU F 263 -17.49 -33.04 21.34
C GLU F 263 -17.18 -33.23 22.81
N GLY F 264 -17.66 -34.34 23.36
CA GLY F 264 -17.53 -34.64 24.77
C GLY F 264 -18.68 -35.55 25.15
N LYS G 16 -28.60 39.36 21.28
CA LYS G 16 -28.06 40.58 20.67
C LYS G 16 -29.12 41.23 19.76
N HIS G 17 -28.90 42.52 19.43
CA HIS G 17 -29.77 43.28 18.54
C HIS G 17 -29.92 42.62 17.17
N ARG G 18 -28.97 41.75 16.79
CA ARG G 18 -29.07 40.95 15.57
C ARG G 18 -30.25 39.99 15.61
N TYR G 19 -30.62 39.48 16.79
CA TYR G 19 -31.74 38.54 16.91
C TYR G 19 -33.02 39.22 17.40
N SER G 20 -33.09 40.55 17.27
CA SER G 20 -34.24 41.29 17.75
C SER G 20 -35.56 40.77 17.17
N ARG G 21 -35.61 40.55 15.86
CA ARG G 21 -36.85 40.12 15.21
C ARG G 21 -37.16 38.63 15.40
N ASN G 22 -36.36 37.91 16.18
CA ASN G 22 -36.62 36.51 16.53
C ASN G 22 -37.64 36.35 17.64
N ARG G 23 -38.11 37.45 18.24
CA ARG G 23 -38.91 37.32 19.45
C ARG G 23 -40.25 36.64 19.15
N LEU G 24 -40.93 36.23 20.22
CA LEU G 24 -42.18 35.46 20.16
C LEU G 24 -41.94 34.06 19.63
N TYR G 25 -41.30 33.93 18.46
CA TYR G 25 -40.92 32.61 17.98
C TYR G 25 -39.96 31.93 18.94
N LEU G 26 -38.96 32.66 19.42
CA LEU G 26 -37.96 32.16 20.35
C LEU G 26 -37.94 33.04 21.58
N ASN G 27 -37.87 32.41 22.76
CA ASN G 27 -37.66 33.17 23.98
C ASN G 27 -36.16 33.29 24.25
N PRO G 28 -35.77 34.22 25.13
CA PRO G 28 -34.33 34.46 25.35
C PRO G 28 -33.55 33.22 25.71
N LYS G 29 -34.14 32.30 26.50
CA LYS G 29 -33.38 31.12 26.90
C LYS G 29 -33.14 30.20 25.72
N GLU G 30 -34.08 30.15 24.77
CA GLU G 30 -33.87 29.33 23.58
C GLU G 30 -32.79 29.92 22.68
N GLN G 31 -32.81 31.25 22.51
CA GLN G 31 -31.75 31.88 21.73
C GLN G 31 -30.40 31.58 22.33
N GLU G 32 -30.32 31.62 23.68
CA GLU G 32 -29.09 31.29 24.41
C GLU G 32 -28.69 29.83 24.17
N LEU G 33 -29.67 28.93 24.18
CA LEU G 33 -29.41 27.51 23.98
C LEU G 33 -28.82 27.21 22.61
N ILE G 34 -29.44 27.74 21.53
CA ILE G 34 -28.95 27.39 20.21
C ILE G 34 -27.63 28.08 19.89
N LYS G 35 -27.28 29.13 20.63
CA LYS G 35 -26.05 29.85 20.35
C LYS G 35 -24.85 28.92 20.34
N ASP G 36 -24.77 28.02 21.31
CA ASP G 36 -23.62 27.16 21.49
C ASP G 36 -23.88 25.70 21.14
N TYR G 37 -25.08 25.36 20.65
CA TYR G 37 -25.44 23.99 20.28
C TYR G 37 -24.50 23.48 19.19
N PRO G 38 -23.64 22.50 19.50
CA PRO G 38 -22.62 22.09 18.51
C PRO G 38 -23.22 21.28 17.37
N ILE G 39 -23.12 21.84 16.17
CA ILE G 39 -23.60 21.24 14.93
C ILE G 39 -22.39 20.76 14.15
N LEU G 40 -22.45 19.53 13.65
CA LEU G 40 -21.46 19.04 12.69
C LEU G 40 -22.09 18.99 11.30
N LEU G 41 -21.42 19.60 10.33
CA LEU G 41 -21.87 19.63 8.93
C LEU G 41 -20.85 18.90 8.08
N GLY G 42 -21.22 17.74 7.55
CA GLY G 42 -20.35 17.02 6.65
C GLY G 42 -20.72 17.28 5.20
N GLY G 43 -19.90 18.08 4.50
CA GLY G 43 -20.23 18.45 3.13
C GLY G 43 -20.66 19.90 3.07
N ALA G 44 -19.91 20.72 2.35
CA ALA G 44 -20.14 22.16 2.25
C ALA G 44 -20.78 22.56 0.92
N GLY G 45 -21.53 21.65 0.30
CA GLY G 45 -22.23 21.98 -0.92
C GLY G 45 -23.60 22.52 -0.59
N ILE G 46 -24.60 21.64 -0.61
CA ILE G 46 -25.92 21.94 -0.07
C ILE G 46 -25.86 22.44 1.38
N GLY G 47 -24.88 21.97 2.15
CA GLY G 47 -24.75 22.43 3.52
C GLY G 47 -24.34 23.88 3.66
N SER G 48 -23.77 24.50 2.62
CA SER G 48 -23.39 25.90 2.73
C SER G 48 -24.60 26.81 2.71
N ILE G 49 -25.67 26.45 2.01
CA ILE G 49 -26.91 27.21 2.12
C ILE G 49 -27.52 26.99 3.48
N ILE G 50 -27.51 25.73 3.97
CA ILE G 50 -28.04 25.42 5.28
C ILE G 50 -27.30 26.21 6.36
N ALA G 51 -25.96 26.26 6.26
CA ALA G 51 -25.16 26.93 7.29
C ALA G 51 -25.52 28.40 7.44
N GLU G 52 -25.72 29.12 6.32
CA GLU G 52 -26.06 30.54 6.45
C GLU G 52 -27.42 30.73 7.10
N CYS G 53 -28.42 29.98 6.64
CA CYS G 53 -29.75 30.12 7.23
C CYS G 53 -29.73 29.79 8.73
N ALA G 54 -29.02 28.73 9.11
CA ALA G 54 -28.96 28.36 10.53
C ALA G 54 -28.15 29.37 11.34
N LEU G 55 -27.07 29.91 10.76
CA LEU G 55 -26.29 30.90 11.49
C LEU G 55 -27.10 32.16 11.76
N ARG G 56 -27.79 32.67 10.72
CA ARG G 56 -28.59 33.87 10.90
C ARG G 56 -29.71 33.64 11.90
N PHE G 57 -30.26 32.43 11.95
CA PHE G 57 -31.27 32.06 12.94
C PHE G 57 -30.73 32.16 14.38
N GLY G 58 -29.45 31.86 14.58
CA GLY G 58 -28.88 31.99 15.91
C GLY G 58 -27.97 30.85 16.32
N PHE G 59 -27.82 29.85 15.44
CA PHE G 59 -26.85 28.76 15.64
C PHE G 59 -25.45 29.27 15.32
N GLU G 60 -24.66 29.53 16.35
CA GLU G 60 -23.36 30.16 16.18
C GLU G 60 -22.20 29.21 16.36
N ASN G 61 -22.44 27.91 16.57
CA ASN G 61 -21.38 26.94 16.86
C ASN G 61 -21.46 25.84 15.81
N ILE G 62 -20.72 25.98 14.71
CA ILE G 62 -20.86 25.09 13.57
C ILE G 62 -19.50 24.58 13.15
N THR G 63 -19.38 23.25 13.01
CA THR G 63 -18.22 22.59 12.47
C THR G 63 -18.55 22.12 11.06
N ILE G 64 -17.68 22.44 10.10
CA ILE G 64 -17.88 22.08 8.71
C ILE G 64 -16.67 21.30 8.21
N VAL G 65 -16.92 20.13 7.63
CA VAL G 65 -15.87 19.28 7.07
C VAL G 65 -16.20 19.03 5.61
N ASP G 66 -15.24 19.29 4.74
CA ASP G 66 -15.38 19.06 3.30
C ASP G 66 -14.00 19.11 2.69
N GLY G 67 -13.77 18.29 1.68
CA GLY G 67 -12.48 18.31 1.02
C GLY G 67 -12.52 18.90 -0.37
N ASP G 68 -13.71 19.28 -0.84
CA ASP G 68 -13.89 19.76 -2.21
C ASP G 68 -13.51 21.22 -2.37
N HIS G 69 -13.29 21.59 -3.62
CA HIS G 69 -13.09 22.96 -4.05
C HIS G 69 -14.34 23.49 -4.76
N VAL G 70 -14.46 24.81 -4.82
CA VAL G 70 -15.62 25.43 -5.47
C VAL G 70 -15.45 25.35 -6.97
N GLU G 71 -16.47 24.86 -7.66
CA GLU G 71 -16.51 24.84 -9.11
C GLU G 71 -17.62 25.74 -9.65
N ASN G 72 -17.51 26.06 -10.94
CA ASN G 72 -18.47 26.92 -11.60
C ASN G 72 -19.89 26.42 -11.43
N SER G 73 -20.09 25.11 -11.60
CA SER G 73 -21.41 24.53 -11.53
C SER G 73 -22.02 24.61 -10.14
N ASN G 74 -21.26 24.98 -9.11
CA ASN G 74 -21.85 25.11 -7.79
C ASN G 74 -22.73 26.35 -7.68
N LEU G 75 -22.53 27.34 -8.56
CA LEU G 75 -23.07 28.67 -8.33
C LEU G 75 -24.59 28.75 -8.51
N ASN G 76 -25.24 27.74 -9.10
CA ASN G 76 -26.69 27.77 -9.27
C ASN G 76 -27.47 27.37 -8.02
N ARG G 77 -26.79 26.96 -6.93
CA ARG G 77 -27.51 26.44 -5.78
C ARG G 77 -26.70 26.43 -4.49
N GLN G 78 -25.43 26.84 -4.53
CA GLN G 78 -24.57 26.78 -3.36
C GLN G 78 -24.08 28.17 -2.98
N ASN G 79 -23.62 28.27 -1.73
CA ASN G 79 -23.37 29.57 -1.11
C ASN G 79 -21.95 30.06 -1.42
N TYR G 80 -21.64 30.18 -2.71
CA TYR G 80 -20.32 30.61 -3.17
C TYR G 80 -20.43 31.63 -4.30
N THR G 81 -19.33 32.33 -4.53
CA THR G 81 -19.26 33.40 -5.50
C THR G 81 -18.27 33.08 -6.60
N GLU G 82 -18.27 33.91 -7.63
CA GLU G 82 -17.28 33.78 -8.69
C GLU G 82 -15.87 33.86 -8.14
N GLY G 83 -15.66 34.71 -7.13
CA GLY G 83 -14.32 34.83 -6.55
C GLY G 83 -13.89 33.63 -5.76
N ASP G 84 -14.84 32.82 -5.30
CA ASP G 84 -14.52 31.62 -4.54
C ASP G 84 -14.07 30.47 -5.42
N VAL G 85 -14.25 30.55 -6.74
CA VAL G 85 -13.98 29.39 -7.58
C VAL G 85 -12.53 28.99 -7.49
N SER G 86 -12.29 27.69 -7.28
CA SER G 86 -11.00 27.01 -7.08
C SER G 86 -10.51 27.07 -5.64
N VAL G 87 -11.26 27.61 -4.70
CA VAL G 87 -10.87 27.64 -3.29
C VAL G 87 -11.55 26.48 -2.57
N ASN G 88 -10.93 26.02 -1.48
CA ASN G 88 -11.57 25.04 -0.61
C ASN G 88 -12.93 25.55 -0.19
N LYS G 89 -13.95 24.71 -0.37
CA LYS G 89 -15.29 25.10 0.00
C LYS G 89 -15.36 25.57 1.45
N VAL G 90 -14.66 24.88 2.35
CA VAL G 90 -14.80 25.19 3.78
C VAL G 90 -14.24 26.57 4.09
N GLU G 91 -13.12 26.96 3.46
CA GLU G 91 -12.59 28.30 3.68
C GLU G 91 -13.53 29.36 3.09
N ALA G 92 -14.08 29.11 1.90
CA ALA G 92 -14.96 30.10 1.28
C ALA G 92 -16.22 30.30 2.11
N ILE G 93 -16.84 29.21 2.59
CA ILE G 93 -18.06 29.34 3.37
C ILE G 93 -17.79 29.97 4.73
N LYS G 94 -16.61 29.73 5.33
CA LYS G 94 -16.30 30.39 6.61
C LYS G 94 -16.15 31.90 6.44
N ALA G 95 -15.55 32.33 5.33
CA ALA G 95 -15.48 33.75 5.05
C ALA G 95 -16.88 34.37 5.06
N ARG G 96 -17.79 33.74 4.31
CA ARG G 96 -19.17 34.21 4.25
C ARG G 96 -19.82 34.22 5.63
N LEU G 97 -19.75 33.10 6.35
CA LEU G 97 -20.39 33.02 7.65
C LEU G 97 -19.78 34.03 8.63
N LYS G 98 -18.46 34.19 8.59
CA LYS G 98 -17.84 35.09 9.56
C LYS G 98 -18.05 36.56 9.23
N SER G 99 -18.35 36.89 7.97
CA SER G 99 -18.76 38.24 7.64
C SER G 99 -20.20 38.54 8.07
N ILE G 100 -21.05 37.50 8.19
CA ILE G 100 -22.37 37.72 8.76
C ILE G 100 -22.27 37.86 10.28
N ASN G 101 -21.42 37.05 10.92
CA ASN G 101 -21.25 37.06 12.38
C ASN G 101 -19.78 36.84 12.71
N SER G 102 -19.07 37.93 13.02
CA SER G 102 -17.64 37.82 13.29
C SER G 102 -17.39 37.04 14.58
N LYS G 103 -18.28 37.17 15.56
CA LYS G 103 -18.15 36.51 16.86
C LYS G 103 -18.64 35.06 16.84
N ALA G 104 -19.04 34.53 15.68
CA ALA G 104 -19.51 33.15 15.61
C ALA G 104 -18.34 32.18 15.68
N ASN G 105 -18.62 30.96 16.14
CA ASN G 105 -17.59 29.94 16.31
C ASN G 105 -17.72 28.93 15.17
N ILE G 106 -17.08 29.24 14.05
CA ILE G 106 -17.14 28.44 12.83
C ILE G 106 -15.80 27.73 12.70
N LYS G 107 -15.80 26.42 12.97
CA LYS G 107 -14.58 25.61 12.88
C LYS G 107 -14.67 24.76 11.62
N ILE G 108 -13.65 24.86 10.77
CA ILE G 108 -13.63 24.19 9.47
C ILE G 108 -12.46 23.22 9.43
N HIS G 109 -12.59 22.23 8.54
CA HIS G 109 -11.54 21.25 8.32
C HIS G 109 -11.54 20.91 6.84
N ASN G 110 -10.48 21.25 6.12
CA ASN G 110 -10.42 20.92 4.71
C ASN G 110 -9.81 19.53 4.62
N CYS G 111 -10.66 18.54 4.85
CA CYS G 111 -10.24 17.16 4.88
C CYS G 111 -11.39 16.30 4.39
N PHE G 112 -11.05 15.19 3.76
CA PHE G 112 -12.06 14.18 3.46
C PHE G 112 -12.27 13.29 4.68
N LEU G 113 -13.52 12.84 4.85
CA LEU G 113 -13.82 11.94 5.96
C LEU G 113 -13.49 10.53 5.55
N THR G 114 -12.81 9.80 6.43
CA THR G 114 -12.45 8.41 6.19
C THR G 114 -12.89 7.57 7.39
N SER G 115 -12.83 6.25 7.23
CA SER G 115 -13.17 5.38 8.35
C SER G 115 -12.28 5.68 9.56
N ASP G 116 -11.07 6.19 9.32
CA ASP G 116 -10.12 6.43 10.38
C ASP G 116 -10.31 7.78 11.08
N ASN G 117 -10.80 8.82 10.40
CA ASN G 117 -10.91 10.11 11.08
C ASN G 117 -12.33 10.48 11.48
N VAL G 118 -13.34 9.75 10.98
CA VAL G 118 -14.70 10.28 11.05
C VAL G 118 -15.22 10.31 12.48
N GLU G 119 -14.82 9.35 13.33
CA GLU G 119 -15.37 9.35 14.68
C GLU G 119 -14.88 10.54 15.48
N GLU G 120 -13.60 10.91 15.34
CA GLU G 120 -13.09 12.05 16.09
C GLU G 120 -13.77 13.34 15.64
N TYR G 121 -14.14 13.46 14.36
CA TYR G 121 -14.88 14.66 13.97
C TYR G 121 -16.28 14.66 14.57
N ILE G 122 -16.95 13.50 14.57
CA ILE G 122 -18.32 13.43 15.09
C ILE G 122 -18.35 13.75 16.57
N LYS G 123 -17.38 13.21 17.31
CA LYS G 123 -17.29 13.37 18.75
C LYS G 123 -17.37 14.83 19.17
N GLY G 124 -18.23 15.10 20.15
CA GLY G 124 -18.37 16.42 20.73
C GLY G 124 -19.56 17.22 20.21
N HIS G 125 -20.30 16.70 19.24
CA HIS G 125 -21.44 17.42 18.71
C HIS G 125 -22.75 16.79 19.19
N LYS G 126 -23.79 17.62 19.27
CA LYS G 126 -25.11 17.20 19.69
C LYS G 126 -26.01 16.81 18.53
N VAL G 127 -25.72 17.28 17.32
CA VAL G 127 -26.56 17.00 16.16
C VAL G 127 -25.66 17.09 14.93
N ALA G 128 -26.03 16.34 13.90
CA ALA G 128 -25.20 16.26 12.71
C ALA G 128 -26.05 16.43 11.46
N ILE G 129 -25.43 17.00 10.43
CA ILE G 129 -26.03 17.12 9.11
C ILE G 129 -25.14 16.34 8.15
N ASN G 130 -25.67 15.25 7.60
CA ASN G 130 -24.97 14.41 6.63
C ASN G 130 -25.32 14.92 5.23
N ALA G 131 -24.40 15.66 4.62
CA ALA G 131 -24.53 16.12 3.25
C ALA G 131 -23.39 15.58 2.40
N LEU G 132 -23.08 14.30 2.59
CA LEU G 132 -21.93 13.66 1.98
C LEU G 132 -22.32 12.94 0.69
N ASP G 133 -21.47 13.09 -0.34
CA ASP G 133 -21.63 12.32 -1.57
C ASP G 133 -21.70 10.85 -1.26
N PHE G 134 -22.57 10.12 -1.97
CA PHE G 134 -22.58 8.69 -1.72
C PHE G 134 -21.40 7.99 -2.39
N SER G 135 -20.55 8.73 -3.10
CA SER G 135 -19.30 8.22 -3.64
C SER G 135 -18.15 8.43 -2.66
N SER G 136 -18.37 9.17 -1.58
CA SER G 136 -17.39 9.28 -0.50
C SER G 136 -17.14 7.93 0.13
N GLU G 137 -16.21 7.90 1.07
CA GLU G 137 -15.84 6.66 1.74
C GLU G 137 -16.71 6.34 2.94
N VAL G 138 -17.30 7.34 3.57
CA VAL G 138 -17.91 7.17 4.90
C VAL G 138 -19.38 7.59 4.99
N PRO G 139 -20.16 7.70 3.89
CA PRO G 139 -21.53 8.28 4.02
C PRO G 139 -22.46 7.54 4.97
N LEU G 140 -22.56 6.22 4.88
CA LEU G 140 -23.42 5.47 5.79
C LEU G 140 -22.75 5.23 7.15
N LEU G 141 -21.42 5.03 7.18
CA LEU G 141 -20.74 4.80 8.45
C LEU G 141 -20.89 6.00 9.37
N PHE G 142 -20.81 7.20 8.80
CA PHE G 142 -21.05 8.44 9.52
C PHE G 142 -22.30 8.35 10.39
N ASP G 143 -23.41 7.85 9.82
CA ASP G 143 -24.66 7.76 10.57
C ASP G 143 -24.58 6.72 11.68
N GLU G 144 -23.97 5.57 11.40
CA GLU G 144 -23.87 4.54 12.43
C GLU G 144 -23.13 5.07 13.64
N ILE G 145 -22.04 5.80 13.41
CA ILE G 145 -21.31 6.33 14.54
C ILE G 145 -22.17 7.36 15.27
N CYS G 146 -22.91 8.18 14.52
CA CYS G 146 -23.78 9.16 15.15
C CYS G 146 -24.86 8.50 16.01
N GLN G 147 -25.48 7.43 15.50
CA GLN G 147 -26.44 6.69 16.29
C GLN G 147 -25.83 6.16 17.58
N LYS G 148 -24.66 5.52 17.46
CA LYS G 148 -23.97 5.00 18.64
C LYS G 148 -23.77 6.09 19.68
N MET G 149 -23.61 7.32 19.23
CA MET G 149 -23.31 8.43 20.11
C MET G 149 -24.52 9.27 20.45
N ASP G 150 -25.72 8.81 20.08
CA ASP G 150 -26.98 9.53 20.34
C ASP G 150 -27.00 10.91 19.68
N ILE G 151 -26.42 11.02 18.51
CA ILE G 151 -26.41 12.25 17.73
C ILE G 151 -27.38 12.08 16.56
N PRO G 152 -28.53 12.73 16.56
CA PRO G 152 -29.44 12.61 15.41
C PRO G 152 -28.84 13.23 14.16
N VAL G 153 -29.16 12.64 13.02
CA VAL G 153 -28.54 13.02 11.74
C VAL G 153 -29.60 13.50 10.77
N LEU G 154 -29.43 14.73 10.26
CA LEU G 154 -30.27 15.28 9.21
C LEU G 154 -29.71 14.92 7.83
N HIS G 155 -30.57 14.41 6.95
CA HIS G 155 -30.21 14.17 5.55
C HIS G 155 -30.98 15.15 4.66
N PRO G 156 -30.38 16.26 4.20
CA PRO G 156 -31.07 17.18 3.29
C PRO G 156 -30.83 16.84 1.82
N TYR G 157 -31.89 16.97 1.02
CA TYR G 157 -31.79 16.68 -0.41
C TYR G 157 -32.41 17.81 -1.21
N ASN G 158 -31.83 18.04 -2.40
CA ASN G 158 -32.29 19.06 -3.34
C ASN G 158 -33.11 18.36 -4.43
N LEU G 159 -34.44 18.43 -4.31
CA LEU G 159 -35.34 17.85 -5.31
C LEU G 159 -35.80 18.89 -6.33
N GLY G 160 -34.92 19.82 -6.71
CA GLY G 160 -35.26 20.83 -7.69
C GLY G 160 -36.27 21.84 -7.17
N TRP G 161 -37.54 21.53 -7.36
CA TRP G 161 -38.61 22.36 -6.83
C TRP G 161 -38.84 22.11 -5.35
N GLY G 162 -38.36 20.98 -4.83
CA GLY G 162 -38.65 20.59 -3.47
C GLY G 162 -37.40 20.51 -2.61
N GLY G 163 -37.59 20.70 -1.31
CA GLY G 163 -36.60 20.35 -0.29
C GLY G 163 -37.10 19.18 0.51
N LEU G 164 -36.19 18.20 0.72
CA LEU G 164 -36.48 16.97 1.44
C LEU G 164 -35.47 16.76 2.56
N VAL G 165 -35.97 16.53 3.77
CA VAL G 165 -35.12 16.21 4.90
C VAL G 165 -35.66 14.97 5.60
N THR G 166 -34.79 14.03 5.90
CA THR G 166 -35.14 12.95 6.80
C THR G 166 -34.09 12.88 7.90
N ILE G 167 -34.54 12.56 9.12
CA ILE G 167 -33.70 12.56 10.31
C ILE G 167 -33.50 11.12 10.76
N ILE G 168 -32.25 10.70 10.80
CA ILE G 168 -31.88 9.41 11.37
C ILE G 168 -31.75 9.59 12.88
N SER G 169 -32.65 8.94 13.63
CA SER G 169 -32.63 9.05 15.09
C SER G 169 -31.83 7.91 15.73
N PRO G 170 -31.24 8.17 16.91
CA PRO G 170 -30.33 7.18 17.53
C PRO G 170 -30.93 5.79 17.71
N LYS G 171 -32.18 5.70 18.15
CA LYS G 171 -32.81 4.40 18.39
C LYS G 171 -33.66 3.94 17.21
N GLY G 172 -33.57 4.62 16.06
CA GLY G 172 -34.41 4.30 14.93
C GLY G 172 -33.68 3.69 13.75
N LEU G 173 -34.46 3.42 12.70
CA LEU G 173 -33.90 2.86 11.48
C LEU G 173 -32.97 3.86 10.81
N SER G 174 -31.93 3.31 10.19
CA SER G 174 -31.01 4.06 9.35
C SER G 174 -31.34 3.84 7.88
N LEU G 175 -30.71 4.65 7.01
CA LEU G 175 -30.90 4.43 5.58
C LEU G 175 -30.40 3.06 5.16
N ASN G 176 -29.51 2.45 5.94
CA ASN G 176 -29.10 1.07 5.66
C ASN G 176 -30.31 0.16 5.57
N SER G 177 -31.35 0.44 6.37
CA SER G 177 -32.54 -0.41 6.40
C SER G 177 -33.15 -0.52 5.01
N ILE G 178 -32.93 0.50 4.19
CA ILE G 178 -33.46 0.57 2.83
C ILE G 178 -32.44 0.09 1.81
N ALA G 179 -31.16 0.08 2.17
CA ALA G 179 -30.15 -0.38 1.23
C ALA G 179 -30.07 -1.89 1.19
N LYS G 180 -30.09 -2.45 -0.02
CA LYS G 180 -29.93 -3.88 -0.22
C LYS G 180 -28.54 -4.17 -0.78
N LYS G 181 -27.84 -5.13 -0.18
CA LYS G 181 -26.46 -5.41 -0.55
C LYS G 181 -26.36 -5.84 -2.01
N GLY G 182 -25.19 -5.55 -2.62
CA GLY G 182 -24.96 -5.91 -4.00
C GLY G 182 -25.46 -4.89 -5.01
N GLU G 183 -26.22 -3.91 -4.56
CA GLU G 183 -26.79 -2.90 -5.42
C GLU G 183 -26.38 -1.53 -4.92
N LYS G 184 -26.37 -0.56 -5.84
CA LYS G 184 -25.90 0.77 -5.50
C LYS G 184 -26.94 1.49 -4.63
N PHE G 185 -26.46 2.29 -3.69
CA PHE G 185 -27.35 3.06 -2.84
C PHE G 185 -26.87 4.51 -2.93
N ASN G 186 -27.73 5.40 -3.42
CA ASN G 186 -27.39 6.82 -3.45
C ASN G 186 -28.68 7.60 -3.22
N GLU G 187 -28.66 8.88 -3.57
CA GLU G 187 -29.81 9.75 -3.31
C GLU G 187 -31.01 9.36 -4.17
N LEU G 188 -30.77 8.73 -5.31
CA LEU G 188 -31.88 8.29 -6.16
C LEU G 188 -32.74 7.26 -5.45
N ASN G 189 -32.15 6.43 -4.61
CA ASN G 189 -32.91 5.46 -3.83
C ASN G 189 -33.76 6.14 -2.77
N VAL G 190 -33.22 7.14 -2.08
CA VAL G 190 -34.01 7.87 -1.09
C VAL G 190 -35.17 8.59 -1.79
N VAL G 191 -34.88 9.23 -2.91
CA VAL G 191 -35.89 10.02 -3.61
C VAL G 191 -36.97 9.10 -4.20
N GLU G 192 -36.58 7.94 -4.71
CA GLU G 192 -37.57 6.96 -5.17
C GLU G 192 -38.41 6.42 -4.03
N TYR G 193 -37.83 6.26 -2.85
CA TYR G 193 -38.63 5.88 -1.69
C TYR G 193 -39.66 6.97 -1.35
N VAL G 194 -39.24 8.22 -1.37
CA VAL G 194 -40.13 9.34 -1.03
C VAL G 194 -41.29 9.41 -2.02
N SER G 195 -40.97 9.33 -3.31
CA SER G 195 -41.99 9.41 -4.35
C SER G 195 -43.04 8.31 -4.17
N SER G 196 -42.62 7.06 -3.96
CA SER G 196 -43.58 5.99 -3.72
C SER G 196 -44.39 6.24 -2.45
N TYR G 197 -43.73 6.71 -1.40
CA TYR G 197 -44.42 7.00 -0.14
C TYR G 197 -45.53 8.01 -0.35
N MET G 198 -45.22 9.11 -1.03
CA MET G 198 -46.22 10.14 -1.27
C MET G 198 -47.41 9.59 -2.05
N ARG G 199 -47.16 8.81 -3.09
CA ARG G 199 -48.28 8.24 -3.85
C ARG G 199 -49.08 7.26 -3.02
N PHE G 200 -48.39 6.38 -2.27
CA PHE G 200 -49.07 5.38 -1.48
C PHE G 200 -50.06 6.03 -0.52
N TRP G 201 -49.69 7.17 0.05
CA TRP G 201 -50.47 7.87 1.05
C TRP G 201 -51.44 8.89 0.46
N GLY G 202 -51.73 8.79 -0.84
CA GLY G 202 -52.73 9.64 -1.47
C GLY G 202 -52.29 11.05 -1.82
N LYS G 203 -51.01 11.38 -1.70
CA LYS G 203 -50.49 12.70 -2.08
C LYS G 203 -49.40 12.53 -3.14
N PRO G 204 -49.70 11.93 -4.29
CA PRO G 204 -48.65 11.74 -5.30
C PRO G 204 -48.06 13.07 -5.76
N GLN G 205 -46.73 13.05 -5.92
CA GLN G 205 -45.94 14.19 -6.39
C GLN G 205 -45.58 13.95 -7.85
N GLU G 206 -46.43 14.40 -8.76
CA GLU G 206 -46.21 14.08 -10.17
C GLU G 206 -44.98 14.79 -10.73
N TRP G 207 -44.69 15.99 -10.25
CA TRP G 207 -43.46 16.67 -10.66
C TRP G 207 -42.25 15.85 -10.27
N LEU G 208 -42.26 15.28 -9.07
CA LEU G 208 -41.12 14.48 -8.61
C LEU G 208 -41.01 13.19 -9.41
N GLU G 209 -42.14 12.54 -9.68
CA GLU G 209 -42.11 11.33 -10.49
C GLU G 209 -41.61 11.63 -11.88
N ASP G 210 -41.96 12.80 -12.42
CA ASP G 210 -41.56 13.17 -13.77
C ASP G 210 -40.04 13.34 -13.87
N ILE G 211 -39.44 14.10 -12.95
CA ILE G 211 -38.01 14.33 -13.06
C ILE G 211 -37.21 13.04 -12.77
N ILE G 212 -37.70 12.18 -11.88
CA ILE G 212 -37.05 10.88 -11.70
C ILE G 212 -37.05 10.10 -13.02
N TYR G 213 -38.19 10.08 -13.72
CA TYR G 213 -38.28 9.38 -14.99
C TYR G 213 -37.31 9.93 -16.03
N LYS G 214 -37.30 11.26 -16.20
CA LYS G 214 -36.39 11.89 -17.16
C LYS G 214 -34.93 11.57 -16.83
N PHE G 215 -34.57 11.64 -15.54
CA PHE G 215 -33.18 11.44 -15.16
C PHE G 215 -32.74 10.00 -15.41
N LYS G 216 -33.57 9.02 -15.08
CA LYS G 216 -33.16 7.63 -15.29
C LYS G 216 -33.01 7.34 -16.77
N ASN G 217 -33.92 7.84 -17.60
CA ASN G 217 -33.91 7.59 -19.04
C ASN G 217 -32.99 8.55 -19.83
N GLU G 218 -32.09 9.26 -19.17
CA GLU G 218 -31.05 10.02 -19.86
C GLU G 218 -30.02 9.07 -20.46
N ARG G 219 -29.66 9.32 -21.72
CA ARG G 219 -28.60 8.55 -22.35
C ARG G 219 -27.27 8.73 -21.63
N GLU G 220 -26.85 9.98 -21.46
CA GLU G 220 -25.57 10.28 -20.83
C GLU G 220 -25.58 10.01 -19.34
N LYS G 221 -24.40 9.71 -18.80
CA LYS G 221 -24.22 9.49 -17.36
C LYS G 221 -23.83 10.82 -16.74
N LEU G 222 -24.77 11.45 -16.02
CA LEU G 222 -24.52 12.74 -15.40
C LEU G 222 -25.00 12.73 -13.95
N SER G 223 -24.56 13.74 -13.20
CA SER G 223 -25.02 13.93 -11.84
C SER G 223 -26.47 14.38 -11.83
N PRO G 224 -27.21 14.09 -10.78
CA PRO G 224 -28.61 14.54 -10.73
C PRO G 224 -28.67 16.06 -10.81
N PRO G 225 -29.65 16.60 -11.53
CA PRO G 225 -29.80 18.07 -11.59
C PRO G 225 -30.35 18.60 -10.27
N GLN G 226 -30.01 19.86 -9.99
CA GLN G 226 -30.52 20.52 -8.78
C GLN G 226 -30.72 21.99 -9.06
N LEU G 227 -31.65 22.61 -8.34
CA LEU G 227 -32.00 24.01 -8.54
C LEU G 227 -31.81 24.80 -7.25
N SER G 228 -31.67 26.12 -7.40
CA SER G 228 -31.59 26.98 -6.25
C SER G 228 -32.84 26.91 -5.39
N VAL G 229 -33.98 26.60 -6.01
CA VAL G 229 -35.26 26.61 -5.30
C VAL G 229 -35.23 25.61 -4.14
N GLY G 230 -34.85 24.37 -4.43
CA GLY G 230 -34.80 23.34 -3.41
C GLY G 230 -33.74 23.60 -2.34
N SER G 231 -32.59 24.13 -2.73
CA SER G 231 -31.55 24.47 -1.76
C SER G 231 -32.05 25.48 -0.74
N TRP G 232 -32.69 26.55 -1.20
CA TRP G 232 -33.17 27.57 -0.27
C TRP G 232 -34.26 27.02 0.62
N VAL G 233 -35.17 26.22 0.06
CA VAL G 233 -36.26 25.63 0.83
C VAL G 233 -35.69 24.64 1.85
N VAL G 234 -34.75 23.80 1.42
CA VAL G 234 -34.20 22.79 2.33
C VAL G 234 -33.37 23.45 3.42
N ALA G 235 -32.76 24.60 3.13
CA ALA G 235 -32.03 25.33 4.16
C ALA G 235 -32.96 25.77 5.28
N GLY G 236 -34.14 26.27 4.90
CA GLY G 236 -35.12 26.66 5.89
C GLY G 236 -35.64 25.48 6.70
N MET G 237 -35.90 24.36 6.04
CA MET G 237 -36.40 23.17 6.75
C MET G 237 -35.39 22.71 7.79
N CYS G 238 -34.11 22.61 7.40
CA CYS G 238 -33.09 22.12 8.32
C CYS G 238 -32.97 23.02 9.54
N THR G 239 -33.10 24.33 9.35
CA THR G 239 -33.00 25.26 10.47
C THR G 239 -34.15 25.06 11.44
N HIS G 240 -35.37 24.88 10.91
CA HIS G 240 -36.52 24.58 11.74
C HIS G 240 -36.32 23.27 12.50
N ILE G 241 -35.87 22.24 11.80
CA ILE G 241 -35.64 20.94 12.42
C ILE G 241 -34.57 21.04 13.52
N LEU G 242 -33.46 21.75 13.23
CA LEU G 242 -32.40 21.95 14.21
C LEU G 242 -32.92 22.64 15.47
N PHE G 243 -33.77 23.65 15.29
CA PHE G 243 -34.35 24.31 16.45
C PHE G 243 -35.18 23.33 17.27
N ASN G 244 -35.94 22.46 16.59
CA ASN G 244 -36.77 21.47 17.27
C ASN G 244 -35.92 20.46 18.03
N ILE G 245 -34.83 19.99 17.41
CA ILE G 245 -33.98 19.01 18.08
C ILE G 245 -33.30 19.64 19.29
N ALA G 246 -32.80 20.87 19.15
CA ALA G 246 -32.10 21.51 20.26
C ALA G 246 -33.04 21.83 21.42
N THR G 247 -34.25 22.28 21.12
CA THR G 247 -35.22 22.60 22.15
C THR G 247 -36.09 21.41 22.51
N GLN G 248 -35.78 20.23 21.98
CA GLN G 248 -36.45 18.99 22.37
C GLN G 248 -37.94 19.05 22.06
N ARG G 249 -38.25 19.61 20.90
CA ARG G 249 -39.58 19.54 20.33
C ARG G 249 -39.69 18.31 19.45
N GLU G 250 -40.91 17.85 19.25
CA GLU G 250 -41.16 16.64 18.50
C GLU G 250 -40.70 16.80 17.04
N ILE G 251 -40.16 15.72 16.47
CA ILE G 251 -39.80 15.66 15.06
C ILE G 251 -40.14 14.27 14.52
N LYS G 252 -40.29 14.18 13.21
CA LYS G 252 -40.40 12.89 12.52
C LYS G 252 -39.01 12.34 12.23
N SER G 253 -38.82 11.06 12.50
CA SER G 253 -37.58 10.40 12.16
C SER G 253 -37.79 9.47 10.99
N PHE G 254 -36.73 9.24 10.23
CA PHE G 254 -36.79 8.20 9.21
C PHE G 254 -37.33 6.92 9.85
N PRO G 255 -38.21 6.17 9.17
CA PRO G 255 -38.64 6.19 7.77
C PRO G 255 -39.59 7.34 7.36
N GLU G 256 -39.96 8.20 8.29
CA GLU G 256 -40.72 9.40 7.93
C GLU G 256 -39.79 10.54 7.51
N PHE G 257 -40.36 11.53 6.84
CA PHE G 257 -39.56 12.61 6.27
C PHE G 257 -40.40 13.88 6.15
N TYR G 258 -39.72 14.98 5.82
CA TYR G 258 -40.35 16.27 5.57
C TYR G 258 -40.09 16.64 4.12
N LEU G 259 -41.17 16.94 3.38
CA LEU G 259 -41.12 17.34 1.99
C LEU G 259 -41.85 18.67 1.84
N SER G 260 -41.17 19.67 1.29
CA SER G 260 -41.69 21.03 1.21
C SER G 260 -41.51 21.53 -0.21
N SER G 261 -42.57 22.06 -0.81
CA SER G 261 -42.47 22.58 -2.18
C SER G 261 -43.61 23.56 -2.46
N LEU G 262 -43.44 24.34 -3.52
CA LEU G 262 -44.51 25.26 -3.95
C LEU G 262 -45.78 24.48 -4.27
N GLU G 263 -45.65 23.54 -5.23
CA GLU G 263 -46.67 22.61 -5.72
C GLU G 263 -47.09 21.60 -4.67
N GLY G 264 -47.58 22.06 -3.53
CA GLY G 264 -47.94 21.17 -2.44
C GLY G 264 -47.90 21.85 -1.08
#